data_1KMD
#
_entry.id   1KMD
#
_entity_poly.entity_id   1
_entity_poly.type   'polypeptide(L)'
_entity_poly.pdbx_seq_one_letter_code
;KMSEKLRIKVDDVKINPKYVLYGVSTPNKRLYKRYSEFWKLKTRLERDVGSTIPYDFPEKPGVLDRRWQRRYDDPEMIDE
RRIGLERFLNELYNDRFDSRWRDTKIAQDFLQLSKPN
;
_entity_poly.pdbx_strand_id   A
#
# COMPACT_ATOMS: atom_id res chain seq x y z
N LYS A 1 19.61 19.75 -5.97
CA LYS A 1 19.84 18.28 -5.92
C LYS A 1 18.59 17.53 -6.37
N MET A 2 18.74 16.21 -6.55
CA MET A 2 17.62 15.37 -6.98
C MET A 2 16.97 14.68 -5.79
N SER A 3 15.85 14.00 -6.04
CA SER A 3 15.13 13.30 -4.98
C SER A 3 15.86 12.02 -4.58
N GLU A 4 15.50 11.47 -3.43
CA GLU A 4 16.12 10.25 -2.93
C GLU A 4 15.12 9.10 -2.91
N LYS A 5 15.48 8.01 -3.59
CA LYS A 5 14.60 6.84 -3.66
C LYS A 5 14.69 6.03 -2.36
N LEU A 6 13.55 5.49 -1.93
CA LEU A 6 13.50 4.69 -0.71
C LEU A 6 13.61 3.20 -1.04
N ARG A 7 14.35 2.48 -0.21
CA ARG A 7 14.53 1.05 -0.41
C ARG A 7 13.38 0.26 0.21
N ILE A 8 12.43 -0.13 -0.61
CA ILE A 8 11.26 -0.88 -0.16
C ILE A 8 11.16 -2.21 -0.90
N LYS A 9 11.37 -3.31 -0.18
CA LYS A 9 11.29 -4.63 -0.77
C LYS A 9 10.45 -5.57 0.10
N VAL A 10 9.32 -6.02 -0.45
CA VAL A 10 8.43 -6.91 0.28
C VAL A 10 8.78 -8.38 0.00
N ASP A 11 9.12 -9.10 1.05
CA ASP A 11 9.48 -10.52 0.92
C ASP A 11 8.99 -11.31 2.14
N ASP A 12 7.91 -10.83 2.76
CA ASP A 12 7.36 -11.50 3.94
C ASP A 12 5.83 -11.47 3.88
N VAL A 13 5.21 -12.60 4.21
CA VAL A 13 3.75 -12.71 4.19
C VAL A 13 3.27 -13.74 5.20
N LYS A 14 2.41 -13.31 6.12
CA LYS A 14 1.87 -14.19 7.14
C LYS A 14 0.36 -14.37 6.96
N ILE A 15 -0.03 -15.53 6.44
CA ILE A 15 -1.44 -15.82 6.22
C ILE A 15 -2.17 -16.10 7.53
N ASN A 16 -3.20 -15.30 7.81
CA ASN A 16 -3.97 -15.46 9.03
C ASN A 16 -5.45 -15.69 8.70
N PRO A 17 -6.16 -16.47 9.53
CA PRO A 17 -7.58 -16.77 9.31
C PRO A 17 -8.43 -15.51 9.25
N LYS A 18 -7.91 -14.41 9.78
CA LYS A 18 -8.63 -13.15 9.78
C LYS A 18 -8.27 -12.29 8.57
N TYR A 19 -7.00 -12.32 8.19
CA TYR A 19 -6.53 -11.56 7.04
C TYR A 19 -5.08 -11.87 6.72
N VAL A 20 -4.66 -11.53 5.50
CA VAL A 20 -3.29 -11.77 5.06
C VAL A 20 -2.45 -10.51 5.15
N LEU A 21 -1.45 -10.52 6.01
CA LEU A 21 -0.58 -9.37 6.20
C LEU A 21 0.65 -9.46 5.30
N TYR A 22 1.29 -8.31 5.05
CA TYR A 22 2.46 -8.27 4.19
C TYR A 22 3.63 -7.57 4.89
N GLY A 23 4.77 -8.24 4.93
CA GLY A 23 5.94 -7.66 5.57
C GLY A 23 6.72 -6.77 4.62
N VAL A 24 6.41 -5.47 4.64
CA VAL A 24 7.09 -4.51 3.77
C VAL A 24 8.37 -3.99 4.42
N SER A 25 9.51 -4.33 3.83
CA SER A 25 10.79 -3.91 4.35
C SER A 25 11.12 -2.48 3.92
N THR A 26 11.73 -1.72 4.81
CA THR A 26 12.09 -0.33 4.52
C THR A 26 13.26 0.12 5.39
N PRO A 27 13.89 1.26 5.04
CA PRO A 27 15.03 1.78 5.80
C PRO A 27 14.80 1.75 7.30
N ASN A 28 13.53 1.84 7.70
CA ASN A 28 13.17 1.81 9.11
C ASN A 28 13.10 0.38 9.61
N LYS A 29 12.32 -0.46 8.91
CA LYS A 29 12.16 -1.86 9.27
C LYS A 29 11.00 -2.48 8.49
N ARG A 30 10.70 -3.75 8.79
CA ARG A 30 9.61 -4.45 8.11
C ARG A 30 8.28 -4.12 8.77
N LEU A 31 7.38 -3.54 7.97
CA LEU A 31 6.06 -3.16 8.47
C LEU A 31 4.98 -4.11 7.94
N TYR A 32 4.11 -4.57 8.82
CA TYR A 32 3.04 -5.47 8.44
C TYR A 32 1.76 -4.71 8.13
N LYS A 33 1.29 -4.81 6.89
CA LYS A 33 0.07 -4.13 6.46
C LYS A 33 -0.78 -5.04 5.58
N ARG A 34 -1.97 -4.56 5.23
CA ARG A 34 -2.88 -5.32 4.39
C ARG A 34 -3.19 -4.57 3.10
N TYR A 35 -3.41 -5.32 2.02
CA TYR A 35 -3.72 -4.72 0.73
C TYR A 35 -4.92 -3.80 0.83
N SER A 36 -5.93 -4.23 1.58
CA SER A 36 -7.14 -3.43 1.76
C SER A 36 -6.79 -2.08 2.39
N GLU A 37 -5.64 -2.01 3.05
CA GLU A 37 -5.20 -0.78 3.69
C GLU A 37 -4.55 0.15 2.67
N PHE A 38 -3.94 -0.43 1.65
CA PHE A 38 -3.29 0.35 0.60
C PHE A 38 -4.34 1.04 -0.26
N TRP A 39 -5.44 0.33 -0.53
CA TRP A 39 -6.52 0.86 -1.34
C TRP A 39 -7.20 2.03 -0.63
N LYS A 40 -7.55 1.82 0.64
CA LYS A 40 -8.21 2.86 1.42
C LYS A 40 -7.31 4.07 1.59
N LEU A 41 -6.00 3.87 1.42
CA LEU A 41 -5.04 4.97 1.54
C LEU A 41 -4.97 5.77 0.25
N LYS A 42 -5.08 5.07 -0.88
CA LYS A 42 -5.03 5.71 -2.19
C LYS A 42 -6.20 6.67 -2.38
N THR A 43 -7.38 6.12 -2.60
CA THR A 43 -8.59 6.92 -2.81
C THR A 43 -8.71 8.05 -1.80
N ARG A 44 -8.19 7.83 -0.59
CA ARG A 44 -8.24 8.85 0.45
C ARG A 44 -7.46 10.09 0.02
N LEU A 45 -6.18 9.90 -0.28
CA LEU A 45 -5.33 11.01 -0.72
C LEU A 45 -6.03 11.85 -1.79
N GLU A 46 -6.83 11.18 -2.61
CA GLU A 46 -7.56 11.86 -3.68
C GLU A 46 -8.57 12.84 -3.10
N ARG A 47 -9.25 12.43 -2.03
CA ARG A 47 -10.24 13.28 -1.38
C ARG A 47 -9.61 14.14 -0.28
N ASP A 48 -8.44 13.72 0.20
CA ASP A 48 -7.75 14.44 1.25
C ASP A 48 -6.84 15.52 0.66
N VAL A 49 -6.15 15.16 -0.43
CA VAL A 49 -5.25 16.08 -1.09
C VAL A 49 -6.00 16.92 -2.13
N GLY A 50 -7.02 16.32 -2.73
CA GLY A 50 -7.80 17.02 -3.74
C GLY A 50 -7.15 16.99 -5.11
N SER A 51 -6.24 16.04 -5.31
CA SER A 51 -5.54 15.92 -6.58
C SER A 51 -5.64 14.49 -7.11
N THR A 52 -5.38 14.32 -8.40
CA THR A 52 -5.43 13.01 -9.03
C THR A 52 -4.13 12.23 -8.79
N ILE A 53 -4.27 10.98 -8.40
CA ILE A 53 -3.10 10.13 -8.14
C ILE A 53 -2.72 9.33 -9.39
N PRO A 54 -1.45 9.43 -9.83
CA PRO A 54 -0.97 8.72 -11.01
C PRO A 54 -0.44 7.32 -10.70
N TYR A 55 -1.06 6.66 -9.72
CA TYR A 55 -0.63 5.32 -9.34
C TYR A 55 -1.63 4.27 -9.84
N ASP A 56 -1.11 3.29 -10.56
CA ASP A 56 -1.96 2.22 -11.10
C ASP A 56 -2.46 1.31 -10.00
N PHE A 57 -3.78 1.16 -9.90
CA PHE A 57 -4.39 0.31 -8.89
C PHE A 57 -5.65 -0.37 -9.42
N PRO A 58 -5.53 -1.61 -9.90
CA PRO A 58 -6.67 -2.36 -10.45
C PRO A 58 -7.51 -3.02 -9.37
N GLU A 59 -8.72 -2.52 -9.17
CA GLU A 59 -9.62 -3.07 -8.16
C GLU A 59 -10.70 -3.93 -8.80
N LYS A 60 -11.14 -4.95 -8.09
CA LYS A 60 -12.17 -5.86 -8.58
C LYS A 60 -13.48 -5.66 -7.82
N PRO A 61 -14.62 -5.64 -8.54
CA PRO A 61 -15.94 -5.46 -7.92
C PRO A 61 -16.30 -6.61 -6.99
N GLY A 62 -16.92 -6.28 -5.86
CA GLY A 62 -17.33 -7.30 -4.91
C GLY A 62 -18.68 -7.03 -4.31
N VAL A 63 -19.74 -7.34 -5.08
CA VAL A 63 -21.10 -7.14 -4.61
C VAL A 63 -21.55 -8.29 -3.72
N LEU A 64 -21.92 -9.41 -4.34
CA LEU A 64 -22.37 -10.58 -3.60
C LEU A 64 -22.18 -11.85 -4.43
N ASP A 65 -21.06 -11.91 -5.14
CA ASP A 65 -20.75 -13.08 -5.97
C ASP A 65 -20.40 -14.29 -5.11
N ARG A 66 -21.27 -15.28 -5.11
CA ARG A 66 -21.05 -16.50 -4.33
C ARG A 66 -20.34 -17.55 -5.16
N ARG A 67 -20.60 -17.54 -6.47
CA ARG A 67 -19.99 -18.50 -7.37
C ARG A 67 -18.58 -18.05 -7.76
N TRP A 68 -18.40 -16.74 -7.87
CA TRP A 68 -17.11 -16.17 -8.23
C TRP A 68 -16.32 -15.76 -6.98
N GLN A 69 -16.59 -16.44 -5.87
CA GLN A 69 -15.90 -16.16 -4.61
C GLN A 69 -14.39 -16.33 -4.76
N ARG A 70 -13.64 -15.69 -3.88
CA ARG A 70 -12.18 -15.77 -3.92
C ARG A 70 -11.61 -16.00 -2.52
N ARG A 71 -10.45 -16.63 -2.46
CA ARG A 71 -9.80 -16.90 -1.18
C ARG A 71 -8.70 -15.88 -0.89
N TYR A 72 -8.94 -15.05 0.13
CA TYR A 72 -7.99 -14.02 0.51
C TYR A 72 -6.62 -14.62 0.84
N ASP A 73 -6.61 -15.90 1.21
CA ASP A 73 -5.37 -16.59 1.55
C ASP A 73 -4.89 -17.44 0.38
N ASP A 74 -5.16 -16.99 -0.84
CA ASP A 74 -4.74 -17.72 -2.04
C ASP A 74 -3.40 -17.20 -2.54
N PRO A 75 -2.37 -18.05 -2.61
CA PRO A 75 -1.04 -17.67 -3.09
C PRO A 75 -1.09 -16.97 -4.45
N GLU A 76 -2.00 -17.43 -5.31
CA GLU A 76 -2.15 -16.86 -6.64
C GLU A 76 -2.45 -15.36 -6.55
N MET A 77 -3.37 -15.00 -5.67
CA MET A 77 -3.74 -13.61 -5.49
C MET A 77 -2.72 -12.88 -4.61
N ILE A 78 -2.15 -13.61 -3.67
CA ILE A 78 -1.15 -13.04 -2.76
C ILE A 78 0.13 -12.68 -3.52
N ASP A 79 0.52 -13.54 -4.44
CA ASP A 79 1.73 -13.32 -5.24
C ASP A 79 1.74 -11.92 -5.87
N GLU A 80 0.66 -11.59 -6.57
CA GLU A 80 0.55 -10.29 -7.22
C GLU A 80 0.33 -9.18 -6.20
N ARG A 81 -0.51 -9.44 -5.20
CA ARG A 81 -0.79 -8.46 -4.16
C ARG A 81 0.51 -7.95 -3.53
N ARG A 82 1.56 -8.77 -3.61
CA ARG A 82 2.85 -8.42 -3.04
C ARG A 82 3.44 -7.21 -3.75
N ILE A 83 3.64 -7.32 -5.06
CA ILE A 83 4.21 -6.23 -5.84
C ILE A 83 3.20 -5.09 -6.03
N GLY A 84 3.69 -3.95 -6.49
CA GLY A 84 2.83 -2.81 -6.70
C GLY A 84 2.77 -1.89 -5.50
N LEU A 85 3.01 -2.44 -4.31
CA LEU A 85 2.97 -1.66 -3.08
C LEU A 85 4.27 -0.87 -2.90
N GLU A 86 5.40 -1.56 -2.99
CA GLU A 86 6.70 -0.92 -2.83
C GLU A 86 6.87 0.25 -3.78
N ARG A 87 6.41 0.07 -5.02
CA ARG A 87 6.50 1.13 -6.03
C ARG A 87 5.63 2.31 -5.66
N PHE A 88 4.43 2.04 -5.16
CA PHE A 88 3.50 3.09 -4.77
C PHE A 88 4.08 3.94 -3.64
N LEU A 89 5.05 3.39 -2.92
CA LEU A 89 5.68 4.10 -1.81
C LEU A 89 6.84 4.96 -2.30
N ASN A 90 7.81 4.34 -2.96
CA ASN A 90 8.98 5.03 -3.47
C ASN A 90 8.59 6.34 -4.17
N GLU A 91 7.74 6.23 -5.19
CA GLU A 91 7.30 7.40 -5.94
C GLU A 91 6.68 8.45 -5.01
N LEU A 92 5.82 7.99 -4.10
CA LEU A 92 5.17 8.90 -3.16
C LEU A 92 6.20 9.55 -2.23
N TYR A 93 6.97 8.71 -1.54
CA TYR A 93 8.00 9.19 -0.63
C TYR A 93 9.06 10.02 -1.37
N ASN A 94 9.12 9.86 -2.68
CA ASN A 94 10.08 10.59 -3.50
C ASN A 94 9.55 11.96 -3.87
N ASP A 95 9.21 12.76 -2.87
CA ASP A 95 8.69 14.10 -3.09
C ASP A 95 9.78 15.03 -3.60
N ARG A 96 9.41 15.98 -4.45
CA ARG A 96 10.36 16.93 -5.00
C ARG A 96 9.83 18.35 -4.92
N PHE A 97 8.71 18.60 -5.60
CA PHE A 97 8.09 19.92 -5.61
C PHE A 97 6.78 19.93 -4.83
N ASP A 98 6.11 18.78 -4.80
CA ASP A 98 4.85 18.65 -4.10
C ASP A 98 4.82 17.38 -3.25
N SER A 99 4.70 17.55 -1.94
CA SER A 99 4.66 16.42 -1.02
C SER A 99 3.29 16.26 -0.39
N ARG A 100 2.28 16.91 -0.97
CA ARG A 100 0.92 16.83 -0.45
C ARG A 100 0.49 15.38 -0.27
N TRP A 101 0.99 14.52 -1.15
CA TRP A 101 0.67 13.10 -1.10
C TRP A 101 1.16 12.46 0.21
N ARG A 102 2.39 12.80 0.60
CA ARG A 102 2.97 12.25 1.83
C ARG A 102 2.66 13.14 3.02
N ASP A 103 2.38 14.41 2.76
CA ASP A 103 2.07 15.35 3.84
C ASP A 103 0.78 14.96 4.55
N THR A 104 -0.09 14.27 3.84
CA THR A 104 -1.37 13.83 4.41
C THR A 104 -1.16 13.06 5.70
N LYS A 105 -2.17 13.07 6.55
CA LYS A 105 -2.10 12.36 7.82
C LYS A 105 -2.18 10.85 7.61
N ILE A 106 -2.86 10.43 6.54
CA ILE A 106 -3.01 9.02 6.22
C ILE A 106 -1.67 8.42 5.80
N ALA A 107 -0.89 9.18 5.05
CA ALA A 107 0.41 8.72 4.57
C ALA A 107 1.39 8.57 5.73
N GLN A 108 1.42 9.57 6.61
CA GLN A 108 2.31 9.55 7.76
C GLN A 108 1.90 8.47 8.75
N ASP A 109 0.60 8.17 8.80
CA ASP A 109 0.09 7.15 9.69
C ASP A 109 0.09 5.78 9.03
N PHE A 110 0.20 5.76 7.70
CA PHE A 110 0.20 4.51 6.95
C PHE A 110 1.24 3.53 7.50
N LEU A 111 2.46 4.03 7.73
CA LEU A 111 3.54 3.20 8.25
C LEU A 111 3.88 3.56 9.69
N GLN A 112 2.94 4.19 10.38
CA GLN A 112 3.15 4.59 11.76
C GLN A 112 4.35 5.53 11.87
N LEU A 113 4.37 6.55 11.01
CA LEU A 113 5.46 7.52 11.00
C LEU A 113 5.14 8.71 11.89
N SER A 114 4.51 8.44 13.02
CA SER A 114 4.14 9.49 13.97
C SER A 114 5.37 9.99 14.72
N LYS A 115 5.15 10.77 15.77
CA LYS A 115 6.22 11.31 16.58
C LYS A 115 6.27 10.65 17.95
N PRO A 116 7.11 9.62 18.13
CA PRO A 116 7.23 8.91 19.40
C PRO A 116 7.87 9.77 20.49
N ASN A 117 7.44 9.58 21.72
CA ASN A 117 7.98 10.33 22.84
C ASN A 117 8.22 9.43 24.06
N LYS A 1 18.18 11.37 -17.78
CA LYS A 1 17.27 11.53 -16.62
C LYS A 1 17.31 10.30 -15.71
N MET A 2 17.63 10.52 -14.44
CA MET A 2 17.69 9.43 -13.48
C MET A 2 16.30 9.07 -12.97
N SER A 3 16.13 7.81 -12.56
CA SER A 3 14.86 7.34 -12.06
C SER A 3 14.84 7.33 -10.53
N GLU A 4 13.88 8.03 -9.94
CA GLU A 4 13.75 8.11 -8.50
C GLU A 4 13.08 6.86 -7.95
N LYS A 5 13.67 6.29 -6.89
CA LYS A 5 13.12 5.09 -6.27
C LYS A 5 13.49 5.02 -4.79
N LEU A 6 12.47 4.94 -3.94
CA LEU A 6 12.70 4.86 -2.49
C LEU A 6 13.00 3.43 -2.07
N ARG A 7 13.89 3.28 -1.09
CA ARG A 7 14.27 1.96 -0.61
C ARG A 7 13.09 1.26 0.05
N ILE A 8 12.46 0.37 -0.72
CA ILE A 8 11.31 -0.39 -0.23
C ILE A 8 11.36 -1.82 -0.75
N LYS A 9 11.42 -2.78 0.17
CA LYS A 9 11.48 -4.19 -0.20
C LYS A 9 10.48 -5.00 0.62
N VAL A 10 9.83 -5.96 -0.04
CA VAL A 10 8.84 -6.81 0.63
C VAL A 10 9.17 -8.29 0.42
N ASP A 11 9.42 -8.99 1.52
CA ASP A 11 9.75 -10.41 1.47
C ASP A 11 9.13 -11.16 2.64
N ASP A 12 8.04 -10.62 3.19
CA ASP A 12 7.36 -11.24 4.32
C ASP A 12 5.85 -11.29 4.08
N VAL A 13 5.28 -12.47 4.25
CA VAL A 13 3.84 -12.66 4.05
C VAL A 13 3.30 -13.73 4.99
N LYS A 14 2.44 -13.31 5.92
CA LYS A 14 1.84 -14.23 6.88
C LYS A 14 0.36 -14.42 6.60
N ILE A 15 -0.03 -15.65 6.25
CA ILE A 15 -1.42 -15.95 5.95
C ILE A 15 -2.21 -16.17 7.24
N ASN A 16 -2.91 -15.13 7.68
CA ASN A 16 -3.72 -15.23 8.89
C ASN A 16 -5.15 -15.63 8.56
N PRO A 17 -5.80 -16.40 9.45
CA PRO A 17 -7.17 -16.85 9.24
C PRO A 17 -8.13 -15.71 8.95
N LYS A 18 -7.75 -14.50 9.37
CA LYS A 18 -8.57 -13.32 9.16
C LYS A 18 -8.22 -12.64 7.84
N TYR A 19 -6.92 -12.54 7.55
CA TYR A 19 -6.47 -11.90 6.32
C TYR A 19 -4.96 -12.09 6.13
N VAL A 20 -4.50 -11.90 4.90
CA VAL A 20 -3.09 -12.06 4.57
C VAL A 20 -2.35 -10.72 4.71
N LEU A 21 -1.39 -10.66 5.62
CA LEU A 21 -0.61 -9.45 5.85
C LEU A 21 0.66 -9.46 5.02
N TYR A 22 1.20 -8.28 4.77
CA TYR A 22 2.42 -8.14 3.98
C TYR A 22 3.49 -7.38 4.76
N GLY A 23 4.65 -8.01 4.95
CA GLY A 23 5.73 -7.37 5.66
C GLY A 23 6.58 -6.49 4.77
N VAL A 24 6.29 -5.20 4.74
CA VAL A 24 7.03 -4.26 3.92
C VAL A 24 8.25 -3.72 4.65
N SER A 25 9.43 -3.99 4.11
CA SER A 25 10.67 -3.54 4.71
C SER A 25 11.08 -2.16 4.18
N THR A 26 11.49 -1.28 5.09
CA THR A 26 11.88 0.07 4.71
C THR A 26 12.93 0.61 5.70
N PRO A 27 13.62 1.70 5.32
CA PRO A 27 14.65 2.31 6.17
C PRO A 27 14.24 2.37 7.64
N ASN A 28 12.95 2.48 7.89
CA ASN A 28 12.43 2.52 9.25
C ASN A 28 12.40 1.12 9.84
N LYS A 29 11.74 0.20 9.14
CA LYS A 29 11.64 -1.19 9.59
C LYS A 29 10.55 -1.93 8.82
N ARG A 30 10.35 -3.20 9.15
CA ARG A 30 9.34 -4.02 8.49
C ARG A 30 7.96 -3.75 9.08
N LEU A 31 6.99 -3.57 8.20
CA LEU A 31 5.62 -3.30 8.63
C LEU A 31 4.64 -4.29 8.00
N TYR A 32 3.68 -4.76 8.80
CA TYR A 32 2.69 -5.71 8.31
C TYR A 32 1.36 -5.01 8.02
N LYS A 33 0.98 -4.99 6.74
CA LYS A 33 -0.26 -4.36 6.32
C LYS A 33 -1.02 -5.25 5.34
N ARG A 34 -2.23 -4.81 4.98
CA ARG A 34 -3.05 -5.57 4.04
C ARG A 34 -3.30 -4.78 2.76
N TYR A 35 -3.56 -5.50 1.68
CA TYR A 35 -3.81 -4.87 0.38
C TYR A 35 -4.95 -3.87 0.48
N SER A 36 -6.07 -4.30 1.05
CA SER A 36 -7.24 -3.44 1.22
C SER A 36 -6.86 -2.19 2.00
N GLU A 37 -5.83 -2.31 2.84
CA GLU A 37 -5.37 -1.17 3.64
C GLU A 37 -4.83 -0.07 2.75
N PHE A 38 -4.07 -0.46 1.72
CA PHE A 38 -3.49 0.50 0.78
C PHE A 38 -4.58 1.31 0.11
N TRP A 39 -5.60 0.62 -0.41
CA TRP A 39 -6.71 1.29 -1.07
C TRP A 39 -7.43 2.21 -0.10
N LYS A 40 -7.46 1.82 1.17
CA LYS A 40 -8.11 2.61 2.21
C LYS A 40 -7.45 3.98 2.33
N LEU A 41 -6.15 4.04 2.03
CA LEU A 41 -5.39 5.28 2.11
C LEU A 41 -5.44 6.04 0.78
N LYS A 42 -5.62 5.29 -0.30
CA LYS A 42 -5.67 5.87 -1.65
C LYS A 42 -6.72 6.98 -1.74
N THR A 43 -7.99 6.58 -1.72
CA THR A 43 -9.11 7.52 -1.81
C THR A 43 -8.94 8.70 -0.84
N ARG A 44 -8.21 8.47 0.24
CA ARG A 44 -7.98 9.53 1.22
C ARG A 44 -7.16 10.66 0.61
N LEU A 45 -5.97 10.31 0.13
CA LEU A 45 -5.07 11.28 -0.49
C LEU A 45 -5.81 12.12 -1.54
N GLU A 46 -6.79 11.52 -2.18
CA GLU A 46 -7.58 12.20 -3.20
C GLU A 46 -8.44 13.30 -2.58
N ARG A 47 -8.98 13.02 -1.40
CA ARG A 47 -9.83 13.97 -0.70
C ARG A 47 -9.01 14.86 0.24
N ASP A 48 -7.81 14.39 0.60
CA ASP A 48 -6.93 15.13 1.49
C ASP A 48 -6.04 16.08 0.69
N VAL A 49 -5.53 15.60 -0.43
CA VAL A 49 -4.66 16.40 -1.28
C VAL A 49 -5.48 17.23 -2.26
N GLY A 50 -6.61 16.67 -2.68
CA GLY A 50 -7.48 17.37 -3.61
C GLY A 50 -7.01 17.22 -5.05
N SER A 51 -6.20 16.20 -5.31
CA SER A 51 -5.68 15.95 -6.65
C SER A 51 -5.85 14.49 -7.03
N THR A 52 -5.76 14.21 -8.33
CA THR A 52 -5.91 12.84 -8.83
C THR A 52 -4.62 12.05 -8.62
N ILE A 53 -4.74 10.86 -8.04
CA ILE A 53 -3.58 10.02 -7.80
C ILE A 53 -3.21 9.20 -9.03
N PRO A 54 -1.94 9.24 -9.47
CA PRO A 54 -1.49 8.51 -10.65
C PRO A 54 -1.08 7.07 -10.33
N TYR A 55 -1.65 6.52 -9.26
CA TYR A 55 -1.33 5.15 -8.86
C TYR A 55 -2.40 4.18 -9.35
N ASP A 56 -1.97 3.01 -9.80
CA ASP A 56 -2.90 1.99 -10.30
C ASP A 56 -3.34 1.06 -9.18
N PHE A 57 -4.65 0.90 -9.04
CA PHE A 57 -5.21 0.03 -7.99
C PHE A 57 -6.53 -0.57 -8.45
N PRO A 58 -6.51 -1.81 -8.97
CA PRO A 58 -7.72 -2.49 -9.43
C PRO A 58 -8.59 -2.98 -8.28
N GLU A 59 -9.81 -2.46 -8.20
CA GLU A 59 -10.74 -2.85 -7.14
C GLU A 59 -11.60 -4.03 -7.58
N LYS A 60 -12.30 -4.64 -6.63
CA LYS A 60 -13.16 -5.77 -6.92
C LYS A 60 -14.58 -5.54 -6.40
N PRO A 61 -15.61 -5.86 -7.20
CA PRO A 61 -17.00 -5.68 -6.80
C PRO A 61 -17.48 -6.76 -5.83
N GLY A 62 -18.45 -6.41 -5.00
CA GLY A 62 -18.97 -7.36 -4.03
C GLY A 62 -20.47 -7.21 -3.82
N VAL A 63 -21.24 -7.55 -4.84
CA VAL A 63 -22.69 -7.45 -4.77
C VAL A 63 -23.28 -8.61 -3.96
N LEU A 64 -23.41 -9.78 -4.58
CA LEU A 64 -23.95 -10.94 -3.91
C LEU A 64 -23.18 -12.20 -4.30
N ASP A 65 -21.90 -12.25 -3.92
CA ASP A 65 -21.06 -13.39 -4.21
C ASP A 65 -20.54 -14.03 -2.93
N ARG A 66 -20.94 -15.28 -2.69
CA ARG A 66 -20.51 -16.00 -1.50
C ARG A 66 -19.40 -17.00 -1.83
N ARG A 67 -19.58 -17.69 -2.95
CA ARG A 67 -18.59 -18.68 -3.38
C ARG A 67 -17.89 -18.23 -4.66
N TRP A 68 -18.58 -17.45 -5.48
CA TRP A 68 -18.03 -16.95 -6.73
C TRP A 68 -16.73 -16.18 -6.48
N GLN A 69 -16.64 -15.55 -5.31
CA GLN A 69 -15.45 -14.79 -4.95
C GLN A 69 -14.24 -15.70 -4.81
N ARG A 70 -13.05 -15.11 -4.88
CA ARG A 70 -11.81 -15.87 -4.76
C ARG A 70 -11.31 -15.87 -3.32
N ARG A 71 -10.29 -16.67 -3.05
CA ARG A 71 -9.72 -16.77 -1.71
C ARG A 71 -8.55 -15.80 -1.55
N TYR A 72 -8.60 -14.99 -0.50
CA TYR A 72 -7.54 -14.02 -0.23
C TYR A 72 -6.24 -14.71 0.16
N ASP A 73 -6.34 -15.98 0.58
CA ASP A 73 -5.16 -16.74 0.99
C ASP A 73 -4.63 -17.58 -0.17
N ASP A 74 -4.97 -17.19 -1.39
CA ASP A 74 -4.51 -17.91 -2.58
C ASP A 74 -3.12 -17.43 -3.00
N PRO A 75 -2.09 -18.29 -2.88
CA PRO A 75 -0.72 -17.94 -3.26
C PRO A 75 -0.64 -17.35 -4.66
N GLU A 76 -1.49 -17.84 -5.56
CA GLU A 76 -1.51 -17.36 -6.93
C GLU A 76 -1.79 -15.86 -6.97
N MET A 77 -2.73 -15.42 -6.14
CA MET A 77 -3.08 -14.01 -6.08
C MET A 77 -2.12 -13.24 -5.17
N ILE A 78 -1.63 -13.93 -4.14
CA ILE A 78 -0.70 -13.32 -3.21
C ILE A 78 0.63 -12.98 -3.91
N ASP A 79 0.99 -13.78 -4.89
CA ASP A 79 2.23 -13.55 -5.63
C ASP A 79 2.27 -12.14 -6.21
N GLU A 80 1.33 -11.83 -7.09
CA GLU A 80 1.26 -10.51 -7.70
C GLU A 80 1.04 -9.44 -6.64
N ARG A 81 0.25 -9.77 -5.63
CA ARG A 81 -0.04 -8.84 -4.55
C ARG A 81 1.25 -8.45 -3.82
N ARG A 82 2.25 -9.33 -3.89
CA ARG A 82 3.53 -9.07 -3.24
C ARG A 82 4.23 -7.87 -3.85
N ILE A 83 3.98 -7.63 -5.14
CA ILE A 83 4.58 -6.49 -5.83
C ILE A 83 3.54 -5.46 -6.19
N GLY A 84 3.97 -4.21 -6.37
CA GLY A 84 3.06 -3.14 -6.71
C GLY A 84 2.82 -2.19 -5.55
N LEU A 85 2.89 -2.72 -4.33
CA LEU A 85 2.69 -1.92 -3.13
C LEU A 85 3.86 -0.97 -2.91
N GLU A 86 5.07 -1.52 -2.92
CA GLU A 86 6.27 -0.73 -2.72
C GLU A 86 6.39 0.36 -3.79
N ARG A 87 5.81 0.10 -4.96
CA ARG A 87 5.84 1.06 -6.05
C ARG A 87 4.95 2.26 -5.74
N PHE A 88 3.83 2.00 -5.07
CA PHE A 88 2.89 3.06 -4.71
C PHE A 88 3.52 4.00 -3.68
N LEU A 89 4.40 3.47 -2.85
CA LEU A 89 5.07 4.27 -1.82
C LEU A 89 6.33 4.91 -2.38
N ASN A 90 6.98 4.24 -3.32
CA ASN A 90 8.20 4.75 -3.93
C ASN A 90 8.00 6.15 -4.49
N GLU A 91 7.09 6.28 -5.45
CA GLU A 91 6.81 7.57 -6.08
C GLU A 91 6.17 8.54 -5.09
N LEU A 92 5.66 8.01 -3.97
CA LEU A 92 5.03 8.84 -2.96
C LEU A 92 6.05 9.42 -1.98
N TYR A 93 6.75 8.53 -1.28
CA TYR A 93 7.76 8.95 -0.32
C TYR A 93 8.95 9.60 -1.00
N ASN A 94 9.16 9.27 -2.27
CA ASN A 94 10.26 9.84 -3.04
C ASN A 94 9.82 11.12 -3.76
N ASP A 95 9.25 12.04 -2.99
CA ASP A 95 8.79 13.32 -3.54
C ASP A 95 9.94 14.11 -4.13
N ARG A 96 9.63 14.93 -5.14
CA ARG A 96 10.63 15.76 -5.79
C ARG A 96 10.25 17.24 -5.71
N PHE A 97 9.18 17.61 -6.40
CA PHE A 97 8.70 18.98 -6.41
C PHE A 97 7.40 19.11 -5.63
N ASP A 98 6.62 18.03 -5.60
CA ASP A 98 5.34 18.02 -4.88
C ASP A 98 5.29 16.82 -3.93
N SER A 99 5.38 17.11 -2.64
CA SER A 99 5.35 16.05 -1.63
C SER A 99 4.04 16.07 -0.85
N ARG A 100 2.99 16.61 -1.46
CA ARG A 100 1.68 16.68 -0.80
C ARG A 100 1.16 15.26 -0.53
N TRP A 101 1.59 14.32 -1.36
CA TRP A 101 1.17 12.93 -1.23
C TRP A 101 1.81 12.26 -0.02
N ARG A 102 3.05 12.64 0.30
CA ARG A 102 3.75 12.06 1.43
C ARG A 102 3.64 12.95 2.66
N ASP A 103 3.26 14.22 2.45
CA ASP A 103 3.13 15.17 3.55
C ASP A 103 1.78 14.99 4.26
N THR A 104 0.81 14.41 3.56
CA THR A 104 -0.51 14.19 4.13
C THR A 104 -0.43 13.41 5.43
N LYS A 105 -1.30 13.75 6.38
CA LYS A 105 -1.34 13.08 7.67
C LYS A 105 -1.73 11.63 7.49
N ILE A 106 -2.65 11.36 6.56
CA ILE A 106 -3.11 10.01 6.28
C ILE A 106 -1.95 9.12 5.87
N ALA A 107 -1.03 9.68 5.09
CA ALA A 107 0.13 8.95 4.62
C ALA A 107 1.07 8.61 5.77
N GLN A 108 1.19 9.53 6.72
CA GLN A 108 2.05 9.33 7.88
C GLN A 108 1.50 8.23 8.78
N ASP A 109 0.18 8.20 8.93
CA ASP A 109 -0.47 7.20 9.77
C ASP A 109 -0.41 5.82 9.11
N PHE A 110 -0.19 5.79 7.80
CA PHE A 110 -0.12 4.54 7.05
C PHE A 110 0.86 3.57 7.70
N LEU A 111 2.05 4.06 8.03
CA LEU A 111 3.08 3.24 8.65
C LEU A 111 3.28 3.60 10.13
N GLN A 112 2.26 4.20 10.72
CA GLN A 112 2.32 4.59 12.13
C GLN A 112 3.49 5.55 12.37
N LEU A 113 3.63 6.53 11.49
CA LEU A 113 4.70 7.52 11.61
C LEU A 113 4.24 8.73 12.41
N SER A 114 3.47 8.49 13.46
CA SER A 114 2.97 9.56 14.31
C SER A 114 3.92 9.81 15.47
N LYS A 115 4.19 11.08 15.75
CA LYS A 115 5.09 11.45 16.84
C LYS A 115 4.41 12.43 17.79
N PRO A 116 3.91 11.94 18.95
CA PRO A 116 3.24 12.79 19.94
C PRO A 116 4.20 13.75 20.63
N ASN A 117 3.90 15.05 20.55
CA ASN A 117 4.74 16.06 21.16
C ASN A 117 4.11 16.57 22.46
N LYS A 1 12.81 13.01 -18.55
CA LYS A 1 13.08 13.39 -17.14
C LYS A 1 13.67 12.21 -16.35
N MET A 2 14.69 12.50 -15.56
CA MET A 2 15.34 11.46 -14.76
C MET A 2 14.92 11.56 -13.29
N SER A 3 14.20 10.55 -12.82
CA SER A 3 13.74 10.52 -11.43
C SER A 3 14.30 9.31 -10.70
N GLU A 4 14.48 9.45 -9.39
CA GLU A 4 15.00 8.37 -8.57
C GLU A 4 13.87 7.59 -7.91
N LYS A 5 14.17 6.37 -7.48
CA LYS A 5 13.17 5.53 -6.83
C LYS A 5 13.63 5.12 -5.43
N LEU A 6 12.69 5.10 -4.49
CA LEU A 6 13.00 4.72 -3.11
C LEU A 6 13.16 3.22 -2.99
N ARG A 7 14.09 2.80 -2.14
CA ARG A 7 14.35 1.38 -1.93
C ARG A 7 13.23 0.73 -1.13
N ILE A 8 12.34 0.03 -1.83
CA ILE A 8 11.22 -0.64 -1.19
C ILE A 8 11.06 -2.06 -1.73
N LYS A 9 11.10 -3.04 -0.84
CA LYS A 9 10.95 -4.44 -1.23
C LYS A 9 10.03 -5.18 -0.27
N VAL A 10 9.13 -5.97 -0.82
CA VAL A 10 8.19 -6.74 -0.01
C VAL A 10 8.38 -8.24 -0.21
N ASP A 11 8.87 -8.91 0.83
CA ASP A 11 9.10 -10.34 0.77
C ASP A 11 8.62 -11.02 2.05
N ASP A 12 7.65 -10.41 2.72
CA ASP A 12 7.10 -10.97 3.95
C ASP A 12 5.58 -11.00 3.89
N VAL A 13 4.99 -12.09 4.37
CA VAL A 13 3.54 -12.24 4.37
C VAL A 13 3.07 -13.13 5.52
N LYS A 14 2.15 -12.61 6.33
CA LYS A 14 1.62 -13.36 7.46
C LYS A 14 0.14 -13.67 7.25
N ILE A 15 -0.16 -14.91 6.88
CA ILE A 15 -1.53 -15.33 6.65
C ILE A 15 -2.29 -15.49 7.96
N ASN A 16 -3.34 -14.69 8.12
CA ASN A 16 -4.16 -14.73 9.33
C ASN A 16 -5.58 -15.18 8.99
N PRO A 17 -6.24 -15.88 9.92
CA PRO A 17 -7.61 -16.36 9.71
C PRO A 17 -8.61 -15.22 9.47
N LYS A 18 -8.21 -14.00 9.79
CA LYS A 18 -9.08 -12.85 9.61
C LYS A 18 -8.62 -11.99 8.43
N TYR A 19 -7.33 -12.03 8.13
CA TYR A 19 -6.79 -11.25 7.02
C TYR A 19 -5.32 -11.58 6.78
N VAL A 20 -4.83 -11.23 5.59
CA VAL A 20 -3.44 -11.49 5.24
C VAL A 20 -2.63 -10.20 5.27
N LEU A 21 -1.57 -10.19 6.08
CA LEU A 21 -0.72 -9.01 6.20
C LEU A 21 0.43 -9.06 5.19
N TYR A 22 1.02 -7.90 4.92
CA TYR A 22 2.11 -7.80 3.97
C TYR A 22 3.30 -7.07 4.59
N GLY A 23 4.45 -7.74 4.63
CA GLY A 23 5.64 -7.14 5.20
C GLY A 23 6.39 -6.28 4.20
N VAL A 24 6.11 -4.98 4.20
CA VAL A 24 6.76 -4.06 3.29
C VAL A 24 8.07 -3.53 3.86
N SER A 25 9.17 -3.87 3.19
CA SER A 25 10.49 -3.45 3.63
C SER A 25 10.84 -2.09 3.03
N THR A 26 11.39 -1.20 3.86
CA THR A 26 11.77 0.13 3.41
C THR A 26 12.86 0.72 4.32
N PRO A 27 13.55 1.77 3.86
CA PRO A 27 14.62 2.42 4.62
C PRO A 27 14.20 2.68 6.07
N ASN A 28 12.91 2.86 6.28
CA ASN A 28 12.39 3.12 7.61
C ASN A 28 12.33 1.82 8.42
N LYS A 29 12.10 0.71 7.71
CA LYS A 29 12.02 -0.65 8.28
C LYS A 29 10.84 -1.41 7.68
N ARG A 30 10.64 -2.64 8.14
CA ARG A 30 9.56 -3.48 7.64
C ARG A 30 8.23 -3.10 8.31
N LEU A 31 7.20 -2.93 7.50
CA LEU A 31 5.88 -2.58 8.01
C LEU A 31 4.82 -3.56 7.52
N TYR A 32 3.95 -3.98 8.42
CA TYR A 32 2.89 -4.91 8.08
C TYR A 32 1.60 -4.18 7.75
N LYS A 33 1.13 -4.33 6.50
CA LYS A 33 -0.09 -3.69 6.07
C LYS A 33 -1.01 -4.68 5.36
N ARG A 34 -2.27 -4.30 5.19
CA ARG A 34 -3.24 -5.15 4.53
C ARG A 34 -3.56 -4.64 3.13
N TYR A 35 -3.99 -5.54 2.25
CA TYR A 35 -4.33 -5.17 0.88
C TYR A 35 -5.48 -4.17 0.87
N SER A 36 -6.60 -4.57 1.46
CA SER A 36 -7.79 -3.72 1.51
C SER A 36 -7.46 -2.36 2.14
N GLU A 37 -6.41 -2.35 2.96
CA GLU A 37 -5.99 -1.11 3.62
C GLU A 37 -5.30 -0.17 2.63
N PHE A 38 -4.61 -0.75 1.66
CA PHE A 38 -3.91 0.03 0.65
C PHE A 38 -4.89 0.81 -0.22
N TRP A 39 -6.01 0.16 -0.56
CA TRP A 39 -7.02 0.80 -1.39
C TRP A 39 -7.64 1.99 -0.67
N LYS A 40 -7.95 1.82 0.61
CA LYS A 40 -8.55 2.89 1.39
C LYS A 40 -7.65 4.12 1.43
N LEU A 41 -6.34 3.90 1.34
CA LEU A 41 -5.38 4.99 1.36
C LEU A 41 -5.32 5.70 0.01
N LYS A 42 -5.61 4.97 -1.05
CA LYS A 42 -5.59 5.53 -2.40
C LYS A 42 -6.61 6.66 -2.55
N THR A 43 -7.88 6.28 -2.61
CA THR A 43 -8.96 7.25 -2.77
C THR A 43 -8.89 8.36 -1.72
N ARG A 44 -8.34 8.05 -0.55
CA ARG A 44 -8.23 9.03 0.52
C ARG A 44 -7.35 10.19 0.08
N LEU A 45 -6.08 9.91 -0.19
CA LEU A 45 -5.14 10.93 -0.64
C LEU A 45 -5.74 11.79 -1.74
N GLU A 46 -6.57 11.18 -2.57
CA GLU A 46 -7.21 11.88 -3.68
C GLU A 46 -8.18 12.94 -3.17
N ARG A 47 -8.95 12.60 -2.14
CA ARG A 47 -9.91 13.53 -1.56
C ARG A 47 -9.29 14.34 -0.43
N ASP A 48 -8.16 13.86 0.09
CA ASP A 48 -7.47 14.55 1.18
C ASP A 48 -6.49 15.58 0.63
N VAL A 49 -5.83 15.24 -0.47
CA VAL A 49 -4.86 16.12 -1.10
C VAL A 49 -5.52 16.99 -2.15
N GLY A 50 -6.56 16.45 -2.79
CA GLY A 50 -7.27 17.18 -3.82
C GLY A 50 -6.69 16.95 -5.19
N SER A 51 -5.53 16.29 -5.26
CA SER A 51 -4.88 16.02 -6.53
C SER A 51 -5.10 14.57 -6.95
N THR A 52 -4.79 14.27 -8.21
CA THR A 52 -4.96 12.92 -8.73
C THR A 52 -3.76 12.05 -8.36
N ILE A 53 -3.97 10.73 -8.38
CA ILE A 53 -2.90 9.79 -8.04
C ILE A 53 -2.52 8.93 -9.25
N PRO A 54 -1.24 8.94 -9.64
CA PRO A 54 -0.76 8.17 -10.79
C PRO A 54 -0.33 6.75 -10.42
N TYR A 55 -1.04 6.15 -9.46
CA TYR A 55 -0.72 4.80 -9.03
C TYR A 55 -1.74 3.79 -9.56
N ASP A 56 -1.31 2.55 -9.74
CA ASP A 56 -2.18 1.49 -10.24
C ASP A 56 -2.71 0.66 -9.08
N PHE A 57 -4.01 0.35 -9.11
CA PHE A 57 -4.63 -0.42 -8.05
C PHE A 57 -5.72 -1.34 -8.60
N PRO A 58 -5.39 -2.62 -8.88
CA PRO A 58 -6.36 -3.58 -9.40
C PRO A 58 -7.30 -4.11 -8.32
N GLU A 59 -8.55 -3.69 -8.37
CA GLU A 59 -9.55 -4.12 -7.40
C GLU A 59 -10.23 -5.41 -7.84
N LYS A 60 -10.63 -6.23 -6.88
CA LYS A 60 -11.29 -7.49 -7.18
C LYS A 60 -12.34 -7.82 -6.11
N PRO A 61 -13.63 -7.66 -6.43
CA PRO A 61 -14.72 -7.94 -5.49
C PRO A 61 -14.87 -9.43 -5.19
N GLY A 62 -15.36 -9.76 -4.00
CA GLY A 62 -15.53 -11.14 -3.62
C GLY A 62 -16.59 -11.33 -2.55
N VAL A 63 -17.86 -11.18 -2.94
CA VAL A 63 -18.97 -11.32 -2.01
C VAL A 63 -19.67 -12.67 -2.20
N LEU A 64 -20.52 -12.76 -3.22
CA LEU A 64 -21.24 -13.99 -3.50
C LEU A 64 -20.68 -14.68 -4.74
N ASP A 65 -19.40 -15.00 -4.70
CA ASP A 65 -18.74 -15.67 -5.83
C ASP A 65 -18.16 -17.01 -5.39
N ARG A 66 -18.33 -18.02 -6.25
CA ARG A 66 -17.83 -19.36 -5.96
C ARG A 66 -16.66 -19.71 -6.87
N ARG A 67 -16.74 -19.26 -8.13
CA ARG A 67 -15.69 -19.53 -9.09
C ARG A 67 -14.72 -18.35 -9.18
N TRP A 68 -15.28 -17.14 -9.23
CA TRP A 68 -14.47 -15.93 -9.31
C TRP A 68 -13.63 -15.75 -8.05
N GLN A 69 -14.15 -16.22 -6.93
CA GLN A 69 -13.45 -16.11 -5.65
C GLN A 69 -12.19 -16.97 -5.65
N ARG A 70 -11.23 -16.61 -4.81
CA ARG A 70 -9.98 -17.34 -4.70
C ARG A 70 -9.57 -17.52 -3.24
N ARG A 71 -8.55 -18.33 -3.01
CA ARG A 71 -8.08 -18.58 -1.65
C ARG A 71 -7.26 -17.39 -1.16
N TYR A 72 -7.82 -16.66 -0.19
CA TYR A 72 -7.14 -15.50 0.38
C TYR A 72 -5.78 -15.89 0.98
N ASP A 73 -5.61 -17.17 1.29
CA ASP A 73 -4.37 -17.66 1.88
C ASP A 73 -3.52 -18.38 0.84
N ASP A 74 -3.74 -18.08 -0.43
CA ASP A 74 -2.97 -18.71 -1.51
C ASP A 74 -1.85 -17.79 -1.98
N PRO A 75 -0.62 -18.31 -2.08
CA PRO A 75 0.54 -17.53 -2.53
C PRO A 75 0.40 -17.08 -3.98
N GLU A 76 -0.29 -17.88 -4.78
CA GLU A 76 -0.49 -17.57 -6.19
C GLU A 76 -1.20 -16.23 -6.34
N MET A 77 -2.16 -15.97 -5.46
CA MET A 77 -2.91 -14.73 -5.48
C MET A 77 -2.19 -13.65 -4.68
N ILE A 78 -1.60 -14.06 -3.57
CA ILE A 78 -0.87 -13.14 -2.70
C ILE A 78 0.37 -12.60 -3.40
N ASP A 79 0.96 -13.42 -4.26
CA ASP A 79 2.17 -13.03 -5.00
C ASP A 79 1.95 -11.70 -5.72
N GLU A 80 0.97 -11.66 -6.62
CA GLU A 80 0.67 -10.44 -7.37
C GLU A 80 0.27 -9.32 -6.43
N ARG A 81 -0.54 -9.64 -5.42
CA ARG A 81 -0.99 -8.65 -4.45
C ARG A 81 0.21 -8.00 -3.76
N ARG A 82 1.33 -8.72 -3.72
CA ARG A 82 2.54 -8.20 -3.10
C ARG A 82 3.10 -7.03 -3.89
N ILE A 83 3.39 -7.27 -5.17
CA ILE A 83 3.93 -6.22 -6.03
C ILE A 83 2.95 -5.06 -6.17
N GLY A 84 3.44 -3.94 -6.69
CA GLY A 84 2.59 -2.77 -6.88
C GLY A 84 2.62 -1.84 -5.68
N LEU A 85 2.53 -2.41 -4.49
CA LEU A 85 2.56 -1.62 -3.26
C LEU A 85 3.83 -0.78 -3.18
N GLU A 86 4.95 -1.38 -3.50
CA GLU A 86 6.23 -0.69 -3.46
C GLU A 86 6.20 0.57 -4.33
N ARG A 87 5.72 0.42 -5.56
CA ARG A 87 5.63 1.54 -6.50
C ARG A 87 4.78 2.66 -5.90
N PHE A 88 3.83 2.29 -5.05
CA PHE A 88 2.94 3.27 -4.42
C PHE A 88 3.73 4.21 -3.51
N LEU A 89 4.66 3.65 -2.75
CA LEU A 89 5.47 4.42 -1.82
C LEU A 89 6.72 4.98 -2.52
N ASN A 90 7.16 4.30 -3.57
CA ASN A 90 8.34 4.72 -4.31
C ASN A 90 8.22 6.17 -4.78
N GLU A 91 7.20 6.44 -5.58
CA GLU A 91 6.96 7.79 -6.10
C GLU A 91 6.40 8.72 -5.03
N LEU A 92 5.90 8.14 -3.94
CA LEU A 92 5.34 8.94 -2.85
C LEU A 92 6.42 9.38 -1.86
N TYR A 93 7.07 8.39 -1.26
CA TYR A 93 8.11 8.66 -0.28
C TYR A 93 9.30 9.38 -0.92
N ASN A 94 9.51 9.12 -2.20
CA ASN A 94 10.61 9.74 -2.94
C ASN A 94 10.21 11.11 -3.48
N ASP A 95 9.80 11.99 -2.57
CA ASP A 95 9.39 13.34 -2.94
C ASP A 95 10.20 14.38 -2.19
N ARG A 96 10.58 15.45 -2.88
CA ARG A 96 11.35 16.53 -2.28
C ARG A 96 10.66 17.88 -2.46
N PHE A 97 10.20 18.14 -3.68
CA PHE A 97 9.52 19.40 -3.98
C PHE A 97 8.06 19.35 -3.54
N ASP A 98 7.38 18.27 -3.91
CA ASP A 98 5.96 18.10 -3.56
C ASP A 98 5.77 16.83 -2.73
N SER A 99 5.57 17.01 -1.43
CA SER A 99 5.36 15.87 -0.53
C SER A 99 3.96 15.89 0.07
N ARG A 100 3.01 16.47 -0.67
CA ARG A 100 1.63 16.55 -0.21
C ARG A 100 1.06 15.16 0.02
N TRP A 101 1.52 14.21 -0.78
CA TRP A 101 1.06 12.82 -0.69
C TRP A 101 1.49 12.19 0.64
N ARG A 102 2.74 12.43 1.03
CA ARG A 102 3.26 11.88 2.29
C ARG A 102 2.87 12.76 3.46
N ASP A 103 2.74 14.06 3.23
CA ASP A 103 2.38 15.00 4.28
C ASP A 103 1.03 14.63 4.89
N THR A 104 0.15 14.05 4.07
CA THR A 104 -1.17 13.64 4.52
C THR A 104 -1.09 12.79 5.79
N LYS A 105 -2.03 13.02 6.70
CA LYS A 105 -2.07 12.28 7.96
C LYS A 105 -2.26 10.79 7.69
N ILE A 106 -2.97 10.47 6.61
CA ILE A 106 -3.23 9.08 6.25
C ILE A 106 -1.93 8.38 5.84
N ALA A 107 -1.08 9.09 5.12
CA ALA A 107 0.19 8.55 4.67
C ALA A 107 1.14 8.34 5.83
N GLN A 108 1.09 9.25 6.80
CA GLN A 108 1.95 9.18 7.97
C GLN A 108 1.54 8.00 8.86
N ASP A 109 0.25 7.72 8.91
CA ASP A 109 -0.27 6.62 9.72
C ASP A 109 -0.22 5.29 8.96
N PHE A 110 0.00 5.38 7.64
CA PHE A 110 0.06 4.18 6.80
C PHE A 110 1.08 3.18 7.34
N LEU A 111 2.28 3.67 7.67
CA LEU A 111 3.33 2.80 8.18
C LEU A 111 3.58 3.07 9.66
N GLN A 112 2.56 3.54 10.36
CA GLN A 112 2.69 3.84 11.78
C GLN A 112 3.79 4.86 12.03
N LEU A 113 3.77 5.94 11.27
CA LEU A 113 4.77 7.00 11.40
C LEU A 113 4.30 8.07 12.37
N SER A 114 3.62 7.65 13.43
CA SER A 114 3.11 8.58 14.43
C SER A 114 3.95 8.52 15.70
N LYS A 115 3.42 9.06 16.79
CA LYS A 115 4.13 9.06 18.07
C LYS A 115 3.61 7.94 18.99
N PRO A 116 4.29 6.78 18.98
CA PRO A 116 3.88 5.64 19.82
C PRO A 116 4.09 5.91 21.31
N ASN A 117 3.20 5.38 22.13
CA ASN A 117 3.29 5.56 23.58
C ASN A 117 2.84 4.30 24.31
N LYS A 1 14.26 14.56 -17.40
CA LYS A 1 13.95 13.19 -16.92
C LYS A 1 14.48 12.96 -15.51
N MET A 2 13.60 13.12 -14.52
CA MET A 2 13.98 12.93 -13.13
C MET A 2 13.82 11.47 -12.71
N SER A 3 14.88 10.90 -12.15
CA SER A 3 14.84 9.51 -11.70
C SER A 3 14.64 9.42 -10.19
N GLU A 4 13.43 9.07 -9.79
CA GLU A 4 13.10 8.95 -8.37
C GLU A 4 12.85 7.49 -7.98
N LYS A 5 13.65 6.99 -7.05
CA LYS A 5 13.53 5.61 -6.59
C LYS A 5 13.76 5.51 -5.09
N LEU A 6 12.85 4.82 -4.40
CA LEU A 6 12.96 4.64 -2.96
C LEU A 6 13.26 3.19 -2.61
N ARG A 7 14.06 2.99 -1.58
CA ARG A 7 14.43 1.64 -1.15
C ARG A 7 13.26 0.94 -0.49
N ILE A 8 12.59 0.09 -1.24
CA ILE A 8 11.43 -0.65 -0.75
C ILE A 8 11.47 -2.09 -1.22
N LYS A 9 11.38 -3.02 -0.27
CA LYS A 9 11.41 -4.45 -0.59
C LYS A 9 10.46 -5.23 0.32
N VAL A 10 9.47 -5.87 -0.28
CA VAL A 10 8.51 -6.66 0.48
C VAL A 10 8.80 -8.15 0.36
N ASP A 11 9.21 -8.76 1.47
CA ASP A 11 9.53 -10.18 1.49
C ASP A 11 8.93 -10.86 2.72
N ASP A 12 7.77 -10.36 3.15
CA ASP A 12 7.08 -10.93 4.31
C ASP A 12 5.57 -10.89 4.12
N VAL A 13 4.91 -11.99 4.46
CA VAL A 13 3.46 -12.09 4.33
C VAL A 13 2.87 -13.04 5.37
N LYS A 14 2.18 -12.48 6.36
CA LYS A 14 1.57 -13.28 7.41
C LYS A 14 0.09 -13.51 7.12
N ILE A 15 -0.27 -14.77 6.88
CA ILE A 15 -1.65 -15.12 6.58
C ILE A 15 -2.50 -15.07 7.84
N ASN A 16 -3.64 -14.39 7.77
CA ASN A 16 -4.54 -14.27 8.90
C ASN A 16 -5.97 -14.67 8.52
N PRO A 17 -6.71 -15.29 9.44
CA PRO A 17 -8.09 -15.72 9.18
C PRO A 17 -8.97 -14.58 8.64
N LYS A 18 -8.61 -13.36 8.99
CA LYS A 18 -9.36 -12.19 8.55
C LYS A 18 -8.82 -11.66 7.23
N TYR A 19 -7.49 -11.67 7.09
CA TYR A 19 -6.85 -11.20 5.88
C TYR A 19 -5.35 -11.46 5.91
N VAL A 20 -4.72 -11.46 4.74
CA VAL A 20 -3.29 -11.70 4.63
C VAL A 20 -2.50 -10.41 4.86
N LEU A 21 -1.51 -10.48 5.74
CA LEU A 21 -0.67 -9.32 6.04
C LEU A 21 0.54 -9.27 5.12
N TYR A 22 1.13 -8.08 4.98
CA TYR A 22 2.29 -7.91 4.12
C TYR A 22 3.38 -7.10 4.82
N GLY A 23 4.55 -7.70 5.00
CA GLY A 23 5.65 -7.02 5.65
C GLY A 23 6.49 -6.23 4.66
N VAL A 24 6.24 -4.93 4.59
CA VAL A 24 6.98 -4.06 3.68
C VAL A 24 8.26 -3.54 4.31
N SER A 25 9.40 -3.95 3.75
CA SER A 25 10.70 -3.52 4.25
C SER A 25 11.10 -2.19 3.64
N THR A 26 11.59 -1.29 4.49
CA THR A 26 12.01 0.03 4.03
C THR A 26 13.13 0.58 4.91
N PRO A 27 13.84 1.62 4.44
CA PRO A 27 14.93 2.25 5.18
C PRO A 27 14.60 2.41 6.66
N ASN A 28 13.33 2.60 6.97
CA ASN A 28 12.88 2.75 8.34
C ASN A 28 12.81 1.40 9.03
N LYS A 29 12.07 0.47 8.42
CA LYS A 29 11.92 -0.88 8.95
C LYS A 29 10.78 -1.61 8.26
N ARG A 30 10.54 -2.86 8.69
CA ARG A 30 9.48 -3.67 8.11
C ARG A 30 8.13 -3.30 8.72
N LEU A 31 7.13 -3.09 7.85
CA LEU A 31 5.79 -2.74 8.32
C LEU A 31 4.76 -3.74 7.80
N TYR A 32 3.83 -4.11 8.67
CA TYR A 32 2.78 -5.06 8.31
C TYR A 32 1.49 -4.33 7.95
N LYS A 33 1.06 -4.47 6.70
CA LYS A 33 -0.15 -3.83 6.22
C LYS A 33 -1.00 -4.79 5.41
N ARG A 34 -2.29 -4.49 5.28
CA ARG A 34 -3.20 -5.33 4.53
C ARG A 34 -3.51 -4.72 3.16
N TYR A 35 -3.95 -5.56 2.23
CA TYR A 35 -4.27 -5.09 0.89
C TYR A 35 -5.38 -4.04 0.93
N SER A 36 -6.44 -4.34 1.69
CA SER A 36 -7.57 -3.42 1.82
C SER A 36 -7.11 -2.07 2.35
N GLU A 37 -6.02 -2.09 3.13
CA GLU A 37 -5.48 -0.86 3.70
C GLU A 37 -4.91 0.04 2.61
N PHE A 38 -4.26 -0.57 1.63
CA PHE A 38 -3.66 0.17 0.52
C PHE A 38 -4.73 0.97 -0.22
N TRP A 39 -5.74 0.27 -0.73
CA TRP A 39 -6.83 0.92 -1.45
C TRP A 39 -7.49 1.98 -0.58
N LYS A 40 -7.55 1.72 0.72
CA LYS A 40 -8.16 2.63 1.66
C LYS A 40 -7.41 3.97 1.69
N LEU A 41 -6.10 3.90 1.43
CA LEU A 41 -5.26 5.09 1.43
C LEU A 41 -5.36 5.82 0.09
N LYS A 42 -5.60 5.07 -0.98
CA LYS A 42 -5.71 5.64 -2.31
C LYS A 42 -6.79 6.73 -2.36
N THR A 43 -8.04 6.29 -2.25
CA THR A 43 -9.17 7.22 -2.29
C THR A 43 -9.05 8.29 -1.21
N ARG A 44 -8.38 7.95 -0.11
CA ARG A 44 -8.19 8.89 0.98
C ARG A 44 -7.41 10.12 0.51
N LEU A 45 -6.17 9.89 0.10
CA LEU A 45 -5.31 10.96 -0.39
C LEU A 45 -6.03 11.83 -1.40
N GLU A 46 -6.92 11.21 -2.18
CA GLU A 46 -7.68 11.92 -3.19
C GLU A 46 -8.56 13.00 -2.55
N ARG A 47 -9.23 12.64 -1.46
CA ARG A 47 -10.10 13.56 -0.76
C ARG A 47 -9.34 14.31 0.33
N ASP A 48 -8.17 13.81 0.70
CA ASP A 48 -7.34 14.44 1.73
C ASP A 48 -6.42 15.48 1.12
N VAL A 49 -5.94 15.20 -0.08
CA VAL A 49 -5.04 16.11 -0.78
C VAL A 49 -5.81 16.98 -1.76
N GLY A 50 -6.89 16.43 -2.31
CA GLY A 50 -7.69 17.17 -3.26
C GLY A 50 -7.27 16.94 -4.70
N SER A 51 -6.09 16.33 -4.87
CA SER A 51 -5.58 16.05 -6.21
C SER A 51 -5.78 14.58 -6.57
N THR A 52 -5.55 14.25 -7.83
CA THR A 52 -5.70 12.88 -8.31
C THR A 52 -4.43 12.08 -8.05
N ILE A 53 -4.58 10.75 -8.01
CA ILE A 53 -3.45 9.87 -7.77
C ILE A 53 -3.09 9.09 -9.04
N PRO A 54 -1.82 9.20 -9.52
CA PRO A 54 -1.38 8.51 -10.72
C PRO A 54 -0.88 7.10 -10.45
N TYR A 55 -1.51 6.41 -9.50
CA TYR A 55 -1.12 5.04 -9.16
C TYR A 55 -2.17 4.05 -9.61
N ASP A 56 -1.73 2.99 -10.28
CA ASP A 56 -2.64 1.96 -10.78
C ASP A 56 -3.08 1.04 -9.65
N PHE A 57 -4.39 0.95 -9.44
CA PHE A 57 -4.94 0.10 -8.39
C PHE A 57 -6.18 -0.64 -8.87
N PRO A 58 -6.02 -1.91 -9.31
CA PRO A 58 -7.13 -2.71 -9.80
C PRO A 58 -7.97 -3.28 -8.66
N GLU A 59 -9.18 -2.76 -8.51
CA GLU A 59 -10.08 -3.21 -7.44
C GLU A 59 -10.40 -4.70 -7.60
N LYS A 60 -10.51 -5.40 -6.48
CA LYS A 60 -10.81 -6.83 -6.50
C LYS A 60 -12.00 -7.14 -5.60
N PRO A 61 -13.22 -7.16 -6.19
CA PRO A 61 -14.45 -7.45 -5.43
C PRO A 61 -14.33 -8.73 -4.60
N GLY A 62 -14.97 -8.73 -3.44
CA GLY A 62 -14.93 -9.90 -2.57
C GLY A 62 -16.14 -10.00 -1.67
N VAL A 63 -17.29 -10.28 -2.27
CA VAL A 63 -18.53 -10.41 -1.50
C VAL A 63 -18.85 -11.87 -1.21
N LEU A 64 -19.38 -12.58 -2.20
CA LEU A 64 -19.73 -13.99 -2.04
C LEU A 64 -19.30 -14.80 -3.26
N ASP A 65 -18.13 -14.47 -3.80
CA ASP A 65 -17.61 -15.16 -4.97
C ASP A 65 -16.41 -16.03 -4.59
N ARG A 66 -16.57 -17.35 -4.72
CA ARG A 66 -15.50 -18.28 -4.40
C ARG A 66 -15.46 -19.45 -5.38
N ARG A 67 -16.17 -19.31 -6.50
CA ARG A 67 -16.21 -20.35 -7.51
C ARG A 67 -15.31 -20.04 -8.70
N TRP A 68 -15.23 -18.76 -9.06
CA TRP A 68 -14.40 -18.34 -10.20
C TRP A 68 -13.25 -17.44 -9.75
N GLN A 69 -13.04 -17.33 -8.44
CA GLN A 69 -11.97 -16.49 -7.91
C GLN A 69 -11.14 -17.24 -6.87
N ARG A 70 -9.87 -16.88 -6.77
CA ARG A 70 -8.97 -17.53 -5.81
C ARG A 70 -9.20 -17.00 -4.41
N ARG A 71 -8.70 -17.73 -3.41
CA ARG A 71 -8.86 -17.33 -2.02
C ARG A 71 -7.88 -16.20 -1.66
N TYR A 72 -8.30 -15.33 -0.76
CA TYR A 72 -7.47 -14.21 -0.33
C TYR A 72 -6.15 -14.69 0.24
N ASP A 73 -6.13 -15.94 0.71
CA ASP A 73 -4.93 -16.52 1.29
C ASP A 73 -4.24 -17.46 0.30
N ASP A 74 -4.40 -17.18 -0.98
CA ASP A 74 -3.79 -18.01 -2.02
C ASP A 74 -2.44 -17.44 -2.44
N PRO A 75 -1.36 -18.25 -2.34
CA PRO A 75 -0.01 -17.82 -2.72
C PRO A 75 0.05 -17.23 -4.12
N GLU A 76 -0.77 -17.80 -5.02
CA GLU A 76 -0.81 -17.32 -6.40
C GLU A 76 -1.16 -15.84 -6.44
N MET A 77 -2.25 -15.48 -5.79
CA MET A 77 -2.69 -14.09 -5.75
C MET A 77 -1.80 -13.26 -4.82
N ILE A 78 -1.33 -13.91 -3.77
CA ILE A 78 -0.45 -13.25 -2.80
C ILE A 78 0.90 -12.88 -3.43
N ASP A 79 1.41 -13.79 -4.25
CA ASP A 79 2.69 -13.56 -4.92
C ASP A 79 2.67 -12.27 -5.74
N GLU A 80 1.53 -12.00 -6.37
CA GLU A 80 1.37 -10.81 -7.19
C GLU A 80 0.96 -9.61 -6.33
N ARG A 81 0.09 -9.86 -5.35
CA ARG A 81 -0.37 -8.80 -4.46
C ARG A 81 0.81 -8.12 -3.78
N ARG A 82 1.92 -8.83 -3.65
CA ARG A 82 3.13 -8.30 -3.04
C ARG A 82 3.68 -7.14 -3.85
N ILE A 83 4.01 -7.42 -5.11
CA ILE A 83 4.56 -6.40 -6.00
C ILE A 83 3.56 -5.28 -6.24
N GLY A 84 4.05 -4.16 -6.76
CA GLY A 84 3.19 -3.02 -7.03
C GLY A 84 3.09 -2.07 -5.86
N LEU A 85 2.93 -2.62 -4.66
CA LEU A 85 2.81 -1.80 -3.46
C LEU A 85 4.03 -0.90 -3.30
N GLU A 86 5.22 -1.47 -3.44
CA GLU A 86 6.46 -0.71 -3.29
C GLU A 86 6.49 0.47 -4.27
N ARG A 87 6.13 0.21 -5.52
CA ARG A 87 6.10 1.24 -6.54
C ARG A 87 5.21 2.42 -6.13
N PHE A 88 4.08 2.09 -5.50
CA PHE A 88 3.14 3.11 -5.05
C PHE A 88 3.79 4.03 -4.02
N LEU A 89 4.58 3.45 -3.14
CA LEU A 89 5.26 4.22 -2.10
C LEU A 89 6.55 4.85 -2.63
N ASN A 90 7.17 4.19 -3.61
CA ASN A 90 8.40 4.68 -4.20
C ASN A 90 8.25 6.11 -4.69
N GLU A 91 7.33 6.33 -5.63
CA GLU A 91 7.10 7.67 -6.18
C GLU A 91 6.43 8.59 -5.15
N LEU A 92 5.93 8.01 -4.07
CA LEU A 92 5.27 8.78 -3.03
C LEU A 92 6.28 9.32 -2.02
N TYR A 93 6.99 8.43 -1.36
CA TYR A 93 7.98 8.83 -0.37
C TYR A 93 9.19 9.51 -1.01
N ASN A 94 9.45 9.16 -2.27
CA ASN A 94 10.58 9.75 -2.99
C ASN A 94 10.13 10.94 -3.84
N ASP A 95 9.52 11.93 -3.19
CA ASP A 95 9.03 13.12 -3.88
C ASP A 95 9.70 14.37 -3.33
N ARG A 96 10.34 15.14 -4.22
CA ARG A 96 11.01 16.37 -3.82
C ARG A 96 10.22 17.60 -4.28
N PHE A 97 9.53 17.46 -5.41
CA PHE A 97 8.75 18.56 -5.96
C PHE A 97 7.47 18.77 -5.15
N ASP A 98 6.78 17.68 -4.85
CA ASP A 98 5.54 17.73 -4.09
C ASP A 98 5.39 16.52 -3.19
N SER A 99 5.44 16.76 -1.88
CA SER A 99 5.30 15.68 -0.91
C SER A 99 3.95 15.72 -0.22
N ARG A 100 2.97 16.35 -0.86
CA ARG A 100 1.63 16.46 -0.30
C ARG A 100 1.03 15.07 -0.09
N TRP A 101 1.47 14.13 -0.92
CA TRP A 101 0.97 12.76 -0.85
C TRP A 101 1.51 12.05 0.40
N ARG A 102 2.76 12.32 0.73
CA ARG A 102 3.39 11.70 1.90
C ARG A 102 3.19 12.56 3.15
N ASP A 103 3.00 13.85 2.95
CA ASP A 103 2.79 14.78 4.07
C ASP A 103 1.47 14.48 4.76
N THR A 104 0.49 14.00 3.99
CA THR A 104 -0.83 13.69 4.52
C THR A 104 -0.73 12.82 5.77
N LYS A 105 -1.60 13.11 6.74
CA LYS A 105 -1.62 12.36 7.99
C LYS A 105 -1.92 10.88 7.73
N ILE A 106 -2.73 10.63 6.71
CA ILE A 106 -3.09 9.26 6.35
C ILE A 106 -1.87 8.48 5.88
N ALA A 107 -0.98 9.16 5.15
CA ALA A 107 0.23 8.53 4.64
C ALA A 107 1.20 8.23 5.78
N GLN A 108 1.27 9.13 6.76
CA GLN A 108 2.15 8.95 7.90
C GLN A 108 1.66 7.81 8.80
N ASP A 109 0.35 7.67 8.90
CA ASP A 109 -0.24 6.63 9.72
C ASP A 109 -0.29 5.29 8.97
N PHE A 110 -0.09 5.35 7.65
CA PHE A 110 -0.11 4.15 6.83
C PHE A 110 0.85 3.09 7.36
N LEU A 111 2.08 3.50 7.65
CA LEU A 111 3.09 2.58 8.16
C LEU A 111 3.40 2.86 9.62
N GLN A 112 2.45 3.47 10.33
CA GLN A 112 2.63 3.78 11.74
C GLN A 112 3.84 4.68 11.94
N LEU A 113 3.92 5.74 11.13
CA LEU A 113 5.04 6.68 11.22
C LEU A 113 4.71 7.84 12.15
N SER A 114 4.02 7.52 13.25
CA SER A 114 3.64 8.54 14.22
C SER A 114 3.56 7.93 15.63
N LYS A 115 3.67 8.79 16.64
CA LYS A 115 3.61 8.33 18.02
C LYS A 115 2.29 8.75 18.68
N PRO A 116 1.22 7.96 18.47
CA PRO A 116 -0.10 8.25 19.04
C PRO A 116 -0.15 7.97 20.54
N ASN A 117 -1.05 8.66 21.24
CA ASN A 117 -1.20 8.48 22.68
C ASN A 117 -2.64 8.73 23.11
N LYS A 1 20.59 15.93 -13.35
CA LYS A 1 19.46 15.56 -12.46
C LYS A 1 19.50 14.07 -12.10
N MET A 2 20.01 13.78 -10.90
CA MET A 2 20.10 12.40 -10.44
C MET A 2 18.85 12.00 -9.66
N SER A 3 18.08 11.08 -10.23
CA SER A 3 16.86 10.61 -9.59
C SER A 3 17.17 9.68 -8.42
N GLU A 4 16.26 9.61 -7.45
CA GLU A 4 16.45 8.76 -6.29
C GLU A 4 15.17 7.99 -5.97
N LYS A 5 15.30 6.93 -5.18
CA LYS A 5 14.16 6.11 -4.79
C LYS A 5 14.31 5.60 -3.37
N LEU A 6 13.18 5.47 -2.66
CA LEU A 6 13.20 4.99 -1.29
C LEU A 6 13.40 3.48 -1.24
N ARG A 7 14.13 3.01 -0.23
CA ARG A 7 14.40 1.59 -0.08
C ARG A 7 13.18 0.85 0.45
N ILE A 8 12.47 0.16 -0.43
CA ILE A 8 11.28 -0.59 -0.06
C ILE A 8 11.26 -1.95 -0.73
N LYS A 9 11.40 -3.01 0.06
CA LYS A 9 11.40 -4.37 -0.47
C LYS A 9 10.47 -5.26 0.35
N VAL A 10 9.35 -5.65 -0.24
CA VAL A 10 8.38 -6.49 0.45
C VAL A 10 8.57 -7.96 0.05
N ASP A 11 9.06 -8.75 1.00
CA ASP A 11 9.28 -10.17 0.76
C ASP A 11 8.77 -11.01 1.93
N ASP A 12 7.80 -10.47 2.66
CA ASP A 12 7.24 -11.17 3.81
C ASP A 12 5.71 -11.13 3.77
N VAL A 13 5.08 -12.28 3.99
CA VAL A 13 3.63 -12.37 3.97
C VAL A 13 3.12 -13.43 4.96
N LYS A 14 2.31 -13.00 5.91
CA LYS A 14 1.76 -13.91 6.90
C LYS A 14 0.30 -14.20 6.62
N ILE A 15 -0.01 -15.45 6.26
CA ILE A 15 -1.37 -15.85 5.95
C ILE A 15 -2.16 -16.10 7.23
N ASN A 16 -2.94 -15.10 7.64
CA ASN A 16 -3.76 -15.21 8.84
C ASN A 16 -5.20 -15.58 8.48
N PRO A 17 -5.88 -16.35 9.36
CA PRO A 17 -7.26 -16.77 9.13
C PRO A 17 -8.20 -15.60 8.87
N LYS A 18 -7.79 -14.40 9.30
CA LYS A 18 -8.60 -13.21 9.12
C LYS A 18 -8.23 -12.49 7.83
N TYR A 19 -6.94 -12.44 7.53
CA TYR A 19 -6.46 -11.78 6.32
C TYR A 19 -4.96 -11.99 6.13
N VAL A 20 -4.48 -11.77 4.91
CA VAL A 20 -3.07 -11.94 4.61
C VAL A 20 -2.32 -10.61 4.74
N LEU A 21 -1.37 -10.58 5.67
CA LEU A 21 -0.58 -9.36 5.90
C LEU A 21 0.67 -9.36 5.03
N TYR A 22 1.24 -8.17 4.83
CA TYR A 22 2.44 -8.02 4.02
C TYR A 22 3.53 -7.28 4.79
N GLY A 23 4.68 -7.92 4.96
CA GLY A 23 5.79 -7.30 5.66
C GLY A 23 6.62 -6.41 4.78
N VAL A 24 6.35 -5.11 4.83
CA VAL A 24 7.09 -4.14 4.02
C VAL A 24 8.35 -3.68 4.72
N SER A 25 9.50 -4.04 4.15
CA SER A 25 10.80 -3.67 4.72
C SER A 25 11.21 -2.26 4.27
N THR A 26 11.78 -1.50 5.20
CA THR A 26 12.21 -0.14 4.90
C THR A 26 13.35 0.28 5.85
N PRO A 27 14.08 1.35 5.50
CA PRO A 27 15.19 1.85 6.32
C PRO A 27 14.85 1.86 7.81
N ASN A 28 13.57 2.05 8.11
CA ASN A 28 13.11 2.06 9.49
C ASN A 28 12.99 0.65 10.02
N LYS A 29 12.23 -0.17 9.30
CA LYS A 29 12.01 -1.58 9.68
C LYS A 29 10.88 -2.19 8.87
N ARG A 30 10.57 -3.45 9.15
CA ARG A 30 9.51 -4.15 8.45
C ARG A 30 8.15 -3.84 9.07
N LEU A 31 7.17 -3.57 8.21
CA LEU A 31 5.83 -3.24 8.67
C LEU A 31 4.79 -4.17 8.02
N TYR A 32 3.92 -4.75 8.86
CA TYR A 32 2.89 -5.65 8.38
C TYR A 32 1.61 -4.89 8.06
N LYS A 33 1.26 -4.81 6.78
CA LYS A 33 0.06 -4.11 6.36
C LYS A 33 -0.81 -5.00 5.48
N ARG A 34 -2.11 -4.76 5.51
CA ARG A 34 -3.06 -5.55 4.70
C ARG A 34 -3.40 -4.82 3.42
N TYR A 35 -3.90 -5.56 2.44
CA TYR A 35 -4.28 -4.99 1.15
C TYR A 35 -5.34 -3.90 1.33
N SER A 36 -6.35 -4.20 2.14
CA SER A 36 -7.42 -3.24 2.39
C SER A 36 -6.88 -1.94 2.97
N GLU A 37 -5.69 -2.01 3.57
CA GLU A 37 -5.06 -0.83 4.16
C GLU A 37 -4.53 0.09 3.08
N PHE A 38 -3.84 -0.48 2.10
CA PHE A 38 -3.27 0.29 1.00
C PHE A 38 -4.36 1.05 0.26
N TRP A 39 -5.38 0.32 -0.21
CA TRP A 39 -6.49 0.92 -0.94
C TRP A 39 -7.17 1.98 -0.07
N LYS A 40 -7.15 1.76 1.24
CA LYS A 40 -7.77 2.70 2.17
C LYS A 40 -7.05 4.05 2.15
N LEU A 41 -5.77 4.03 1.79
CA LEU A 41 -4.98 5.25 1.72
C LEU A 41 -5.06 5.88 0.33
N LYS A 42 -5.22 5.04 -0.69
CA LYS A 42 -5.32 5.52 -2.06
C LYS A 42 -6.44 6.54 -2.20
N THR A 43 -7.68 6.07 -2.15
CA THR A 43 -8.84 6.94 -2.28
C THR A 43 -8.79 8.07 -1.26
N ARG A 44 -8.10 7.84 -0.16
CA ARG A 44 -7.96 8.84 0.90
C ARG A 44 -7.27 10.08 0.36
N LEU A 45 -6.01 9.92 -0.04
CA LEU A 45 -5.22 11.03 -0.58
C LEU A 45 -6.00 11.79 -1.64
N GLU A 46 -6.86 11.07 -2.37
CA GLU A 46 -7.67 11.68 -3.41
C GLU A 46 -8.61 12.73 -2.83
N ARG A 47 -9.34 12.36 -1.78
CA ARG A 47 -10.28 13.26 -1.14
C ARG A 47 -9.58 14.17 -0.13
N ASP A 48 -8.45 13.69 0.39
CA ASP A 48 -7.68 14.47 1.36
C ASP A 48 -6.84 15.52 0.65
N VAL A 49 -6.16 15.11 -0.41
CA VAL A 49 -5.32 16.02 -1.20
C VAL A 49 -6.15 16.74 -2.25
N GLY A 50 -7.18 16.05 -2.74
CA GLY A 50 -8.04 16.64 -3.76
C GLY A 50 -7.43 16.56 -5.14
N SER A 51 -6.50 15.63 -5.34
CA SER A 51 -5.85 15.46 -6.63
C SER A 51 -6.00 14.02 -7.13
N THR A 52 -5.82 13.83 -8.42
CA THR A 52 -5.93 12.51 -9.03
C THR A 52 -4.62 11.74 -8.89
N ILE A 53 -4.64 10.69 -8.07
CA ILE A 53 -3.46 9.88 -7.84
C ILE A 53 -3.06 9.14 -9.11
N PRO A 54 -1.80 9.28 -9.57
CA PRO A 54 -1.32 8.62 -10.79
C PRO A 54 -0.81 7.20 -10.53
N TYR A 55 -1.44 6.49 -9.59
CA TYR A 55 -1.06 5.12 -9.27
C TYR A 55 -2.13 4.14 -9.69
N ASP A 56 -1.72 2.94 -10.08
CA ASP A 56 -2.65 1.90 -10.50
C ASP A 56 -3.00 0.97 -9.34
N PHE A 57 -4.29 0.84 -9.06
CA PHE A 57 -4.75 -0.01 -7.97
C PHE A 57 -6.00 -0.79 -8.37
N PRO A 58 -5.83 -2.05 -8.83
CA PRO A 58 -6.94 -2.90 -9.25
C PRO A 58 -7.50 -3.72 -8.09
N GLU A 59 -8.73 -3.42 -7.70
CA GLU A 59 -9.39 -4.14 -6.60
C GLU A 59 -10.90 -3.99 -6.68
N LYS A 60 -11.61 -4.84 -5.95
CA LYS A 60 -13.07 -4.82 -5.94
C LYS A 60 -13.60 -5.29 -4.58
N PRO A 61 -14.62 -4.60 -4.05
CA PRO A 61 -15.22 -4.96 -2.76
C PRO A 61 -16.03 -6.25 -2.82
N GLY A 62 -16.05 -6.99 -1.72
CA GLY A 62 -16.79 -8.24 -1.68
C GLY A 62 -17.09 -8.68 -0.26
N VAL A 63 -18.06 -8.01 0.38
CA VAL A 63 -18.44 -8.35 1.74
C VAL A 63 -19.10 -9.73 1.80
N LEU A 64 -20.38 -9.79 1.45
CA LEU A 64 -21.11 -11.05 1.47
C LEU A 64 -21.51 -11.48 0.05
N ASP A 65 -20.52 -11.88 -0.74
CA ASP A 65 -20.76 -12.30 -2.11
C ASP A 65 -20.30 -13.75 -2.31
N ARG A 66 -21.26 -14.68 -2.27
CA ARG A 66 -20.95 -16.09 -2.46
C ARG A 66 -20.92 -16.47 -3.94
N ARG A 67 -21.10 -15.48 -4.81
CA ARG A 67 -21.08 -15.72 -6.25
C ARG A 67 -19.68 -15.54 -6.82
N TRP A 68 -19.09 -14.38 -6.57
CA TRP A 68 -17.75 -14.08 -7.05
C TRP A 68 -16.74 -14.21 -5.93
N GLN A 69 -17.00 -15.11 -4.99
CA GLN A 69 -16.11 -15.33 -3.86
C GLN A 69 -14.76 -15.84 -4.32
N ARG A 70 -13.72 -15.57 -3.53
CA ARG A 70 -12.36 -16.00 -3.86
C ARG A 70 -11.58 -16.33 -2.60
N ARG A 71 -10.41 -16.92 -2.77
CA ARG A 71 -9.56 -17.29 -1.64
C ARG A 71 -8.56 -16.17 -1.34
N TYR A 72 -8.76 -15.49 -0.20
CA TYR A 72 -7.87 -14.42 0.20
C TYR A 72 -6.47 -14.94 0.53
N ASP A 73 -6.36 -16.25 0.71
CA ASP A 73 -5.08 -16.86 1.03
C ASP A 73 -4.50 -17.59 -0.19
N ASP A 74 -4.96 -17.22 -1.39
CA ASP A 74 -4.48 -17.84 -2.62
C ASP A 74 -3.18 -17.17 -3.08
N PRO A 75 -2.15 -17.96 -3.42
CA PRO A 75 -0.86 -17.43 -3.89
C PRO A 75 -0.99 -16.67 -5.21
N GLU A 76 -1.97 -17.06 -6.01
CA GLU A 76 -2.20 -16.42 -7.30
C GLU A 76 -2.49 -14.93 -7.13
N MET A 77 -3.27 -14.61 -6.09
CA MET A 77 -3.62 -13.22 -5.81
C MET A 77 -2.57 -12.57 -4.92
N ILE A 78 -1.96 -13.37 -4.05
CA ILE A 78 -0.94 -12.88 -3.14
C ILE A 78 0.34 -12.54 -3.90
N ASP A 79 0.71 -13.40 -4.84
CA ASP A 79 1.92 -13.19 -5.64
C ASP A 79 1.92 -11.80 -6.27
N GLU A 80 0.76 -11.38 -6.75
CA GLU A 80 0.63 -10.06 -7.37
C GLU A 80 0.49 -8.96 -6.33
N ARG A 81 -0.33 -9.22 -5.31
CA ARG A 81 -0.53 -8.25 -4.25
C ARG A 81 0.79 -7.90 -3.56
N ARG A 82 1.77 -8.79 -3.68
CA ARG A 82 3.08 -8.58 -3.08
C ARG A 82 3.81 -7.41 -3.73
N ILE A 83 3.78 -7.36 -5.06
CA ILE A 83 4.44 -6.28 -5.79
C ILE A 83 3.47 -5.18 -6.17
N GLY A 84 4.00 -4.04 -6.57
CA GLY A 84 3.16 -2.92 -6.95
C GLY A 84 2.93 -1.95 -5.80
N LEU A 85 2.92 -2.47 -4.58
CA LEU A 85 2.72 -1.66 -3.39
C LEU A 85 3.96 -0.82 -3.09
N GLU A 86 5.12 -1.47 -3.10
CA GLU A 86 6.38 -0.78 -2.82
C GLU A 86 6.57 0.42 -3.75
N ARG A 87 6.33 0.20 -5.04
CA ARG A 87 6.48 1.27 -6.03
C ARG A 87 5.54 2.43 -5.71
N PHE A 88 4.34 2.10 -5.22
CA PHE A 88 3.35 3.11 -4.87
C PHE A 88 3.86 4.00 -3.75
N LEU A 89 4.76 3.47 -2.93
CA LEU A 89 5.33 4.23 -1.82
C LEU A 89 6.54 5.04 -2.25
N ASN A 90 7.45 4.40 -2.99
CA ASN A 90 8.65 5.07 -3.47
C ASN A 90 8.33 6.40 -4.13
N GLU A 91 7.53 6.36 -5.19
CA GLU A 91 7.14 7.56 -5.93
C GLU A 91 6.39 8.54 -5.02
N LEU A 92 5.86 8.03 -3.91
CA LEU A 92 5.11 8.88 -2.98
C LEU A 92 6.03 9.54 -1.96
N TYR A 93 6.73 8.73 -1.18
CA TYR A 93 7.64 9.23 -0.16
C TYR A 93 8.87 9.86 -0.80
N ASN A 94 9.25 9.37 -1.97
CA ASN A 94 10.42 9.90 -2.67
C ASN A 94 10.01 10.99 -3.67
N ASP A 95 9.27 11.98 -3.19
CA ASP A 95 8.82 13.07 -4.04
C ASP A 95 9.67 14.32 -3.81
N ARG A 96 10.10 14.94 -4.90
CA ARG A 96 10.92 16.15 -4.82
C ARG A 96 10.16 17.37 -5.32
N PHE A 97 9.26 17.14 -6.27
CA PHE A 97 8.46 18.23 -6.83
C PHE A 97 7.32 18.62 -5.89
N ASP A 98 6.50 17.64 -5.52
CA ASP A 98 5.37 17.89 -4.64
C ASP A 98 5.19 16.73 -3.67
N SER A 99 5.35 17.00 -2.38
CA SER A 99 5.20 15.99 -1.34
C SER A 99 3.79 16.02 -0.75
N ARG A 100 2.85 16.59 -1.50
CA ARG A 100 1.46 16.68 -1.06
C ARG A 100 0.93 15.31 -0.63
N TRP A 101 1.34 14.28 -1.35
CA TRP A 101 0.90 12.92 -1.07
C TRP A 101 1.56 12.35 0.19
N ARG A 102 2.85 12.62 0.36
CA ARG A 102 3.57 12.11 1.53
C ARG A 102 3.39 13.04 2.74
N ASP A 103 2.98 14.27 2.48
CA ASP A 103 2.77 15.25 3.54
C ASP A 103 1.44 15.00 4.25
N THR A 104 0.47 14.49 3.51
CA THR A 104 -0.85 14.20 4.06
C THR A 104 -0.74 13.44 5.37
N LYS A 105 -1.58 13.80 6.34
CA LYS A 105 -1.58 13.13 7.64
C LYS A 105 -1.86 11.63 7.49
N ILE A 106 -2.63 11.28 6.46
CA ILE A 106 -2.96 9.89 6.20
C ILE A 106 -1.72 9.10 5.79
N ALA A 107 -0.84 9.75 5.04
CA ALA A 107 0.39 9.10 4.58
C ALA A 107 1.32 8.79 5.76
N GLN A 108 1.45 9.74 6.68
CA GLN A 108 2.30 9.56 7.84
C GLN A 108 1.76 8.45 8.74
N ASP A 109 0.44 8.35 8.82
CA ASP A 109 -0.20 7.33 9.65
C ASP A 109 -0.21 5.99 8.94
N PHE A 110 0.01 6.00 7.62
CA PHE A 110 0.03 4.77 6.83
C PHE A 110 0.95 3.73 7.45
N LEU A 111 2.16 4.14 7.83
CA LEU A 111 3.13 3.23 8.44
C LEU A 111 3.32 3.56 9.91
N GLN A 112 2.30 4.13 10.53
CA GLN A 112 2.38 4.49 11.94
C GLN A 112 3.52 5.47 12.21
N LEU A 113 3.66 6.44 11.31
CA LEU A 113 4.72 7.45 11.44
C LEU A 113 4.20 8.68 12.18
N SER A 114 3.41 8.47 13.22
CA SER A 114 2.86 9.56 14.00
C SER A 114 2.40 9.08 15.37
N LYS A 115 3.15 9.47 16.41
CA LYS A 115 2.82 9.07 17.77
C LYS A 115 2.32 10.26 18.58
N PRO A 116 1.42 10.02 19.55
CA PRO A 116 0.86 11.09 20.40
C PRO A 116 1.90 11.63 21.38
N ASN A 117 2.15 12.94 21.29
CA ASN A 117 3.11 13.58 22.18
C ASN A 117 4.50 12.99 22.01
N LYS A 1 17.86 14.09 -16.60
CA LYS A 1 16.62 13.31 -16.35
C LYS A 1 16.78 12.38 -15.15
N MET A 2 16.48 12.89 -13.96
CA MET A 2 16.60 12.11 -12.74
C MET A 2 15.31 11.36 -12.45
N SER A 3 15.41 10.31 -11.64
CA SER A 3 14.23 9.50 -11.29
C SER A 3 14.19 9.23 -9.78
N GLU A 4 13.19 9.79 -9.12
CA GLU A 4 13.03 9.62 -7.68
C GLU A 4 12.47 8.24 -7.37
N LYS A 5 13.07 7.56 -6.39
CA LYS A 5 12.63 6.23 -5.99
C LYS A 5 13.05 5.93 -4.55
N LEU A 6 12.12 5.37 -3.78
CA LEU A 6 12.39 5.02 -2.39
C LEU A 6 12.67 3.53 -2.25
N ARG A 7 13.59 3.19 -1.35
CA ARG A 7 13.96 1.79 -1.13
C ARG A 7 12.84 1.04 -0.41
N ILE A 8 12.10 0.22 -1.15
CA ILE A 8 11.02 -0.56 -0.59
C ILE A 8 11.03 -1.97 -1.16
N LYS A 9 11.33 -2.96 -0.31
CA LYS A 9 11.38 -4.35 -0.72
C LYS A 9 10.42 -5.19 0.10
N VAL A 10 9.58 -5.96 -0.57
CA VAL A 10 8.61 -6.81 0.12
C VAL A 10 8.84 -8.28 -0.22
N ASP A 11 8.99 -9.11 0.80
CA ASP A 11 9.22 -10.53 0.61
C ASP A 11 8.77 -11.32 1.84
N ASP A 12 7.82 -10.78 2.58
CA ASP A 12 7.31 -11.44 3.78
C ASP A 12 5.79 -11.37 3.83
N VAL A 13 5.15 -12.52 4.02
CA VAL A 13 3.70 -12.58 4.08
C VAL A 13 3.23 -13.58 5.14
N LYS A 14 2.42 -13.10 6.08
CA LYS A 14 1.91 -13.96 7.14
C LYS A 14 0.42 -14.22 6.95
N ILE A 15 0.08 -15.45 6.57
CA ILE A 15 -1.30 -15.83 6.34
C ILE A 15 -2.06 -15.97 7.66
N ASN A 16 -3.12 -15.19 7.81
CA ASN A 16 -3.94 -15.22 9.02
C ASN A 16 -5.38 -15.55 8.69
N PRO A 17 -6.07 -16.32 9.55
CA PRO A 17 -7.47 -16.70 9.33
C PRO A 17 -8.38 -15.50 9.14
N LYS A 18 -7.94 -14.34 9.61
CA LYS A 18 -8.72 -13.11 9.49
C LYS A 18 -8.29 -12.30 8.27
N TYR A 19 -6.99 -12.31 7.98
CA TYR A 19 -6.46 -11.56 6.85
C TYR A 19 -4.98 -11.86 6.63
N VAL A 20 -4.48 -11.55 5.44
CA VAL A 20 -3.08 -11.78 5.10
C VAL A 20 -2.31 -10.47 5.11
N LEU A 21 -1.32 -10.36 6.00
CA LEU A 21 -0.51 -9.15 6.10
C LEU A 21 0.71 -9.24 5.19
N TYR A 22 1.29 -8.08 4.88
CA TYR A 22 2.46 -8.03 4.01
C TYR A 22 3.61 -7.28 4.69
N GLY A 23 4.76 -7.93 4.78
CA GLY A 23 5.92 -7.31 5.40
C GLY A 23 6.74 -6.50 4.42
N VAL A 24 6.42 -5.21 4.32
CA VAL A 24 7.13 -4.32 3.40
C VAL A 24 8.37 -3.74 4.06
N SER A 25 9.53 -4.09 3.51
CA SER A 25 10.80 -3.61 4.04
C SER A 25 11.14 -2.22 3.50
N THR A 26 11.66 -1.36 4.38
CA THR A 26 12.03 -0.01 4.00
C THR A 26 13.25 0.47 4.79
N PRO A 27 13.93 1.54 4.33
CA PRO A 27 15.11 2.09 4.99
C PRO A 27 14.92 2.18 6.51
N ASN A 28 13.69 2.35 6.93
CA ASN A 28 13.38 2.45 8.36
C ASN A 28 13.26 1.05 8.97
N LYS A 29 12.42 0.22 8.34
CA LYS A 29 12.22 -1.15 8.81
C LYS A 29 11.03 -1.80 8.09
N ARG A 30 10.78 -3.06 8.41
CA ARG A 30 9.67 -3.79 7.79
C ARG A 30 8.36 -3.50 8.52
N LEU A 31 7.31 -3.22 7.74
CA LEU A 31 6.01 -2.93 8.31
C LEU A 31 4.95 -3.87 7.75
N TYR A 32 4.09 -4.38 8.63
CA TYR A 32 3.03 -5.29 8.22
C TYR A 32 1.72 -4.55 7.98
N LYS A 33 1.19 -4.69 6.76
CA LYS A 33 -0.07 -4.02 6.40
C LYS A 33 -0.90 -4.92 5.48
N ARG A 34 -2.12 -4.47 5.18
CA ARG A 34 -3.01 -5.23 4.30
C ARG A 34 -3.33 -4.44 3.03
N TYR A 35 -3.45 -5.16 1.91
CA TYR A 35 -3.77 -4.54 0.64
C TYR A 35 -5.05 -3.71 0.72
N SER A 36 -6.00 -4.21 1.51
CA SER A 36 -7.28 -3.53 1.69
C SER A 36 -7.05 -2.12 2.26
N GLU A 37 -5.99 -1.97 3.04
CA GLU A 37 -5.65 -0.68 3.63
C GLU A 37 -5.10 0.26 2.58
N PHE A 38 -4.34 -0.28 1.63
CA PHE A 38 -3.74 0.52 0.56
C PHE A 38 -4.81 1.31 -0.17
N TRP A 39 -5.77 0.62 -0.77
CA TRP A 39 -6.84 1.27 -1.49
C TRP A 39 -7.62 2.19 -0.56
N LYS A 40 -7.67 1.82 0.72
CA LYS A 40 -8.38 2.61 1.72
C LYS A 40 -7.71 3.97 1.90
N LEU A 41 -6.41 4.03 1.66
CA LEU A 41 -5.65 5.27 1.80
C LEU A 41 -5.62 6.04 0.47
N LYS A 42 -5.71 5.31 -0.64
CA LYS A 42 -5.68 5.92 -1.97
C LYS A 42 -6.71 7.04 -2.10
N THR A 43 -7.99 6.65 -2.17
CA THR A 43 -9.08 7.62 -2.32
C THR A 43 -8.92 8.81 -1.37
N ARG A 44 -8.41 8.56 -0.17
CA ARG A 44 -8.21 9.62 0.81
C ARG A 44 -7.29 10.70 0.25
N LEU A 45 -6.08 10.30 -0.11
CA LEU A 45 -5.09 11.23 -0.67
C LEU A 45 -5.70 12.09 -1.78
N GLU A 46 -6.67 11.52 -2.48
CA GLU A 46 -7.34 12.23 -3.56
C GLU A 46 -8.15 13.41 -3.05
N ARG A 47 -9.05 13.13 -2.09
CA ARG A 47 -9.88 14.17 -1.51
C ARG A 47 -9.13 14.97 -0.43
N ASP A 48 -8.02 14.41 0.03
CA ASP A 48 -7.21 15.07 1.06
C ASP A 48 -6.18 15.99 0.43
N VAL A 49 -5.61 15.55 -0.68
CA VAL A 49 -4.61 16.35 -1.39
C VAL A 49 -5.25 17.20 -2.47
N GLY A 50 -6.33 16.68 -3.05
CA GLY A 50 -7.03 17.41 -4.10
C GLY A 50 -6.46 17.12 -5.47
N SER A 51 -5.35 16.40 -5.53
CA SER A 51 -4.71 16.04 -6.79
C SER A 51 -5.00 14.59 -7.16
N THR A 52 -4.84 14.27 -8.44
CA THR A 52 -5.08 12.91 -8.92
C THR A 52 -3.84 12.04 -8.74
N ILE A 53 -4.00 10.95 -8.00
CA ILE A 53 -2.89 10.04 -7.75
C ILE A 53 -2.59 9.19 -9.00
N PRO A 54 -1.31 9.08 -9.40
CA PRO A 54 -0.91 8.31 -10.58
C PRO A 54 -0.88 6.81 -10.34
N TYR A 55 -1.46 6.36 -9.22
CA TYR A 55 -1.48 4.94 -8.89
C TYR A 55 -2.81 4.31 -9.29
N ASP A 56 -2.74 3.19 -9.99
CA ASP A 56 -3.92 2.48 -10.44
C ASP A 56 -3.71 0.97 -10.39
N PHE A 57 -4.64 0.26 -9.75
CA PHE A 57 -4.55 -1.19 -9.64
C PHE A 57 -5.94 -1.81 -9.55
N PRO A 58 -6.19 -2.90 -10.29
CA PRO A 58 -7.49 -3.58 -10.29
C PRO A 58 -7.96 -3.93 -8.88
N GLU A 59 -9.10 -3.37 -8.49
CA GLU A 59 -9.65 -3.62 -7.17
C GLU A 59 -10.28 -5.01 -7.10
N LYS A 60 -11.05 -5.26 -6.05
CA LYS A 60 -11.71 -6.55 -5.87
C LYS A 60 -13.17 -6.37 -5.47
N PRO A 61 -14.10 -7.04 -6.18
CA PRO A 61 -15.53 -6.95 -5.91
C PRO A 61 -15.93 -7.72 -4.64
N GLY A 62 -16.99 -7.27 -4.00
CA GLY A 62 -17.46 -7.92 -2.79
C GLY A 62 -18.95 -8.23 -2.83
N VAL A 63 -19.31 -9.25 -3.62
CA VAL A 63 -20.70 -9.64 -3.75
C VAL A 63 -20.89 -11.12 -3.42
N LEU A 64 -20.56 -11.98 -4.37
CA LEU A 64 -20.70 -13.42 -4.18
C LEU A 64 -19.95 -14.20 -5.27
N ASP A 65 -18.72 -13.77 -5.55
CA ASP A 65 -17.92 -14.42 -6.58
C ASP A 65 -16.81 -15.25 -5.94
N ARG A 66 -16.78 -16.54 -6.28
CA ARG A 66 -15.77 -17.44 -5.73
C ARG A 66 -15.00 -18.15 -6.86
N ARG A 67 -15.74 -18.59 -7.87
CA ARG A 67 -15.13 -19.28 -9.00
C ARG A 67 -14.29 -18.32 -9.83
N TRP A 68 -14.68 -17.05 -9.84
CA TRP A 68 -13.94 -16.04 -10.59
C TRP A 68 -12.89 -15.36 -9.72
N GLN A 69 -13.17 -15.27 -8.43
CA GLN A 69 -12.26 -14.63 -7.49
C GLN A 69 -11.29 -15.66 -6.90
N ARG A 70 -10.28 -15.17 -6.19
CA ARG A 70 -9.29 -16.05 -5.57
C ARG A 70 -9.35 -15.95 -4.05
N ARG A 71 -8.63 -16.84 -3.38
CA ARG A 71 -8.62 -16.86 -1.92
C ARG A 71 -7.57 -15.89 -1.37
N TYR A 72 -7.96 -15.12 -0.36
CA TYR A 72 -7.05 -14.15 0.25
C TYR A 72 -5.80 -14.84 0.79
N ASP A 73 -5.95 -16.09 1.22
CA ASP A 73 -4.83 -16.85 1.76
C ASP A 73 -4.25 -17.79 0.70
N ASP A 74 -4.27 -17.34 -0.56
CA ASP A 74 -3.74 -18.13 -1.66
C ASP A 74 -2.46 -17.50 -2.21
N PRO A 75 -1.41 -18.31 -2.41
CA PRO A 75 -0.13 -17.81 -2.94
C PRO A 75 -0.27 -17.26 -4.35
N GLU A 76 -1.22 -17.82 -5.10
CA GLU A 76 -1.45 -17.38 -6.47
C GLU A 76 -1.86 -15.91 -6.50
N MET A 77 -2.71 -15.52 -5.56
CA MET A 77 -3.18 -14.13 -5.46
C MET A 77 -2.22 -13.31 -4.61
N ILE A 78 -1.60 -13.96 -3.64
CA ILE A 78 -0.66 -13.28 -2.76
C ILE A 78 0.65 -12.96 -3.48
N ASP A 79 1.06 -13.86 -4.37
CA ASP A 79 2.28 -13.68 -5.14
C ASP A 79 2.26 -12.37 -5.91
N GLU A 80 1.12 -12.07 -6.53
CA GLU A 80 0.97 -10.84 -7.30
C GLU A 80 0.80 -9.64 -6.38
N ARG A 81 0.06 -9.84 -5.30
CA ARG A 81 -0.18 -8.78 -4.33
C ARG A 81 1.14 -8.29 -3.73
N ARG A 82 2.16 -9.14 -3.80
CA ARG A 82 3.48 -8.79 -3.26
C ARG A 82 4.08 -7.62 -4.02
N ILE A 83 3.88 -7.60 -5.34
CA ILE A 83 4.41 -6.52 -6.16
C ILE A 83 3.32 -5.49 -6.50
N GLY A 84 3.72 -4.23 -6.57
CA GLY A 84 2.78 -3.18 -6.88
C GLY A 84 2.59 -2.22 -5.70
N LEU A 85 2.62 -2.77 -4.50
CA LEU A 85 2.45 -1.96 -3.29
C LEU A 85 3.70 -1.14 -3.01
N GLU A 86 4.86 -1.80 -3.07
CA GLU A 86 6.13 -1.14 -2.82
C GLU A 86 6.30 0.06 -3.74
N ARG A 87 5.84 -0.07 -4.98
CA ARG A 87 5.94 1.01 -5.95
C ARG A 87 5.03 2.17 -5.56
N PHE A 88 3.86 1.85 -5.00
CA PHE A 88 2.91 2.86 -4.58
C PHE A 88 3.55 3.83 -3.59
N LEU A 89 4.43 3.33 -2.74
CA LEU A 89 5.11 4.16 -1.75
C LEU A 89 6.39 4.75 -2.32
N ASN A 90 6.95 4.10 -3.34
CA ASN A 90 8.19 4.55 -3.96
C ASN A 90 8.09 6.01 -4.43
N GLU A 91 7.15 6.28 -5.33
CA GLU A 91 6.97 7.63 -5.86
C GLU A 91 6.26 8.55 -4.87
N LEU A 92 5.67 7.96 -3.82
CA LEU A 92 4.95 8.73 -2.82
C LEU A 92 5.90 9.39 -1.82
N TYR A 93 6.66 8.56 -1.11
CA TYR A 93 7.59 9.06 -0.09
C TYR A 93 8.84 9.67 -0.73
N ASN A 94 9.20 9.20 -1.93
CA ASN A 94 10.37 9.71 -2.62
C ASN A 94 10.02 10.96 -3.44
N ASP A 95 9.50 11.98 -2.75
CA ASP A 95 9.12 13.23 -3.40
C ASP A 95 9.84 14.40 -2.75
N ARG A 96 10.14 15.42 -3.55
CA ARG A 96 10.81 16.61 -3.05
C ARG A 96 10.06 17.88 -3.44
N PHE A 97 9.74 17.99 -4.73
CA PHE A 97 9.03 19.16 -5.24
C PHE A 97 7.64 19.26 -4.61
N ASP A 98 6.98 18.11 -4.47
CA ASP A 98 5.65 18.07 -3.89
C ASP A 98 5.45 16.79 -3.08
N SER A 99 5.42 16.93 -1.76
CA SER A 99 5.23 15.78 -0.88
C SER A 99 3.86 15.83 -0.21
N ARG A 100 2.90 16.46 -0.88
CA ARG A 100 1.56 16.56 -0.34
C ARG A 100 0.97 15.17 -0.10
N TRP A 101 1.37 14.22 -0.92
CA TRP A 101 0.90 12.85 -0.81
C TRP A 101 1.33 12.21 0.51
N ARG A 102 2.62 12.34 0.83
CA ARG A 102 3.16 11.78 2.06
C ARG A 102 2.92 12.71 3.24
N ASP A 103 2.85 14.01 2.96
CA ASP A 103 2.63 15.01 4.00
C ASP A 103 1.25 14.83 4.64
N THR A 104 0.31 14.34 3.86
CA THR A 104 -1.06 14.12 4.34
C THR A 104 -1.05 13.33 5.64
N LYS A 105 -1.97 13.68 6.54
CA LYS A 105 -2.08 12.99 7.83
C LYS A 105 -2.39 11.52 7.62
N ILE A 106 -3.19 11.23 6.60
CA ILE A 106 -3.57 9.86 6.28
C ILE A 106 -2.34 9.02 5.93
N ALA A 107 -1.42 9.61 5.18
CA ALA A 107 -0.20 8.92 4.78
C ALA A 107 0.69 8.67 5.98
N GLN A 108 0.62 9.55 6.97
CA GLN A 108 1.43 9.43 8.18
C GLN A 108 0.99 8.23 9.00
N ASP A 109 -0.31 7.95 9.00
CA ASP A 109 -0.86 6.82 9.75
C ASP A 109 -0.72 5.52 8.96
N PHE A 110 -0.45 5.64 7.66
CA PHE A 110 -0.29 4.48 6.80
C PHE A 110 0.77 3.52 7.33
N LEU A 111 1.93 4.07 7.69
CA LEU A 111 3.03 3.26 8.21
C LEU A 111 3.24 3.50 9.70
N GLN A 112 2.21 4.00 10.38
CA GLN A 112 2.29 4.27 11.81
C GLN A 112 3.44 5.22 12.11
N LEU A 113 3.50 6.31 11.35
CA LEU A 113 4.56 7.31 11.53
C LEU A 113 4.13 8.38 12.52
N SER A 114 3.41 7.98 13.55
CA SER A 114 2.95 8.90 14.58
C SER A 114 2.11 10.01 13.97
N LYS A 115 1.56 10.88 14.83
CA LYS A 115 0.73 11.99 14.38
C LYS A 115 1.55 13.28 14.32
N PRO A 116 1.17 14.21 13.44
CA PRO A 116 1.87 15.49 13.28
C PRO A 116 1.68 16.40 14.49
N ASN A 117 2.79 16.82 15.09
CA ASN A 117 2.75 17.69 16.26
C ASN A 117 3.92 18.66 16.25
N LYS A 1 19.19 12.39 -15.61
CA LYS A 1 18.00 12.99 -14.93
C LYS A 1 17.23 11.94 -14.14
N MET A 2 17.95 11.13 -13.38
CA MET A 2 17.33 10.08 -12.58
C MET A 2 17.09 10.55 -11.15
N SER A 3 15.84 10.46 -10.69
CA SER A 3 15.48 10.89 -9.35
C SER A 3 15.74 9.77 -8.34
N GLU A 4 15.75 10.12 -7.06
CA GLU A 4 15.98 9.15 -6.00
C GLU A 4 14.71 8.35 -5.71
N LYS A 5 14.87 7.21 -5.04
CA LYS A 5 13.75 6.35 -4.70
C LYS A 5 13.86 5.85 -3.26
N LEU A 6 12.72 5.69 -2.61
CA LEU A 6 12.69 5.22 -1.23
C LEU A 6 12.92 3.71 -1.16
N ARG A 7 13.62 3.26 -0.14
CA ARG A 7 13.92 1.85 0.04
C ARG A 7 12.70 1.09 0.55
N ILE A 8 12.03 0.37 -0.36
CA ILE A 8 10.85 -0.40 -0.01
C ILE A 8 10.87 -1.76 -0.70
N LYS A 9 11.01 -2.82 0.08
CA LYS A 9 11.05 -4.17 -0.45
C LYS A 9 10.16 -5.10 0.38
N VAL A 10 9.04 -5.51 -0.21
CA VAL A 10 8.10 -6.39 0.48
C VAL A 10 8.45 -7.86 0.25
N ASP A 11 8.92 -8.53 1.29
CA ASP A 11 9.28 -9.94 1.19
C ASP A 11 8.76 -10.72 2.39
N ASP A 12 7.69 -10.21 3.01
CA ASP A 12 7.10 -10.87 4.16
C ASP A 12 5.59 -10.93 4.03
N VAL A 13 5.01 -12.10 4.30
CA VAL A 13 3.57 -12.29 4.21
C VAL A 13 3.09 -13.34 5.21
N LYS A 14 2.22 -12.91 6.12
CA LYS A 14 1.68 -13.81 7.13
C LYS A 14 0.25 -14.23 6.77
N ILE A 15 0.10 -15.46 6.29
CA ILE A 15 -1.20 -15.98 5.92
C ILE A 15 -2.03 -16.34 7.14
N ASN A 16 -2.91 -15.42 7.56
CA ASN A 16 -3.75 -15.65 8.72
C ASN A 16 -5.16 -16.07 8.28
N PRO A 17 -5.83 -16.90 9.10
CA PRO A 17 -7.19 -17.38 8.79
C PRO A 17 -8.18 -16.24 8.60
N LYS A 18 -7.82 -15.06 9.12
CA LYS A 18 -8.68 -13.89 9.02
C LYS A 18 -8.35 -13.09 7.75
N TYR A 19 -7.06 -12.97 7.45
CA TYR A 19 -6.62 -12.25 6.26
C TYR A 19 -5.11 -12.40 6.06
N VAL A 20 -4.64 -12.12 4.85
CA VAL A 20 -3.23 -12.21 4.53
C VAL A 20 -2.54 -10.86 4.68
N LEU A 21 -1.60 -10.77 5.62
CA LEU A 21 -0.88 -9.53 5.86
C LEU A 21 0.38 -9.46 5.01
N TYR A 22 0.90 -8.25 4.82
CA TYR A 22 2.10 -8.05 4.02
C TYR A 22 3.11 -7.18 4.77
N GLY A 23 4.31 -7.72 4.96
CA GLY A 23 5.35 -6.98 5.65
C GLY A 23 6.16 -6.13 4.72
N VAL A 24 5.90 -4.82 4.73
CA VAL A 24 6.61 -3.88 3.86
C VAL A 24 7.89 -3.40 4.53
N SER A 25 9.03 -3.84 4.00
CA SER A 25 10.33 -3.46 4.55
C SER A 25 10.69 -2.03 4.16
N THR A 26 11.22 -1.27 5.11
CA THR A 26 11.62 0.11 4.88
C THR A 26 12.70 0.54 5.86
N PRO A 27 13.41 1.65 5.58
CA PRO A 27 14.48 2.15 6.44
C PRO A 27 14.12 2.09 7.91
N ASN A 28 12.83 2.23 8.21
CA ASN A 28 12.35 2.17 9.59
C ASN A 28 12.24 0.73 10.05
N LYS A 29 11.51 -0.08 9.28
CA LYS A 29 11.32 -1.49 9.59
C LYS A 29 10.22 -2.10 8.71
N ARG A 30 9.93 -3.38 8.94
CA ARG A 30 8.90 -4.07 8.17
C ARG A 30 7.54 -3.86 8.80
N LEU A 31 6.63 -3.25 8.04
CA LEU A 31 5.28 -2.98 8.51
C LEU A 31 4.28 -3.96 7.92
N TYR A 32 3.39 -4.49 8.75
CA TYR A 32 2.37 -5.43 8.30
C TYR A 32 1.04 -4.73 8.09
N LYS A 33 0.61 -4.64 6.84
CA LYS A 33 -0.66 -4.01 6.50
C LYS A 33 -1.51 -4.91 5.62
N ARG A 34 -2.82 -4.74 5.71
CA ARG A 34 -3.75 -5.55 4.92
C ARG A 34 -4.11 -4.84 3.62
N TYR A 35 -4.65 -5.59 2.67
CA TYR A 35 -5.03 -5.03 1.37
C TYR A 35 -6.02 -3.88 1.54
N SER A 36 -7.03 -4.10 2.38
CA SER A 36 -8.04 -3.08 2.63
C SER A 36 -7.41 -1.79 3.16
N GLU A 37 -6.21 -1.90 3.72
CA GLU A 37 -5.52 -0.74 4.27
C GLU A 37 -4.91 0.10 3.16
N PHE A 38 -4.21 -0.55 2.23
CA PHE A 38 -3.58 0.15 1.13
C PHE A 38 -4.61 0.93 0.31
N TRP A 39 -5.67 0.24 -0.10
CA TRP A 39 -6.73 0.87 -0.88
C TRP A 39 -7.33 2.05 -0.10
N LYS A 40 -7.38 1.92 1.21
CA LYS A 40 -7.91 2.97 2.08
C LYS A 40 -7.11 4.24 1.94
N LEU A 41 -5.78 4.10 1.99
CA LEU A 41 -4.88 5.25 1.87
C LEU A 41 -4.97 5.86 0.47
N LYS A 42 -5.16 5.01 -0.53
CA LYS A 42 -5.26 5.47 -1.91
C LYS A 42 -6.35 6.53 -2.07
N THR A 43 -7.60 6.12 -1.90
CA THR A 43 -8.73 7.03 -2.03
C THR A 43 -8.60 8.20 -1.05
N ARG A 44 -7.96 7.95 0.09
CA ARG A 44 -7.77 8.99 1.10
C ARG A 44 -7.01 10.17 0.52
N LEU A 45 -5.76 9.93 0.12
CA LEU A 45 -4.92 10.97 -0.46
C LEU A 45 -5.68 11.76 -1.52
N GLU A 46 -6.56 11.07 -2.24
CA GLU A 46 -7.35 11.70 -3.29
C GLU A 46 -8.32 12.72 -2.70
N ARG A 47 -8.90 12.39 -1.55
CA ARG A 47 -9.85 13.29 -0.90
C ARG A 47 -9.13 14.21 0.09
N ASP A 48 -7.93 13.83 0.51
CA ASP A 48 -7.15 14.64 1.43
C ASP A 48 -6.29 15.64 0.69
N VAL A 49 -5.75 15.22 -0.45
CA VAL A 49 -4.91 16.09 -1.27
C VAL A 49 -5.74 16.83 -2.30
N GLY A 50 -6.81 16.19 -2.77
CA GLY A 50 -7.67 16.80 -3.76
C GLY A 50 -7.21 16.53 -5.18
N SER A 51 -6.06 15.88 -5.33
CA SER A 51 -5.52 15.56 -6.64
C SER A 51 -5.72 14.09 -6.98
N THR A 52 -5.70 13.78 -8.27
CA THR A 52 -5.88 12.41 -8.73
C THR A 52 -4.58 11.62 -8.62
N ILE A 53 -4.62 10.49 -7.94
CA ILE A 53 -3.43 9.65 -7.77
C ILE A 53 -3.10 8.91 -9.06
N PRO A 54 -1.84 8.97 -9.51
CA PRO A 54 -1.40 8.31 -10.74
C PRO A 54 -0.94 6.87 -10.50
N TYR A 55 -1.55 6.20 -9.54
CA TYR A 55 -1.20 4.82 -9.22
C TYR A 55 -2.31 3.85 -9.64
N ASP A 56 -1.94 2.63 -9.96
CA ASP A 56 -2.91 1.62 -10.37
C ASP A 56 -3.18 0.63 -9.24
N PHE A 57 -4.44 0.55 -8.81
CA PHE A 57 -4.82 -0.35 -7.73
C PHE A 57 -6.12 -1.09 -8.08
N PRO A 58 -6.00 -2.33 -8.60
CA PRO A 58 -7.16 -3.13 -8.98
C PRO A 58 -7.86 -3.74 -7.77
N GLU A 59 -9.04 -3.22 -7.46
CA GLU A 59 -9.82 -3.71 -6.32
C GLU A 59 -10.54 -5.01 -6.68
N LYS A 60 -11.18 -5.62 -5.69
CA LYS A 60 -11.90 -6.86 -5.89
C LYS A 60 -13.20 -6.62 -6.66
N PRO A 61 -13.44 -7.38 -7.74
CA PRO A 61 -14.66 -7.23 -8.55
C PRO A 61 -15.90 -7.74 -7.84
N GLY A 62 -17.03 -7.08 -8.07
CA GLY A 62 -18.27 -7.49 -7.44
C GLY A 62 -19.48 -7.26 -8.32
N VAL A 63 -19.57 -8.01 -9.41
CA VAL A 63 -20.68 -7.88 -10.35
C VAL A 63 -21.39 -9.21 -10.55
N LEU A 64 -20.80 -10.08 -11.36
CA LEU A 64 -21.38 -11.39 -11.63
C LEU A 64 -20.33 -12.49 -11.54
N ASP A 65 -19.44 -12.36 -10.55
CA ASP A 65 -18.38 -13.34 -10.35
C ASP A 65 -18.63 -14.15 -9.08
N ARG A 66 -19.07 -15.39 -9.25
CA ARG A 66 -19.35 -16.27 -8.11
C ARG A 66 -18.80 -17.67 -8.36
N ARG A 67 -18.99 -18.18 -9.58
CA ARG A 67 -18.51 -19.51 -9.94
C ARG A 67 -16.99 -19.56 -9.93
N TRP A 68 -16.37 -18.47 -10.36
CA TRP A 68 -14.91 -18.39 -10.41
C TRP A 68 -14.32 -18.54 -9.01
N GLN A 69 -14.80 -17.73 -8.08
CA GLN A 69 -14.32 -17.77 -6.70
C GLN A 69 -12.82 -17.50 -6.63
N ARG A 70 -12.38 -16.93 -5.50
CA ARG A 70 -10.98 -16.62 -5.31
C ARG A 70 -10.57 -16.84 -3.85
N ARG A 71 -9.37 -17.38 -3.66
CA ARG A 71 -8.85 -17.63 -2.33
C ARG A 71 -7.96 -16.50 -1.85
N TYR A 72 -8.26 -15.97 -0.67
CA TYR A 72 -7.48 -14.87 -0.11
C TYR A 72 -6.09 -15.33 0.31
N ASP A 73 -5.96 -16.62 0.60
CA ASP A 73 -4.69 -17.19 1.02
C ASP A 73 -4.04 -17.98 -0.11
N ASP A 74 -4.30 -17.55 -1.35
CA ASP A 74 -3.73 -18.21 -2.52
C ASP A 74 -2.44 -17.51 -2.97
N PRO A 75 -1.36 -18.28 -3.19
CA PRO A 75 -0.08 -17.73 -3.63
C PRO A 75 -0.15 -17.07 -4.99
N GLU A 76 -1.03 -17.60 -5.85
CA GLU A 76 -1.21 -17.06 -7.19
C GLU A 76 -1.66 -15.60 -7.13
N MET A 77 -2.52 -15.29 -6.17
CA MET A 77 -3.02 -13.93 -6.01
C MET A 77 -2.09 -13.13 -5.10
N ILE A 78 -1.47 -13.82 -4.15
CA ILE A 78 -0.54 -13.18 -3.22
C ILE A 78 0.73 -12.75 -3.93
N ASP A 79 1.25 -13.61 -4.79
CA ASP A 79 2.48 -13.32 -5.54
C ASP A 79 2.36 -11.99 -6.28
N GLU A 80 1.16 -11.68 -6.74
CA GLU A 80 0.91 -10.43 -7.47
C GLU A 80 0.56 -9.30 -6.51
N ARG A 81 -0.19 -9.63 -5.46
CA ARG A 81 -0.59 -8.64 -4.47
C ARG A 81 0.64 -7.97 -3.86
N ARG A 82 1.76 -8.70 -3.86
CA ARG A 82 3.00 -8.18 -3.31
C ARG A 82 3.45 -6.95 -4.07
N ILE A 83 3.65 -7.10 -5.39
CA ILE A 83 4.08 -5.99 -6.22
C ILE A 83 3.03 -4.88 -6.25
N GLY A 84 3.42 -3.71 -6.75
CA GLY A 84 2.50 -2.59 -6.82
C GLY A 84 2.53 -1.73 -5.57
N LEU A 85 2.47 -2.38 -4.41
CA LEU A 85 2.49 -1.66 -3.14
C LEU A 85 3.81 -0.93 -2.94
N GLU A 86 4.92 -1.64 -3.10
CA GLU A 86 6.24 -1.05 -2.93
C GLU A 86 6.43 0.16 -3.85
N ARG A 87 6.25 -0.05 -5.16
CA ARG A 87 6.41 1.02 -6.13
C ARG A 87 5.41 2.14 -5.87
N PHE A 88 4.27 1.81 -5.29
CA PHE A 88 3.24 2.79 -4.99
C PHE A 88 3.74 3.80 -3.97
N LEU A 89 4.63 3.34 -3.08
CA LEU A 89 5.18 4.21 -2.05
C LEU A 89 6.43 4.93 -2.55
N ASN A 90 7.26 4.21 -3.31
CA ASN A 90 8.49 4.78 -3.86
C ASN A 90 8.21 6.10 -4.57
N GLU A 91 7.36 6.04 -5.59
CA GLU A 91 7.01 7.23 -6.35
C GLU A 91 6.30 8.27 -5.49
N LEU A 92 5.82 7.84 -4.32
CA LEU A 92 5.12 8.74 -3.40
C LEU A 92 6.09 9.48 -2.49
N TYR A 93 6.91 8.72 -1.78
CA TYR A 93 7.89 9.30 -0.86
C TYR A 93 9.08 9.93 -1.59
N ASN A 94 9.17 9.68 -2.89
CA ASN A 94 10.29 10.23 -3.67
C ASN A 94 9.88 11.54 -4.35
N ASP A 95 9.27 12.43 -3.59
CA ASP A 95 8.84 13.72 -4.13
C ASP A 95 9.92 14.79 -3.91
N ARG A 96 9.94 15.78 -4.80
CA ARG A 96 10.93 16.86 -4.72
C ARG A 96 10.24 18.18 -4.39
N PHE A 97 9.64 18.80 -5.40
CA PHE A 97 8.96 20.07 -5.21
C PHE A 97 7.54 19.85 -4.69
N ASP A 98 6.88 18.83 -5.20
CA ASP A 98 5.52 18.50 -4.77
C ASP A 98 5.49 17.16 -4.05
N SER A 99 5.36 17.22 -2.73
CA SER A 99 5.32 16.01 -1.92
C SER A 99 4.07 15.98 -1.05
N ARG A 100 2.99 16.61 -1.53
CA ARG A 100 1.74 16.65 -0.79
C ARG A 100 1.24 15.25 -0.48
N TRP A 101 1.53 14.32 -1.39
CA TRP A 101 1.12 12.93 -1.22
C TRP A 101 1.72 12.32 0.04
N ARG A 102 3.03 12.48 0.21
CA ARG A 102 3.71 11.94 1.38
C ARG A 102 3.63 12.90 2.56
N ASP A 103 3.41 14.18 2.27
CA ASP A 103 3.30 15.20 3.32
C ASP A 103 2.00 15.03 4.11
N THR A 104 0.99 14.44 3.47
CA THR A 104 -0.29 14.21 4.11
C THR A 104 -0.12 13.46 5.43
N LYS A 105 -1.04 13.69 6.35
CA LYS A 105 -1.01 13.04 7.66
C LYS A 105 -1.31 11.54 7.51
N ILE A 106 -2.18 11.22 6.57
CA ILE A 106 -2.55 9.82 6.33
C ILE A 106 -1.34 9.01 5.89
N ALA A 107 -0.47 9.62 5.10
CA ALA A 107 0.72 8.94 4.62
C ALA A 107 1.65 8.59 5.78
N GLN A 108 1.91 9.56 6.64
CA GLN A 108 2.77 9.35 7.79
C GLN A 108 2.21 8.29 8.72
N ASP A 109 0.88 8.31 8.90
CA ASP A 109 0.23 7.33 9.77
C ASP A 109 0.28 5.94 9.15
N PHE A 110 0.37 5.88 7.83
CA PHE A 110 0.43 4.62 7.12
C PHE A 110 1.56 3.73 7.63
N LEU A 111 2.74 4.30 7.79
CA LEU A 111 3.90 3.55 8.27
C LEU A 111 4.22 3.88 9.72
N GLN A 112 3.25 4.45 10.43
CA GLN A 112 3.44 4.81 11.83
C GLN A 112 4.62 5.76 11.99
N LEU A 113 4.70 6.74 11.09
CA LEU A 113 5.79 7.72 11.12
C LEU A 113 5.44 8.89 12.04
N SER A 114 4.80 8.59 13.16
CA SER A 114 4.42 9.61 14.13
C SER A 114 4.36 9.02 15.54
N LYS A 115 5.05 9.66 16.47
CA LYS A 115 5.08 9.19 17.86
C LYS A 115 4.45 10.21 18.80
N PRO A 116 3.12 10.16 18.98
CA PRO A 116 2.40 11.08 19.87
C PRO A 116 2.86 10.97 21.32
N ASN A 117 3.28 12.08 21.89
CA ASN A 117 3.76 12.12 23.27
C ASN A 117 2.63 11.77 24.23
N LYS A 1 20.77 6.89 -17.12
CA LYS A 1 20.53 7.87 -16.02
C LYS A 1 19.87 7.20 -14.83
N MET A 2 20.21 7.67 -13.62
CA MET A 2 19.65 7.12 -12.40
C MET A 2 18.42 7.92 -11.96
N SER A 3 17.46 7.22 -11.37
CA SER A 3 16.23 7.85 -10.90
C SER A 3 16.17 7.87 -9.38
N GLU A 4 15.27 8.69 -8.84
CA GLU A 4 15.12 8.80 -7.39
C GLU A 4 14.07 7.82 -6.87
N LYS A 5 14.53 6.68 -6.38
CA LYS A 5 13.62 5.66 -5.85
C LYS A 5 13.88 5.41 -4.36
N LEU A 6 12.80 5.26 -3.61
CA LEU A 6 12.90 5.00 -2.17
C LEU A 6 13.23 3.54 -1.90
N ARG A 7 14.02 3.30 -0.86
CA ARG A 7 14.42 1.94 -0.50
C ARG A 7 13.25 1.19 0.13
N ILE A 8 12.60 0.35 -0.67
CA ILE A 8 11.48 -0.44 -0.20
C ILE A 8 11.51 -1.85 -0.80
N LYS A 9 11.23 -2.85 0.04
CA LYS A 9 11.24 -4.23 -0.41
C LYS A 9 10.25 -5.07 0.38
N VAL A 10 9.21 -5.55 -0.29
CA VAL A 10 8.20 -6.37 0.36
C VAL A 10 8.26 -7.81 -0.11
N ASP A 11 8.76 -8.69 0.75
CA ASP A 11 8.89 -10.10 0.41
C ASP A 11 8.42 -10.98 1.57
N ASP A 12 7.48 -10.48 2.37
CA ASP A 12 6.96 -11.22 3.51
C ASP A 12 5.43 -11.15 3.55
N VAL A 13 4.81 -12.28 3.84
CA VAL A 13 3.35 -12.34 3.91
C VAL A 13 2.90 -13.42 4.89
N LYS A 14 2.25 -13.00 5.98
CA LYS A 14 1.76 -13.93 6.99
C LYS A 14 0.28 -14.21 6.79
N ILE A 15 -0.03 -15.42 6.33
CA ILE A 15 -1.41 -15.81 6.09
C ILE A 15 -2.13 -16.08 7.41
N ASN A 16 -2.95 -15.12 7.84
CA ASN A 16 -3.70 -15.26 9.09
C ASN A 16 -5.12 -15.76 8.81
N PRO A 17 -5.66 -16.62 9.69
CA PRO A 17 -7.02 -17.16 9.53
C PRO A 17 -8.07 -16.06 9.35
N LYS A 18 -7.75 -14.86 9.80
CA LYS A 18 -8.67 -13.73 9.70
C LYS A 18 -8.37 -12.90 8.45
N TYR A 19 -7.09 -12.81 8.10
CA TYR A 19 -6.68 -12.03 6.93
C TYR A 19 -5.19 -12.21 6.65
N VAL A 20 -4.78 -11.87 5.43
CA VAL A 20 -3.39 -11.99 5.02
C VAL A 20 -2.66 -10.65 5.16
N LEU A 21 -1.54 -10.66 5.87
CA LEU A 21 -0.76 -9.44 6.06
C LEU A 21 0.44 -9.40 5.13
N TYR A 22 0.98 -8.20 4.90
CA TYR A 22 2.13 -8.02 4.04
C TYR A 22 3.26 -7.31 4.77
N GLY A 23 4.42 -7.94 4.81
CA GLY A 23 5.56 -7.36 5.50
C GLY A 23 6.37 -6.46 4.59
N VAL A 24 6.16 -5.15 4.70
CA VAL A 24 6.88 -4.18 3.89
C VAL A 24 8.19 -3.78 4.55
N SER A 25 9.29 -4.22 3.96
CA SER A 25 10.61 -3.92 4.50
C SER A 25 11.09 -2.54 4.04
N THR A 26 11.64 -1.77 4.98
CA THR A 26 12.14 -0.44 4.67
C THR A 26 13.27 -0.06 5.63
N PRO A 27 14.08 0.96 5.26
CA PRO A 27 15.20 1.42 6.09
C PRO A 27 14.86 1.45 7.58
N ASN A 28 13.59 1.70 7.87
CA ASN A 28 13.12 1.76 9.25
C ASN A 28 12.93 0.34 9.80
N LYS A 29 12.14 -0.45 9.08
CA LYS A 29 11.88 -1.84 9.47
C LYS A 29 10.70 -2.41 8.68
N ARG A 30 10.34 -3.66 8.98
CA ARG A 30 9.24 -4.32 8.30
C ARG A 30 7.90 -3.89 8.90
N LEU A 31 6.95 -3.57 8.02
CA LEU A 31 5.62 -3.15 8.45
C LEU A 31 4.54 -4.07 7.90
N TYR A 32 3.80 -4.71 8.79
CA TYR A 32 2.73 -5.61 8.39
C TYR A 32 1.44 -4.84 8.09
N LYS A 33 1.02 -4.87 6.83
CA LYS A 33 -0.20 -4.18 6.42
C LYS A 33 -1.07 -5.08 5.56
N ARG A 34 -2.25 -4.60 5.23
CA ARG A 34 -3.18 -5.37 4.41
C ARG A 34 -3.36 -4.74 3.03
N TYR A 35 -3.75 -5.55 2.05
CA TYR A 35 -3.95 -5.06 0.69
C TYR A 35 -4.99 -3.95 0.67
N SER A 36 -6.14 -4.21 1.27
CA SER A 36 -7.21 -3.22 1.34
C SER A 36 -6.73 -1.95 2.03
N GLU A 37 -5.74 -2.11 2.92
CA GLU A 37 -5.18 -0.98 3.65
C GLU A 37 -4.59 0.05 2.68
N PHE A 38 -3.82 -0.44 1.71
CA PHE A 38 -3.21 0.43 0.71
C PHE A 38 -4.29 1.22 -0.02
N TRP A 39 -5.26 0.50 -0.59
CA TRP A 39 -6.35 1.14 -1.32
C TRP A 39 -7.13 2.06 -0.38
N LYS A 40 -7.13 1.73 0.91
CA LYS A 40 -7.83 2.53 1.90
C LYS A 40 -7.20 3.90 2.04
N LEU A 41 -5.91 4.00 1.70
CA LEU A 41 -5.19 5.27 1.80
C LEU A 41 -5.29 6.05 0.49
N LYS A 42 -5.50 5.35 -0.61
CA LYS A 42 -5.61 5.97 -1.93
C LYS A 42 -6.74 6.99 -1.97
N THR A 43 -7.98 6.49 -1.99
CA THR A 43 -9.16 7.34 -2.04
C THR A 43 -9.04 8.54 -1.09
N ARG A 44 -8.37 8.35 0.03
CA ARG A 44 -8.19 9.42 1.00
C ARG A 44 -7.42 10.57 0.38
N LEU A 45 -6.19 10.28 -0.05
CA LEU A 45 -5.34 11.28 -0.67
C LEU A 45 -6.07 12.05 -1.76
N GLU A 46 -7.01 11.36 -2.42
CA GLU A 46 -7.79 11.98 -3.48
C GLU A 46 -8.57 13.18 -2.98
N ARG A 47 -9.31 13.00 -1.89
CA ARG A 47 -10.11 14.08 -1.31
C ARG A 47 -9.31 14.86 -0.27
N ASP A 48 -8.28 14.24 0.28
CA ASP A 48 -7.44 14.88 1.28
C ASP A 48 -6.47 15.85 0.62
N VAL A 49 -5.90 15.41 -0.51
CA VAL A 49 -4.96 16.24 -1.25
C VAL A 49 -5.69 17.08 -2.29
N GLY A 50 -6.80 16.54 -2.78
CA GLY A 50 -7.58 17.24 -3.78
C GLY A 50 -7.17 16.88 -5.20
N SER A 51 -6.03 16.22 -5.33
CA SER A 51 -5.54 15.80 -6.64
C SER A 51 -5.73 14.30 -6.86
N THR A 52 -5.65 13.88 -8.11
CA THR A 52 -5.82 12.48 -8.45
C THR A 52 -4.53 11.68 -8.18
N ILE A 53 -4.67 10.38 -8.02
CA ILE A 53 -3.52 9.52 -7.75
C ILE A 53 -3.12 8.73 -9.00
N PRO A 54 -1.85 8.82 -9.42
CA PRO A 54 -1.36 8.11 -10.60
C PRO A 54 -0.88 6.69 -10.30
N TYR A 55 -1.50 6.05 -9.31
CA TYR A 55 -1.13 4.70 -8.93
C TYR A 55 -2.14 3.69 -9.47
N ASP A 56 -1.65 2.53 -9.89
CA ASP A 56 -2.52 1.48 -10.43
C ASP A 56 -2.89 0.48 -9.33
N PHE A 57 -4.16 0.50 -8.94
CA PHE A 57 -4.66 -0.41 -7.91
C PHE A 57 -6.05 -0.94 -8.25
N PRO A 58 -6.13 -2.14 -8.85
CA PRO A 58 -7.41 -2.75 -9.23
C PRO A 58 -8.21 -3.22 -8.01
N GLU A 59 -9.39 -2.63 -7.82
CA GLU A 59 -10.25 -2.99 -6.70
C GLU A 59 -10.73 -4.43 -6.81
N LYS A 60 -11.50 -4.87 -5.83
CA LYS A 60 -12.03 -6.23 -5.81
C LYS A 60 -13.54 -6.23 -6.05
N PRO A 61 -13.97 -6.16 -7.32
CA PRO A 61 -15.39 -6.16 -7.66
C PRO A 61 -16.03 -7.54 -7.52
N GLY A 62 -17.33 -7.55 -7.24
CA GLY A 62 -18.04 -8.81 -7.08
C GLY A 62 -18.29 -9.16 -5.63
N VAL A 63 -19.38 -8.62 -5.08
CA VAL A 63 -19.74 -8.88 -3.69
C VAL A 63 -19.97 -10.38 -3.44
N LEU A 64 -21.13 -10.86 -3.84
CA LEU A 64 -21.46 -12.27 -3.66
C LEU A 64 -21.24 -13.05 -4.96
N ASP A 65 -20.00 -13.12 -5.39
CA ASP A 65 -19.65 -13.84 -6.61
C ASP A 65 -18.77 -15.04 -6.32
N ARG A 66 -19.13 -16.19 -6.87
CA ARG A 66 -18.36 -17.42 -6.66
C ARG A 66 -17.74 -17.90 -7.96
N ARG A 67 -18.37 -17.57 -9.09
CA ARG A 67 -17.87 -17.98 -10.40
C ARG A 67 -16.40 -17.62 -10.58
N TRP A 68 -16.10 -16.32 -10.50
CA TRP A 68 -14.72 -15.86 -10.65
C TRP A 68 -14.16 -15.34 -9.34
N GLN A 69 -14.54 -15.99 -8.24
CA GLN A 69 -14.08 -15.60 -6.92
C GLN A 69 -12.60 -15.92 -6.75
N ARG A 70 -12.01 -15.42 -5.66
CA ARG A 70 -10.60 -15.63 -5.38
C ARG A 70 -10.34 -15.68 -3.88
N ARG A 71 -9.54 -16.65 -3.44
CA ARG A 71 -9.22 -16.80 -2.03
C ARG A 71 -8.19 -15.76 -1.60
N TYR A 72 -8.49 -15.05 -0.52
CA TYR A 72 -7.59 -14.02 0.00
C TYR A 72 -6.27 -14.64 0.47
N ASP A 73 -6.33 -15.89 0.91
CA ASP A 73 -5.14 -16.59 1.39
C ASP A 73 -4.53 -17.46 0.28
N ASP A 74 -4.74 -17.05 -0.96
CA ASP A 74 -4.21 -17.79 -2.11
C ASP A 74 -2.86 -17.23 -2.53
N PRO A 75 -1.81 -18.07 -2.56
CA PRO A 75 -0.46 -17.64 -2.94
C PRO A 75 -0.40 -17.15 -4.39
N GLU A 76 -1.25 -17.72 -5.24
CA GLU A 76 -1.29 -17.34 -6.65
C GLU A 76 -1.65 -15.86 -6.79
N MET A 77 -2.58 -15.41 -5.96
CA MET A 77 -3.01 -14.01 -5.99
C MET A 77 -2.12 -13.16 -5.09
N ILE A 78 -1.66 -13.74 -4.00
CA ILE A 78 -0.80 -13.04 -3.05
C ILE A 78 0.54 -12.69 -3.69
N ASP A 79 1.02 -13.57 -4.58
CA ASP A 79 2.29 -13.37 -5.25
C ASP A 79 2.30 -12.03 -6.00
N GLU A 80 1.33 -11.85 -6.89
CA GLU A 80 1.24 -10.62 -7.67
C GLU A 80 0.87 -9.44 -6.79
N ARG A 81 -0.03 -9.67 -5.83
CA ARG A 81 -0.47 -8.62 -4.92
C ARG A 81 0.73 -8.00 -4.20
N ARG A 82 1.82 -8.76 -4.10
CA ARG A 82 3.04 -8.28 -3.45
C ARG A 82 3.61 -7.07 -4.20
N ILE A 83 3.88 -7.25 -5.48
CA ILE A 83 4.44 -6.18 -6.29
C ILE A 83 3.44 -5.04 -6.47
N GLY A 84 3.95 -3.87 -6.85
CA GLY A 84 3.10 -2.71 -7.04
C GLY A 84 2.97 -1.86 -5.80
N LEU A 85 3.18 -2.45 -4.64
CA LEU A 85 3.08 -1.73 -3.38
C LEU A 85 4.30 -0.84 -3.15
N GLU A 86 5.48 -1.40 -3.33
CA GLU A 86 6.73 -0.65 -3.14
C GLU A 86 6.76 0.61 -4.01
N ARG A 87 6.28 0.48 -5.25
CA ARG A 87 6.25 1.61 -6.17
C ARG A 87 5.21 2.65 -5.73
N PHE A 88 4.14 2.17 -5.11
CA PHE A 88 3.08 3.06 -4.63
C PHE A 88 3.62 4.02 -3.59
N LEU A 89 4.56 3.54 -2.79
CA LEU A 89 5.17 4.35 -1.74
C LEU A 89 6.37 5.13 -2.27
N ASN A 90 7.16 4.48 -3.12
CA ASN A 90 8.35 5.10 -3.70
C ASN A 90 8.02 6.45 -4.35
N GLU A 91 7.14 6.44 -5.34
CA GLU A 91 6.76 7.66 -6.04
C GLU A 91 6.07 8.65 -5.10
N LEU A 92 5.61 8.17 -3.95
CA LEU A 92 4.93 9.04 -2.98
C LEU A 92 5.93 9.65 -1.99
N TYR A 93 6.62 8.79 -1.24
CA TYR A 93 7.59 9.25 -0.26
C TYR A 93 8.81 9.87 -0.93
N ASN A 94 9.19 9.32 -2.08
CA ASN A 94 10.35 9.82 -2.81
C ASN A 94 9.96 10.99 -3.72
N ASP A 95 9.39 12.03 -3.12
CA ASP A 95 8.96 13.21 -3.86
C ASP A 95 9.75 14.44 -3.41
N ARG A 96 10.20 15.23 -4.38
CA ARG A 96 10.97 16.43 -4.09
C ARG A 96 10.21 17.69 -4.53
N PHE A 97 9.53 17.58 -5.67
CA PHE A 97 8.76 18.71 -6.21
C PHE A 97 7.49 18.93 -5.40
N ASP A 98 6.69 17.89 -5.27
CA ASP A 98 5.44 17.98 -4.53
C ASP A 98 5.28 16.79 -3.59
N SER A 99 5.39 17.05 -2.29
CA SER A 99 5.26 16.00 -1.28
C SER A 99 3.91 16.07 -0.59
N ARG A 100 2.92 16.63 -1.27
CA ARG A 100 1.57 16.74 -0.71
C ARG A 100 1.02 15.35 -0.40
N TRP A 101 1.38 14.40 -1.24
CA TRP A 101 0.93 13.02 -1.08
C TRP A 101 1.48 12.40 0.21
N ARG A 102 2.73 12.71 0.52
CA ARG A 102 3.36 12.18 1.72
C ARG A 102 3.13 13.09 2.92
N ASP A 103 2.91 14.38 2.64
CA ASP A 103 2.68 15.36 3.70
C ASP A 103 1.36 15.08 4.41
N THR A 104 0.40 14.53 3.67
CA THR A 104 -0.91 14.22 4.23
C THR A 104 -0.79 13.37 5.50
N LYS A 105 -1.64 13.63 6.47
CA LYS A 105 -1.63 12.90 7.73
C LYS A 105 -1.92 11.42 7.48
N ILE A 106 -2.76 11.14 6.49
CA ILE A 106 -3.11 9.77 6.15
C ILE A 106 -1.89 8.99 5.67
N ALA A 107 -1.04 9.64 4.90
CA ALA A 107 0.16 9.02 4.38
C ALA A 107 1.13 8.67 5.50
N GLN A 108 1.25 9.58 6.46
CA GLN A 108 2.14 9.39 7.60
C GLN A 108 1.61 8.28 8.52
N ASP A 109 0.30 8.29 8.75
CA ASP A 109 -0.33 7.30 9.61
C ASP A 109 -0.24 5.91 9.00
N PHE A 110 0.03 5.84 7.70
CA PHE A 110 0.14 4.57 7.00
C PHE A 110 1.22 3.69 7.63
N LEU A 111 2.39 4.27 7.88
CA LEU A 111 3.51 3.53 8.47
C LEU A 111 3.76 4.00 9.90
N GLN A 112 2.72 4.48 10.56
CA GLN A 112 2.83 4.96 11.94
C GLN A 112 3.86 6.08 12.04
N LEU A 113 3.85 6.97 11.06
CA LEU A 113 4.77 8.10 11.03
C LEU A 113 4.14 9.34 11.66
N SER A 114 3.44 9.14 12.76
CA SER A 114 2.77 10.25 13.46
C SER A 114 2.13 9.77 14.76
N LYS A 115 1.28 10.61 15.33
CA LYS A 115 0.60 10.28 16.58
C LYS A 115 -0.86 9.87 16.31
N PRO A 116 -1.16 8.57 16.37
CA PRO A 116 -2.51 8.07 16.14
C PRO A 116 -3.56 8.80 16.96
N ASN A 117 -4.48 9.48 16.28
CA ASN A 117 -5.52 10.24 16.95
C ASN A 117 -6.90 9.83 16.43
N LYS A 1 17.41 14.78 -15.96
CA LYS A 1 16.74 13.46 -16.07
C LYS A 1 17.18 12.52 -14.95
N MET A 2 17.30 13.06 -13.74
CA MET A 2 17.72 12.27 -12.58
C MET A 2 16.54 11.98 -11.67
N SER A 3 16.06 10.74 -11.68
CA SER A 3 14.94 10.33 -10.85
C SER A 3 15.41 9.49 -9.67
N GLU A 4 15.03 9.91 -8.47
CA GLU A 4 15.41 9.19 -7.25
C GLU A 4 14.36 8.14 -6.89
N LYS A 5 14.82 7.02 -6.34
CA LYS A 5 13.92 5.94 -5.95
C LYS A 5 14.17 5.52 -4.50
N LEU A 6 13.10 5.19 -3.79
CA LEU A 6 13.21 4.77 -2.40
C LEU A 6 13.42 3.26 -2.31
N ARG A 7 14.23 2.84 -1.34
CA ARG A 7 14.52 1.42 -1.16
C ARG A 7 13.38 0.72 -0.42
N ILE A 8 12.54 0.03 -1.19
CA ILE A 8 11.41 -0.69 -0.62
C ILE A 8 11.28 -2.08 -1.25
N LYS A 9 11.53 -3.11 -0.45
CA LYS A 9 11.44 -4.49 -0.93
C LYS A 9 10.50 -5.30 -0.04
N VAL A 10 9.73 -6.19 -0.67
CA VAL A 10 8.79 -7.03 0.06
C VAL A 10 9.02 -8.51 -0.25
N ASP A 11 9.17 -9.30 0.81
CA ASP A 11 9.38 -10.74 0.66
C ASP A 11 8.84 -11.51 1.85
N ASP A 12 7.84 -10.92 2.53
CA ASP A 12 7.24 -11.56 3.70
C ASP A 12 5.72 -11.34 3.70
N VAL A 13 5.00 -12.36 4.16
CA VAL A 13 3.54 -12.28 4.22
C VAL A 13 2.99 -13.15 5.34
N LYS A 14 2.06 -12.59 6.11
CA LYS A 14 1.45 -13.31 7.23
C LYS A 14 -0.03 -13.58 6.96
N ILE A 15 -0.36 -14.84 6.72
CA ILE A 15 -1.74 -15.23 6.45
C ILE A 15 -2.53 -15.39 7.74
N ASN A 16 -3.44 -14.44 7.99
CA ASN A 16 -4.26 -14.47 9.19
C ASN A 16 -5.73 -14.72 8.82
N PRO A 17 -6.48 -15.42 9.68
CA PRO A 17 -7.89 -15.72 9.45
C PRO A 17 -8.71 -14.46 9.13
N LYS A 18 -8.22 -13.32 9.60
CA LYS A 18 -8.91 -12.05 9.36
C LYS A 18 -8.46 -11.41 8.06
N TYR A 19 -7.16 -11.48 7.78
CA TYR A 19 -6.62 -10.90 6.55
C TYR A 19 -5.14 -11.24 6.39
N VAL A 20 -4.64 -11.10 5.16
CA VAL A 20 -3.24 -11.40 4.86
C VAL A 20 -2.39 -10.15 4.94
N LEU A 21 -1.33 -10.20 5.73
CA LEU A 21 -0.44 -9.06 5.90
C LEU A 21 0.80 -9.20 5.00
N TYR A 22 1.46 -8.08 4.75
CA TYR A 22 2.66 -8.07 3.91
C TYR A 22 3.82 -7.37 4.62
N GLY A 23 4.94 -8.08 4.75
CA GLY A 23 6.10 -7.51 5.40
C GLY A 23 6.94 -6.69 4.44
N VAL A 24 6.67 -5.39 4.37
CA VAL A 24 7.41 -4.50 3.48
C VAL A 24 8.67 -3.96 4.14
N SER A 25 9.80 -4.18 3.49
CA SER A 25 11.09 -3.71 4.00
C SER A 25 11.44 -2.33 3.46
N THR A 26 11.80 -1.43 4.36
CA THR A 26 12.16 -0.06 3.99
C THR A 26 13.08 0.55 5.03
N PRO A 27 13.66 1.74 4.77
CA PRO A 27 14.55 2.41 5.71
C PRO A 27 13.92 2.53 7.10
N ASN A 28 12.60 2.59 7.13
CA ASN A 28 11.86 2.70 8.38
C ASN A 28 11.80 1.36 9.10
N LYS A 29 12.18 0.29 8.39
CA LYS A 29 12.20 -1.08 8.89
C LYS A 29 11.05 -1.88 8.30
N ARG A 30 10.80 -3.07 8.84
CA ARG A 30 9.73 -3.93 8.34
C ARG A 30 8.38 -3.50 8.91
N LEU A 31 7.41 -3.33 8.02
CA LEU A 31 6.07 -2.91 8.41
C LEU A 31 5.02 -3.75 7.70
N TYR A 32 4.05 -4.27 8.48
CA TYR A 32 2.99 -5.09 7.92
C TYR A 32 1.92 -4.22 7.26
N LYS A 33 1.48 -4.65 6.07
CA LYS A 33 0.47 -3.90 5.33
C LYS A 33 -0.69 -4.81 4.94
N ARG A 34 -1.72 -4.20 4.36
CA ARG A 34 -2.91 -4.95 3.93
C ARG A 34 -3.36 -4.47 2.55
N TYR A 35 -3.80 -5.41 1.72
CA TYR A 35 -4.27 -5.07 0.38
C TYR A 35 -5.38 -4.02 0.43
N SER A 36 -6.48 -4.36 1.10
CA SER A 36 -7.60 -3.46 1.23
C SER A 36 -7.18 -2.16 1.90
N GLU A 37 -6.12 -2.23 2.70
CA GLU A 37 -5.61 -1.06 3.41
C GLU A 37 -5.02 -0.06 2.43
N PHE A 38 -4.26 -0.56 1.46
CA PHE A 38 -3.63 0.30 0.46
C PHE A 38 -4.69 1.12 -0.28
N TRP A 39 -5.65 0.42 -0.89
CA TRP A 39 -6.72 1.10 -1.61
C TRP A 39 -7.50 2.00 -0.66
N LYS A 40 -7.55 1.61 0.61
CA LYS A 40 -8.25 2.38 1.63
C LYS A 40 -7.58 3.75 1.83
N LEU A 41 -6.29 3.83 1.51
CA LEU A 41 -5.54 5.06 1.67
C LEU A 41 -5.60 5.90 0.40
N LYS A 42 -5.74 5.23 -0.75
CA LYS A 42 -5.79 5.90 -2.04
C LYS A 42 -6.92 6.93 -2.08
N THR A 43 -8.16 6.44 -2.14
CA THR A 43 -9.34 7.32 -2.21
C THR A 43 -9.25 8.47 -1.20
N ARG A 44 -8.61 8.22 -0.06
CA ARG A 44 -8.45 9.24 0.96
C ARG A 44 -7.61 10.40 0.42
N LEU A 45 -6.38 10.07 0.04
CA LEU A 45 -5.46 11.06 -0.51
C LEU A 45 -6.16 11.93 -1.56
N GLU A 46 -7.11 11.33 -2.26
CA GLU A 46 -7.86 12.05 -3.30
C GLU A 46 -8.76 13.11 -2.70
N ARG A 47 -9.46 12.76 -1.63
CA ARG A 47 -10.36 13.68 -0.95
C ARG A 47 -9.62 14.55 0.07
N ASP A 48 -8.45 14.07 0.50
CA ASP A 48 -7.64 14.80 1.48
C ASP A 48 -6.71 15.77 0.78
N VAL A 49 -6.15 15.35 -0.36
CA VAL A 49 -5.23 16.19 -1.12
C VAL A 49 -5.98 16.96 -2.19
N GLY A 50 -7.05 16.38 -2.71
CA GLY A 50 -7.83 17.03 -3.75
C GLY A 50 -7.35 16.71 -5.14
N SER A 51 -6.20 16.04 -5.23
CA SER A 51 -5.63 15.67 -6.52
C SER A 51 -5.83 14.18 -6.80
N THR A 52 -5.62 13.79 -8.05
CA THR A 52 -5.78 12.39 -8.45
C THR A 52 -4.49 11.60 -8.20
N ILE A 53 -4.63 10.39 -7.69
CA ILE A 53 -3.48 9.54 -7.41
C ILE A 53 -2.98 8.85 -8.69
N PRO A 54 -1.67 8.97 -8.99
CA PRO A 54 -1.08 8.36 -10.19
C PRO A 54 -0.65 6.92 -9.99
N TYR A 55 -1.43 6.15 -9.23
CA TYR A 55 -1.10 4.75 -8.98
C TYR A 55 -2.22 3.84 -9.47
N ASP A 56 -1.84 2.69 -10.03
CA ASP A 56 -2.81 1.73 -10.55
C ASP A 56 -3.25 0.77 -9.46
N PHE A 57 -4.52 0.37 -9.50
CA PHE A 57 -5.08 -0.54 -8.51
C PHE A 57 -6.20 -1.39 -9.11
N PRO A 58 -5.91 -2.64 -9.47
CA PRO A 58 -6.91 -3.54 -10.05
C PRO A 58 -7.96 -3.99 -9.03
N GLU A 59 -9.17 -3.48 -9.19
CA GLU A 59 -10.27 -3.82 -8.29
C GLU A 59 -11.30 -4.71 -8.98
N LYS A 60 -11.83 -5.68 -8.25
CA LYS A 60 -12.82 -6.59 -8.81
C LYS A 60 -13.98 -6.79 -7.83
N PRO A 61 -15.22 -6.55 -8.27
CA PRO A 61 -16.41 -6.71 -7.42
C PRO A 61 -16.49 -8.10 -6.80
N GLY A 62 -17.12 -8.19 -5.63
CA GLY A 62 -17.25 -9.46 -4.94
C GLY A 62 -18.23 -9.39 -3.80
N VAL A 63 -19.52 -9.34 -4.11
CA VAL A 63 -20.55 -9.27 -3.09
C VAL A 63 -21.03 -10.67 -2.71
N LEU A 64 -21.89 -11.25 -3.54
CA LEU A 64 -22.43 -12.59 -3.28
C LEU A 64 -21.64 -13.64 -4.06
N ASP A 65 -20.32 -13.51 -4.07
CA ASP A 65 -19.46 -14.45 -4.77
C ASP A 65 -18.92 -15.50 -3.81
N ARG A 66 -19.04 -16.77 -4.21
CA ARG A 66 -18.57 -17.88 -3.38
C ARG A 66 -17.43 -18.61 -4.08
N ARG A 67 -17.55 -18.77 -5.39
CA ARG A 67 -16.53 -19.46 -6.18
C ARG A 67 -15.82 -18.49 -7.12
N TRP A 68 -16.59 -17.54 -7.65
CA TRP A 68 -16.05 -16.55 -8.57
C TRP A 68 -14.98 -15.71 -7.90
N GLN A 69 -15.22 -15.36 -6.63
CA GLN A 69 -14.28 -14.55 -5.87
C GLN A 69 -12.97 -15.30 -5.65
N ARG A 70 -11.94 -14.58 -5.20
CA ARG A 70 -10.64 -15.18 -4.94
C ARG A 70 -10.37 -15.27 -3.45
N ARG A 71 -9.69 -16.33 -3.04
CA ARG A 71 -9.35 -16.54 -1.62
C ARG A 71 -8.29 -15.54 -1.17
N TYR A 72 -8.64 -14.71 -0.20
CA TYR A 72 -7.71 -13.72 0.32
C TYR A 72 -6.41 -14.36 0.80
N ASP A 73 -6.49 -15.64 1.17
CA ASP A 73 -5.32 -16.37 1.64
C ASP A 73 -4.79 -17.31 0.56
N ASP A 74 -4.96 -16.91 -0.70
CA ASP A 74 -4.50 -17.71 -1.83
C ASP A 74 -3.10 -17.28 -2.26
N PRO A 75 -2.10 -18.17 -2.14
CA PRO A 75 -0.72 -17.87 -2.54
C PRO A 75 -0.63 -17.32 -3.96
N GLU A 76 -1.50 -17.81 -4.83
CA GLU A 76 -1.51 -17.37 -6.22
C GLU A 76 -1.73 -15.87 -6.32
N MET A 77 -2.78 -15.39 -5.67
CA MET A 77 -3.10 -13.96 -5.67
C MET A 77 -2.11 -13.20 -4.80
N ILE A 78 -1.68 -13.83 -3.72
CA ILE A 78 -0.72 -13.21 -2.80
C ILE A 78 0.62 -12.95 -3.49
N ASP A 79 0.99 -13.85 -4.39
CA ASP A 79 2.25 -13.72 -5.12
C ASP A 79 2.34 -12.36 -5.83
N GLU A 80 1.42 -12.14 -6.77
CA GLU A 80 1.40 -10.88 -7.51
C GLU A 80 1.21 -9.70 -6.57
N ARG A 81 0.32 -9.85 -5.59
CA ARG A 81 0.05 -8.79 -4.63
C ARG A 81 1.33 -8.39 -3.91
N ARG A 82 2.31 -9.30 -3.88
CA ARG A 82 3.58 -9.03 -3.22
C ARG A 82 4.32 -7.89 -3.91
N ILE A 83 4.18 -7.80 -5.23
CA ILE A 83 4.83 -6.74 -5.99
C ILE A 83 3.82 -5.69 -6.44
N GLY A 84 4.28 -4.45 -6.57
CA GLY A 84 3.41 -3.38 -6.98
C GLY A 84 3.19 -2.35 -5.89
N LEU A 85 3.09 -2.83 -4.65
CA LEU A 85 2.87 -1.94 -3.50
C LEU A 85 4.14 -1.14 -3.19
N GLU A 86 5.30 -1.80 -3.31
CA GLU A 86 6.57 -1.14 -3.04
C GLU A 86 6.75 0.09 -3.93
N ARG A 87 6.33 -0.03 -5.18
CA ARG A 87 6.46 1.07 -6.13
C ARG A 87 5.50 2.21 -5.76
N PHE A 88 4.33 1.85 -5.26
CA PHE A 88 3.33 2.83 -4.86
C PHE A 88 3.88 3.77 -3.80
N LEU A 89 4.78 3.26 -2.97
CA LEU A 89 5.40 4.05 -1.91
C LEU A 89 6.63 4.79 -2.41
N ASN A 90 7.37 4.16 -3.30
CA ASN A 90 8.58 4.77 -3.85
C ASN A 90 8.30 6.11 -4.51
N GLU A 91 7.45 6.10 -5.54
CA GLU A 91 7.10 7.32 -6.26
C GLU A 91 6.47 8.35 -5.33
N LEU A 92 5.92 7.90 -4.22
CA LEU A 92 5.28 8.80 -3.26
C LEU A 92 6.30 9.35 -2.26
N TYR A 93 7.00 8.45 -1.58
CA TYR A 93 7.99 8.85 -0.57
C TYR A 93 9.18 9.55 -1.22
N ASN A 94 9.45 9.24 -2.48
CA ASN A 94 10.57 9.84 -3.19
C ASN A 94 10.15 11.18 -3.81
N ASP A 95 9.68 12.09 -2.97
CA ASP A 95 9.25 13.40 -3.44
C ASP A 95 9.74 14.49 -2.49
N ARG A 96 10.50 15.44 -3.04
CA ARG A 96 11.04 16.54 -2.23
C ARG A 96 10.38 17.86 -2.62
N PHE A 97 9.99 17.98 -3.88
CA PHE A 97 9.34 19.20 -4.37
C PHE A 97 7.87 19.24 -3.96
N ASP A 98 7.19 18.11 -4.13
CA ASP A 98 5.78 18.00 -3.77
C ASP A 98 5.52 16.79 -2.89
N SER A 99 5.36 17.01 -1.60
CA SER A 99 5.11 15.93 -0.66
C SER A 99 3.71 16.00 -0.09
N ARG A 100 2.78 16.55 -0.87
CA ARG A 100 1.39 16.67 -0.42
C ARG A 100 0.78 15.29 -0.20
N TRP A 101 1.24 14.32 -0.98
CA TRP A 101 0.74 12.96 -0.87
C TRP A 101 1.18 12.30 0.43
N ARG A 102 2.42 12.58 0.83
CA ARG A 102 2.96 12.02 2.07
C ARG A 102 2.68 12.92 3.26
N ASP A 103 2.52 14.22 2.99
CA ASP A 103 2.24 15.19 4.04
C ASP A 103 0.92 14.85 4.74
N THR A 104 -0.04 14.36 3.97
CA THR A 104 -1.34 14.00 4.50
C THR A 104 -1.21 13.13 5.74
N LYS A 105 -2.11 13.33 6.70
CA LYS A 105 -2.09 12.57 7.94
C LYS A 105 -2.29 11.08 7.67
N ILE A 106 -3.03 10.77 6.61
CA ILE A 106 -3.30 9.39 6.24
C ILE A 106 -2.03 8.70 5.74
N ALA A 107 -1.22 9.44 4.99
CA ALA A 107 0.02 8.90 4.44
C ALA A 107 1.06 8.72 5.55
N GLN A 108 1.07 9.64 6.50
CA GLN A 108 2.01 9.58 7.62
C GLN A 108 1.65 8.46 8.57
N ASP A 109 0.37 8.12 8.64
CA ASP A 109 -0.11 7.06 9.52
C ASP A 109 0.00 5.69 8.85
N PHE A 110 0.19 5.69 7.53
CA PHE A 110 0.33 4.45 6.78
C PHE A 110 1.40 3.54 7.38
N LEU A 111 2.56 4.12 7.65
CA LEU A 111 3.67 3.35 8.21
C LEU A 111 3.92 3.76 9.67
N GLN A 112 2.88 4.22 10.35
CA GLN A 112 2.99 4.65 11.73
C GLN A 112 4.21 5.55 11.94
N LEU A 113 4.31 6.59 11.11
CA LEU A 113 5.42 7.52 11.17
C LEU A 113 5.11 8.67 12.12
N SER A 114 4.37 8.36 13.17
CA SER A 114 4.01 9.37 14.17
C SER A 114 4.99 9.35 15.34
N LYS A 115 5.88 10.34 15.36
CA LYS A 115 6.88 10.44 16.42
C LYS A 115 6.24 10.87 17.74
N PRO A 116 6.70 10.29 18.87
CA PRO A 116 6.17 10.62 20.20
C PRO A 116 6.65 11.98 20.69
N ASN A 117 5.73 12.77 21.23
CA ASN A 117 6.07 14.10 21.75
C ASN A 117 6.36 14.04 23.24
N LYS A 1 18.73 16.06 -14.56
CA LYS A 1 18.56 15.70 -13.14
C LYS A 1 17.91 14.31 -12.99
N MET A 2 18.58 13.42 -12.29
CA MET A 2 18.06 12.07 -12.08
C MET A 2 17.04 12.05 -10.95
N SER A 3 16.41 10.90 -10.76
CA SER A 3 15.39 10.73 -9.72
C SER A 3 15.89 9.84 -8.60
N GLU A 4 15.54 10.17 -7.37
CA GLU A 4 15.96 9.40 -6.21
C GLU A 4 14.79 8.59 -5.65
N LYS A 5 14.65 7.35 -6.11
CA LYS A 5 13.57 6.48 -5.66
C LYS A 5 13.88 5.90 -4.28
N LEU A 6 12.84 5.70 -3.48
CA LEU A 6 13.00 5.14 -2.14
C LEU A 6 13.25 3.64 -2.20
N ARG A 7 14.08 3.16 -1.29
CA ARG A 7 14.41 1.73 -1.24
C ARG A 7 13.42 0.96 -0.37
N ILE A 8 12.48 0.29 -1.02
CA ILE A 8 11.46 -0.49 -0.32
C ILE A 8 11.33 -1.88 -0.92
N LYS A 9 11.51 -2.90 -0.11
CA LYS A 9 11.42 -4.28 -0.57
C LYS A 9 10.50 -5.10 0.33
N VAL A 10 9.67 -5.93 -0.29
CA VAL A 10 8.73 -6.77 0.46
C VAL A 10 9.08 -8.25 0.31
N ASP A 11 9.42 -8.88 1.43
CA ASP A 11 9.79 -10.29 1.43
C ASP A 11 9.23 -11.00 2.67
N ASP A 12 8.10 -10.51 3.16
CA ASP A 12 7.47 -11.11 4.33
C ASP A 12 5.94 -11.11 4.19
N VAL A 13 5.34 -12.26 4.45
CA VAL A 13 3.89 -12.40 4.34
C VAL A 13 3.35 -13.40 5.37
N LYS A 14 2.39 -12.95 6.18
CA LYS A 14 1.80 -13.80 7.20
C LYS A 14 0.32 -14.04 6.91
N ILE A 15 0.00 -15.26 6.49
CA ILE A 15 -1.39 -15.61 6.18
C ILE A 15 -2.22 -15.77 7.45
N ASN A 16 -2.97 -14.73 7.80
CA ASN A 16 -3.81 -14.76 8.98
C ASN A 16 -5.23 -15.18 8.62
N PRO A 17 -5.88 -15.99 9.50
CA PRO A 17 -7.23 -16.47 9.26
C PRO A 17 -8.22 -15.33 8.98
N LYS A 18 -7.88 -14.13 9.41
CA LYS A 18 -8.73 -12.96 9.21
C LYS A 18 -8.31 -12.18 7.97
N TYR A 19 -7.01 -12.18 7.68
CA TYR A 19 -6.50 -11.46 6.53
C TYR A 19 -5.01 -11.74 6.32
N VAL A 20 -4.52 -11.46 5.12
CA VAL A 20 -3.12 -11.68 4.78
C VAL A 20 -2.31 -10.39 4.91
N LEU A 21 -1.34 -10.39 5.82
CA LEU A 21 -0.50 -9.23 6.05
C LEU A 21 0.74 -9.25 5.14
N TYR A 22 1.34 -8.08 4.94
CA TYR A 22 2.53 -7.97 4.10
C TYR A 22 3.61 -7.16 4.81
N GLY A 23 4.78 -7.76 4.96
CA GLY A 23 5.89 -7.08 5.62
C GLY A 23 6.76 -6.31 4.65
N VAL A 24 6.52 -5.01 4.55
CA VAL A 24 7.30 -4.16 3.65
C VAL A 24 8.55 -3.64 4.34
N SER A 25 9.71 -4.04 3.81
CA SER A 25 10.99 -3.61 4.37
C SER A 25 11.38 -2.23 3.88
N THR A 26 11.94 -1.42 4.78
CA THR A 26 12.35 -0.06 4.45
C THR A 26 13.49 0.39 5.35
N PRO A 27 14.20 1.47 4.97
CA PRO A 27 15.32 2.00 5.75
C PRO A 27 15.03 2.04 7.25
N ASN A 28 13.76 2.19 7.59
CA ASN A 28 13.34 2.24 8.99
C ASN A 28 13.20 0.83 9.55
N LYS A 29 12.42 0.00 8.85
CA LYS A 29 12.18 -1.38 9.25
C LYS A 29 11.04 -1.99 8.46
N ARG A 30 10.70 -3.24 8.78
CA ARG A 30 9.61 -3.93 8.10
C ARG A 30 8.26 -3.51 8.67
N LEU A 31 7.36 -3.10 7.79
CA LEU A 31 6.03 -2.67 8.20
C LEU A 31 4.96 -3.63 7.69
N TYR A 32 3.97 -3.92 8.53
CA TYR A 32 2.90 -4.82 8.17
C TYR A 32 1.63 -4.06 7.81
N LYS A 33 1.05 -4.39 6.66
CA LYS A 33 -0.17 -3.73 6.20
C LYS A 33 -1.12 -4.73 5.54
N ARG A 34 -2.31 -4.26 5.18
CA ARG A 34 -3.31 -5.11 4.54
C ARG A 34 -3.68 -4.56 3.17
N TYR A 35 -4.20 -5.44 2.31
CA TYR A 35 -4.60 -5.02 0.97
C TYR A 35 -5.65 -3.93 1.02
N SER A 36 -6.76 -4.22 1.70
CA SER A 36 -7.86 -3.26 1.83
C SER A 36 -7.35 -1.94 2.41
N GLU A 37 -6.25 -1.99 3.15
CA GLU A 37 -5.67 -0.80 3.75
C GLU A 37 -5.03 0.09 2.70
N PHE A 38 -4.32 -0.52 1.76
CA PHE A 38 -3.66 0.22 0.70
C PHE A 38 -4.67 1.01 -0.13
N TRP A 39 -5.71 0.31 -0.59
CA TRP A 39 -6.75 0.96 -1.39
C TRP A 39 -7.39 2.10 -0.61
N LYS A 40 -7.56 1.90 0.69
CA LYS A 40 -8.16 2.91 1.55
C LYS A 40 -7.34 4.20 1.50
N LEU A 41 -6.02 4.07 1.55
CA LEU A 41 -5.13 5.22 1.50
C LEU A 41 -5.19 5.90 0.13
N LYS A 42 -5.38 5.09 -0.90
CA LYS A 42 -5.45 5.61 -2.27
C LYS A 42 -6.59 6.62 -2.42
N THR A 43 -7.82 6.13 -2.38
CA THR A 43 -8.99 6.98 -2.52
C THR A 43 -8.98 8.12 -1.51
N ARG A 44 -8.33 7.90 -0.37
CA ARG A 44 -8.25 8.94 0.65
C ARG A 44 -7.48 10.15 0.13
N LEU A 45 -6.21 9.93 -0.22
CA LEU A 45 -5.38 11.00 -0.74
C LEU A 45 -6.12 11.81 -1.81
N GLU A 46 -6.98 11.14 -2.55
CA GLU A 46 -7.75 11.80 -3.61
C GLU A 46 -8.69 12.85 -3.01
N ARG A 47 -9.33 12.50 -1.91
CA ARG A 47 -10.26 13.41 -1.25
C ARG A 47 -9.55 14.27 -0.20
N ASP A 48 -8.39 13.81 0.25
CA ASP A 48 -7.62 14.54 1.26
C ASP A 48 -6.68 15.55 0.60
N VAL A 49 -6.05 15.13 -0.49
CA VAL A 49 -5.12 15.98 -1.21
C VAL A 49 -5.85 16.79 -2.28
N GLY A 50 -6.90 16.20 -2.84
CA GLY A 50 -7.67 16.88 -3.87
C GLY A 50 -6.99 16.83 -5.22
N SER A 51 -6.08 15.88 -5.40
CA SER A 51 -5.36 15.73 -6.66
C SER A 51 -5.52 14.32 -7.22
N THR A 52 -5.25 14.16 -8.51
CA THR A 52 -5.36 12.87 -9.16
C THR A 52 -4.11 12.03 -8.92
N ILE A 53 -4.25 10.96 -8.16
CA ILE A 53 -3.13 10.08 -7.86
C ILE A 53 -2.66 9.33 -9.12
N PRO A 54 -1.35 9.36 -9.41
CA PRO A 54 -0.79 8.70 -10.59
C PRO A 54 -0.64 7.18 -10.41
N TYR A 55 -1.27 6.63 -9.38
CA TYR A 55 -1.18 5.20 -9.11
C TYR A 55 -2.43 4.48 -9.62
N ASP A 56 -2.26 3.23 -10.03
CA ASP A 56 -3.37 2.43 -10.54
C ASP A 56 -3.70 1.29 -9.58
N PHE A 57 -4.91 1.31 -9.03
CA PHE A 57 -5.34 0.28 -8.10
C PHE A 57 -6.72 -0.27 -8.49
N PRO A 58 -6.74 -1.39 -9.23
CA PRO A 58 -7.99 -2.02 -9.68
C PRO A 58 -8.55 -2.99 -8.64
N GLU A 59 -9.87 -2.94 -8.44
CA GLU A 59 -10.53 -3.82 -7.49
C GLU A 59 -12.01 -3.96 -7.81
N LYS A 60 -12.65 -4.95 -7.19
CA LYS A 60 -14.07 -5.18 -7.41
C LYS A 60 -14.75 -5.67 -6.13
N PRO A 61 -15.95 -5.16 -5.83
CA PRO A 61 -16.70 -5.55 -4.63
C PRO A 61 -17.27 -6.96 -4.74
N GLY A 62 -17.27 -7.67 -3.62
CA GLY A 62 -17.79 -9.03 -3.61
C GLY A 62 -18.03 -9.55 -2.21
N VAL A 63 -19.08 -9.03 -1.56
CA VAL A 63 -19.41 -9.44 -0.21
C VAL A 63 -20.39 -10.63 -0.21
N LEU A 64 -21.66 -10.33 -0.46
CA LEU A 64 -22.69 -11.37 -0.49
C LEU A 64 -22.91 -11.88 -1.92
N ASP A 65 -21.82 -12.07 -2.66
CA ASP A 65 -21.91 -12.55 -4.03
C ASP A 65 -21.14 -13.86 -4.18
N ARG A 66 -21.87 -14.97 -4.13
CA ARG A 66 -21.26 -16.29 -4.26
C ARG A 66 -21.27 -16.76 -5.71
N ARG A 67 -20.17 -16.51 -6.40
CA ARG A 67 -20.02 -16.89 -7.80
C ARG A 67 -18.55 -16.98 -8.18
N TRP A 68 -17.85 -15.86 -8.01
CA TRP A 68 -16.43 -15.80 -8.33
C TRP A 68 -15.59 -15.87 -7.04
N GLN A 69 -16.11 -16.59 -6.05
CA GLN A 69 -15.41 -16.73 -4.78
C GLN A 69 -14.00 -17.26 -4.98
N ARG A 70 -13.06 -16.69 -4.24
CA ARG A 70 -11.66 -17.11 -4.33
C ARG A 70 -11.04 -17.26 -2.95
N ARG A 71 -9.86 -17.85 -2.89
CA ARG A 71 -9.16 -18.06 -1.62
C ARG A 71 -8.28 -16.86 -1.28
N TYR A 72 -8.65 -16.12 -0.25
CA TYR A 72 -7.89 -14.96 0.17
C TYR A 72 -6.45 -15.32 0.51
N ASP A 73 -6.24 -16.59 0.87
CA ASP A 73 -4.91 -17.07 1.23
C ASP A 73 -4.27 -17.84 0.08
N ASP A 74 -4.65 -17.49 -1.16
CA ASP A 74 -4.12 -18.15 -2.33
C ASP A 74 -2.84 -17.47 -2.81
N PRO A 75 -1.70 -18.19 -2.80
CA PRO A 75 -0.41 -17.64 -3.24
C PRO A 75 -0.50 -16.93 -4.58
N GLU A 76 -1.32 -17.48 -5.48
CA GLU A 76 -1.50 -16.89 -6.80
C GLU A 76 -1.93 -15.43 -6.70
N MET A 77 -2.87 -15.17 -5.80
CA MET A 77 -3.37 -13.81 -5.59
C MET A 77 -2.43 -13.03 -4.67
N ILE A 78 -1.82 -13.75 -3.75
CA ILE A 78 -0.89 -13.14 -2.79
C ILE A 78 0.36 -12.63 -3.50
N ASP A 79 0.90 -13.46 -4.39
CA ASP A 79 2.10 -13.10 -5.14
C ASP A 79 1.93 -11.74 -5.83
N GLU A 80 0.84 -11.60 -6.57
CA GLU A 80 0.55 -10.36 -7.29
C GLU A 80 0.30 -9.22 -6.31
N ARG A 81 -0.47 -9.50 -5.26
CA ARG A 81 -0.78 -8.49 -4.25
C ARG A 81 0.50 -7.90 -3.67
N ARG A 82 1.59 -8.67 -3.75
CA ARG A 82 2.88 -8.21 -3.23
C ARG A 82 3.38 -7.01 -4.01
N ILE A 83 3.53 -7.18 -5.33
CA ILE A 83 3.99 -6.10 -6.18
C ILE A 83 3.00 -4.94 -6.18
N GLY A 84 3.44 -3.79 -6.70
CA GLY A 84 2.58 -2.63 -6.76
C GLY A 84 2.64 -1.81 -5.47
N LEU A 85 2.43 -2.48 -4.34
CA LEU A 85 2.45 -1.81 -3.05
C LEU A 85 3.77 -1.09 -2.83
N GLU A 86 4.87 -1.82 -2.98
CA GLU A 86 6.20 -1.25 -2.81
C GLU A 86 6.44 -0.11 -3.81
N ARG A 87 5.77 -0.18 -4.96
CA ARG A 87 5.90 0.84 -5.98
C ARG A 87 5.06 2.06 -5.64
N PHE A 88 3.94 1.82 -4.96
CA PHE A 88 3.04 2.90 -4.56
C PHE A 88 3.69 3.80 -3.52
N LEU A 89 4.66 3.26 -2.79
CA LEU A 89 5.36 4.02 -1.76
C LEU A 89 6.56 4.76 -2.34
N ASN A 90 7.45 4.02 -2.99
CA ASN A 90 8.65 4.60 -3.59
C ASN A 90 8.33 5.87 -4.36
N GLU A 91 7.48 5.75 -5.38
CA GLU A 91 7.10 6.89 -6.20
C GLU A 91 6.41 7.98 -5.37
N LEU A 92 5.96 7.60 -4.18
CA LEU A 92 5.28 8.56 -3.30
C LEU A 92 6.27 9.33 -2.42
N TYR A 93 7.09 8.59 -1.68
CA TYR A 93 8.06 9.19 -0.79
C TYR A 93 9.29 9.71 -1.55
N ASN A 94 9.39 9.38 -2.84
CA ASN A 94 10.51 9.83 -3.65
C ASN A 94 10.22 11.17 -4.31
N ASP A 95 9.73 12.13 -3.52
CA ASP A 95 9.40 13.45 -4.03
C ASP A 95 9.93 14.55 -3.10
N ARG A 96 10.54 15.57 -3.69
CA ARG A 96 11.09 16.67 -2.92
C ARG A 96 10.32 17.96 -3.18
N PHE A 97 9.82 18.11 -4.41
CA PHE A 97 9.06 19.29 -4.79
C PHE A 97 7.61 19.18 -4.33
N ASP A 98 6.97 18.09 -4.71
CA ASP A 98 5.58 17.86 -4.34
C ASP A 98 5.45 16.65 -3.42
N SER A 99 5.23 16.89 -2.14
CA SER A 99 5.09 15.82 -1.16
C SER A 99 3.72 15.85 -0.50
N ARG A 100 2.73 16.36 -1.21
CA ARG A 100 1.37 16.44 -0.69
C ARG A 100 0.82 15.04 -0.42
N TRP A 101 1.26 14.08 -1.22
CA TRP A 101 0.82 12.69 -1.08
C TRP A 101 1.34 12.06 0.22
N ARG A 102 2.54 12.45 0.62
CA ARG A 102 3.15 11.91 1.84
C ARG A 102 2.91 12.84 3.03
N ASP A 103 2.77 14.13 2.74
CA ASP A 103 2.54 15.12 3.79
C ASP A 103 1.24 14.83 4.53
N THR A 104 0.25 14.30 3.81
CA THR A 104 -1.03 13.97 4.37
C THR A 104 -0.88 13.13 5.64
N LYS A 105 -1.83 13.31 6.57
CA LYS A 105 -1.81 12.56 7.82
C LYS A 105 -1.98 11.06 7.58
N ILE A 106 -2.79 10.73 6.58
CA ILE A 106 -3.03 9.32 6.24
C ILE A 106 -1.74 8.63 5.81
N ALA A 107 -0.91 9.34 5.06
CA ALA A 107 0.35 8.79 4.59
C ALA A 107 1.27 8.42 5.76
N GLN A 108 1.34 9.31 6.75
CA GLN A 108 2.17 9.08 7.92
C GLN A 108 1.65 7.89 8.73
N ASP A 109 0.34 7.84 8.91
CA ASP A 109 -0.30 6.75 9.66
C ASP A 109 -0.20 5.43 8.89
N PHE A 110 0.02 5.51 7.59
CA PHE A 110 0.13 4.32 6.75
C PHE A 110 1.10 3.30 7.34
N LEU A 111 2.27 3.77 7.75
CA LEU A 111 3.28 2.90 8.34
C LEU A 111 3.33 3.06 9.85
N GLN A 112 2.20 3.45 10.45
CA GLN A 112 2.13 3.64 11.89
C GLN A 112 3.16 4.67 12.34
N LEU A 113 3.31 5.73 11.57
CA LEU A 113 4.26 6.78 11.89
C LEU A 113 3.59 7.91 12.67
N SER A 114 2.75 7.53 13.62
CA SER A 114 2.04 8.50 14.45
C SER A 114 1.89 7.98 15.88
N LYS A 115 2.29 8.82 16.84
CA LYS A 115 2.19 8.45 18.25
C LYS A 115 1.08 9.21 18.95
N PRO A 116 0.13 8.49 19.59
CA PRO A 116 -1.00 9.12 20.29
C PRO A 116 -0.53 10.16 21.31
N ASN A 117 -1.26 11.26 21.39
CA ASN A 117 -0.93 12.33 22.32
C ASN A 117 -2.18 12.85 23.03
N LYS A 1 22.81 3.65 -14.33
CA LYS A 1 22.24 4.94 -14.77
C LYS A 1 21.64 5.70 -13.59
N MET A 2 21.49 7.01 -13.76
CA MET A 2 20.92 7.85 -12.71
C MET A 2 19.43 7.56 -12.53
N SER A 3 19.11 6.80 -11.49
CA SER A 3 17.73 6.45 -11.20
C SER A 3 17.24 7.12 -9.92
N GLU A 4 15.93 7.27 -9.79
CA GLU A 4 15.34 7.89 -8.62
C GLU A 4 14.18 7.06 -8.08
N LYS A 5 14.43 6.33 -7.00
CA LYS A 5 13.40 5.48 -6.39
C LYS A 5 13.72 5.23 -4.91
N LEU A 6 12.67 5.12 -4.10
CA LEU A 6 12.83 4.88 -2.68
C LEU A 6 13.19 3.42 -2.42
N ARG A 7 14.04 3.19 -1.42
CA ARG A 7 14.46 1.84 -1.07
C ARG A 7 13.37 1.11 -0.30
N ILE A 8 12.62 0.27 -1.00
CA ILE A 8 11.54 -0.50 -0.41
C ILE A 8 11.54 -1.93 -0.94
N LYS A 9 11.58 -2.91 -0.04
CA LYS A 9 11.59 -4.30 -0.43
C LYS A 9 10.59 -5.11 0.39
N VAL A 10 9.66 -5.76 -0.29
CA VAL A 10 8.63 -6.56 0.37
C VAL A 10 8.84 -8.04 0.11
N ASP A 11 9.27 -8.77 1.14
CA ASP A 11 9.51 -10.21 1.01
C ASP A 11 8.99 -10.94 2.24
N ASP A 12 7.93 -10.41 2.86
CA ASP A 12 7.34 -11.03 4.04
C ASP A 12 5.82 -11.01 3.95
N VAL A 13 5.21 -12.15 4.24
CA VAL A 13 3.75 -12.26 4.20
C VAL A 13 3.23 -13.22 5.26
N LYS A 14 2.25 -12.77 6.03
CA LYS A 14 1.67 -13.58 7.09
C LYS A 14 0.19 -13.83 6.82
N ILE A 15 -0.14 -15.04 6.39
CA ILE A 15 -1.51 -15.41 6.09
C ILE A 15 -2.32 -15.61 7.38
N ASN A 16 -3.15 -14.62 7.71
CA ASN A 16 -3.97 -14.68 8.91
C ASN A 16 -5.40 -15.13 8.56
N PRO A 17 -6.06 -15.86 9.47
CA PRO A 17 -7.42 -16.34 9.26
C PRO A 17 -8.42 -15.21 8.99
N LYS A 18 -8.02 -13.97 9.32
CA LYS A 18 -8.89 -12.82 9.12
C LYS A 18 -8.42 -11.96 7.96
N TYR A 19 -7.11 -11.99 7.68
CA TYR A 19 -6.55 -11.18 6.60
C TYR A 19 -5.08 -11.50 6.38
N VAL A 20 -4.57 -11.13 5.20
CA VAL A 20 -3.17 -11.39 4.86
C VAL A 20 -2.35 -10.10 4.97
N LEU A 21 -1.34 -10.12 5.83
CA LEU A 21 -0.47 -8.97 6.03
C LEU A 21 0.72 -9.01 5.08
N TYR A 22 1.32 -7.85 4.84
CA TYR A 22 2.49 -7.75 3.96
C TYR A 22 3.63 -7.01 4.65
N GLY A 23 4.76 -7.68 4.80
CA GLY A 23 5.90 -7.07 5.45
C GLY A 23 6.75 -6.26 4.49
N VAL A 24 6.51 -4.95 4.45
CA VAL A 24 7.26 -4.06 3.56
C VAL A 24 8.54 -3.58 4.24
N SER A 25 9.67 -4.08 3.76
CA SER A 25 10.97 -3.70 4.31
C SER A 25 11.40 -2.33 3.81
N THR A 26 11.93 -1.51 4.72
CA THR A 26 12.37 -0.17 4.37
C THR A 26 13.54 0.26 5.26
N PRO A 27 14.31 1.30 4.85
CA PRO A 27 15.45 1.80 5.61
C PRO A 27 15.14 1.89 7.11
N ASN A 28 13.89 2.15 7.44
CA ASN A 28 13.47 2.24 8.83
C ASN A 28 13.25 0.86 9.42
N LYS A 29 12.43 0.05 8.73
CA LYS A 29 12.13 -1.31 9.19
C LYS A 29 10.99 -1.91 8.37
N ARG A 30 10.62 -3.13 8.69
CA ARG A 30 9.54 -3.83 8.00
C ARG A 30 8.19 -3.37 8.54
N LEU A 31 7.29 -2.98 7.63
CA LEU A 31 5.96 -2.53 8.02
C LEU A 31 4.89 -3.50 7.51
N TYR A 32 3.94 -3.83 8.38
CA TYR A 32 2.86 -4.74 8.03
C TYR A 32 1.61 -3.97 7.64
N LYS A 33 1.02 -4.34 6.51
CA LYS A 33 -0.20 -3.68 6.03
C LYS A 33 -1.14 -4.69 5.38
N ARG A 34 -2.33 -4.23 5.01
CA ARG A 34 -3.32 -5.09 4.37
C ARG A 34 -3.67 -4.57 2.98
N TYR A 35 -4.21 -5.46 2.15
CA TYR A 35 -4.60 -5.09 0.80
C TYR A 35 -5.62 -3.96 0.81
N SER A 36 -6.74 -4.20 1.47
CA SER A 36 -7.80 -3.20 1.57
C SER A 36 -7.27 -1.91 2.18
N GLU A 37 -6.22 -2.02 2.97
CA GLU A 37 -5.62 -0.86 3.63
C GLU A 37 -4.97 0.06 2.61
N PHE A 38 -4.44 -0.53 1.53
CA PHE A 38 -3.81 0.25 0.48
C PHE A 38 -4.84 1.03 -0.32
N TRP A 39 -5.96 0.38 -0.60
CA TRP A 39 -7.04 1.02 -1.35
C TRP A 39 -7.63 2.19 -0.57
N LYS A 40 -7.84 2.00 0.73
CA LYS A 40 -8.41 3.05 1.56
C LYS A 40 -7.49 4.26 1.61
N LEU A 41 -6.18 4.02 1.46
CA LEU A 41 -5.20 5.09 1.48
C LEU A 41 -5.16 5.82 0.14
N LYS A 42 -5.59 5.14 -0.92
CA LYS A 42 -5.60 5.73 -2.25
C LYS A 42 -6.71 6.77 -2.41
N THR A 43 -7.95 6.31 -2.45
CA THR A 43 -9.10 7.20 -2.60
C THR A 43 -9.07 8.34 -1.59
N ARG A 44 -8.51 8.09 -0.42
CA ARG A 44 -8.43 9.10 0.62
C ARG A 44 -7.60 10.29 0.13
N LEU A 45 -6.33 10.04 -0.15
CA LEU A 45 -5.42 11.09 -0.63
C LEU A 45 -6.09 11.92 -1.72
N GLU A 46 -6.97 11.28 -2.49
CA GLU A 46 -7.68 11.97 -3.56
C GLU A 46 -8.61 13.03 -3.00
N ARG A 47 -9.27 12.71 -1.90
CA ARG A 47 -10.19 13.64 -1.25
C ARG A 47 -9.48 14.50 -0.22
N ASP A 48 -8.36 13.99 0.31
CA ASP A 48 -7.60 14.73 1.30
C ASP A 48 -6.62 15.70 0.63
N VAL A 49 -5.92 15.21 -0.37
CA VAL A 49 -4.96 16.03 -1.11
C VAL A 49 -5.66 16.84 -2.20
N GLY A 50 -6.71 16.25 -2.77
CA GLY A 50 -7.44 16.91 -3.83
C GLY A 50 -6.80 16.74 -5.18
N SER A 51 -5.96 15.72 -5.31
CA SER A 51 -5.27 15.45 -6.57
C SER A 51 -5.47 14.00 -7.00
N THR A 52 -5.41 13.76 -8.31
CA THR A 52 -5.59 12.41 -8.84
C THR A 52 -4.34 11.57 -8.61
N ILE A 53 -4.48 10.51 -7.83
CA ILE A 53 -3.36 9.63 -7.52
C ILE A 53 -2.88 8.91 -8.77
N PRO A 54 -1.57 9.02 -9.10
CA PRO A 54 -1.00 8.40 -10.28
C PRO A 54 -0.53 6.96 -10.06
N TYR A 55 -1.34 6.18 -9.35
CA TYR A 55 -1.02 4.78 -9.09
C TYR A 55 -2.11 3.86 -9.60
N ASP A 56 -1.70 2.72 -10.16
CA ASP A 56 -2.64 1.75 -10.70
C ASP A 56 -3.17 0.82 -9.60
N PHE A 57 -4.49 0.83 -9.44
CA PHE A 57 -5.14 -0.01 -8.43
C PHE A 57 -6.54 -0.39 -8.87
N PRO A 58 -6.70 -1.58 -9.48
CA PRO A 58 -7.99 -2.05 -9.95
C PRO A 58 -8.81 -2.75 -8.86
N GLU A 59 -10.09 -2.42 -8.79
CA GLU A 59 -10.98 -3.02 -7.80
C GLU A 59 -12.45 -2.66 -8.11
N LYS A 60 -13.36 -3.46 -7.59
CA LYS A 60 -14.79 -3.24 -7.80
C LYS A 60 -15.62 -3.83 -6.67
N PRO A 61 -16.31 -2.99 -5.88
CA PRO A 61 -17.15 -3.47 -4.77
C PRO A 61 -18.20 -4.47 -5.23
N GLY A 62 -18.41 -5.50 -4.42
CA GLY A 62 -19.40 -6.52 -4.75
C GLY A 62 -19.25 -7.03 -6.18
N VAL A 63 -18.09 -7.61 -6.48
CA VAL A 63 -17.82 -8.14 -7.80
C VAL A 63 -18.91 -9.12 -8.24
N LEU A 64 -19.59 -9.71 -7.26
CA LEU A 64 -20.66 -10.67 -7.53
C LEU A 64 -20.08 -12.05 -7.87
N ASP A 65 -19.22 -12.55 -6.97
CA ASP A 65 -18.61 -13.85 -7.16
C ASP A 65 -19.60 -14.98 -6.87
N ARG A 66 -19.50 -16.05 -7.64
CA ARG A 66 -20.39 -17.20 -7.48
C ARG A 66 -19.63 -18.51 -7.67
N ARG A 67 -18.99 -18.64 -8.82
CA ARG A 67 -18.23 -19.85 -9.14
C ARG A 67 -16.73 -19.54 -9.20
N TRP A 68 -16.41 -18.32 -9.61
CA TRP A 68 -15.01 -17.90 -9.71
C TRP A 68 -14.58 -17.13 -8.47
N GLN A 69 -15.21 -17.43 -7.34
CA GLN A 69 -14.87 -16.76 -6.08
C GLN A 69 -13.41 -16.95 -5.73
N ARG A 70 -12.76 -15.87 -5.31
CA ARG A 70 -11.35 -15.91 -4.95
C ARG A 70 -11.18 -15.83 -3.44
N ARG A 71 -10.03 -16.28 -2.94
CA ARG A 71 -9.74 -16.26 -1.51
C ARG A 71 -8.71 -15.19 -1.18
N TYR A 72 -8.90 -14.53 -0.05
CA TYR A 72 -7.98 -13.48 0.38
C TYR A 72 -6.63 -14.06 0.76
N ASP A 73 -6.62 -15.33 1.17
CA ASP A 73 -5.38 -16.00 1.56
C ASP A 73 -4.87 -16.91 0.43
N ASP A 74 -5.16 -16.52 -0.80
CA ASP A 74 -4.73 -17.29 -1.95
C ASP A 74 -3.29 -16.94 -2.34
N PRO A 75 -2.36 -17.91 -2.26
CA PRO A 75 -0.96 -17.69 -2.60
C PRO A 75 -0.76 -17.25 -4.06
N GLU A 76 -1.75 -17.56 -4.90
CA GLU A 76 -1.68 -17.21 -6.31
C GLU A 76 -1.79 -15.70 -6.50
N MET A 77 -2.72 -15.08 -5.77
CA MET A 77 -2.91 -13.64 -5.86
C MET A 77 -1.97 -12.91 -4.91
N ILE A 78 -1.63 -13.58 -3.81
CA ILE A 78 -0.72 -13.00 -2.82
C ILE A 78 0.64 -12.71 -3.43
N ASP A 79 1.08 -13.59 -4.33
CA ASP A 79 2.36 -13.42 -5.00
C ASP A 79 2.43 -12.09 -5.75
N GLU A 80 1.48 -11.87 -6.64
CA GLU A 80 1.43 -10.64 -7.41
C GLU A 80 1.15 -9.45 -6.51
N ARG A 81 0.24 -9.63 -5.57
CA ARG A 81 -0.12 -8.56 -4.63
C ARG A 81 1.15 -8.03 -3.95
N ARG A 82 2.18 -8.87 -3.87
CA ARG A 82 3.44 -8.49 -3.25
C ARG A 82 4.03 -7.27 -3.95
N ILE A 83 4.22 -7.36 -5.26
CA ILE A 83 4.79 -6.26 -6.03
C ILE A 83 3.73 -5.18 -6.27
N GLY A 84 4.18 -4.04 -6.81
CA GLY A 84 3.27 -2.95 -7.07
C GLY A 84 3.09 -2.04 -5.87
N LEU A 85 2.79 -2.63 -4.72
CA LEU A 85 2.59 -1.86 -3.50
C LEU A 85 3.84 -1.04 -3.17
N GLU A 86 4.99 -1.69 -3.18
CA GLU A 86 6.25 -1.01 -2.89
C GLU A 86 6.48 0.15 -3.85
N ARG A 87 5.95 0.01 -5.07
CA ARG A 87 6.10 1.05 -6.08
C ARG A 87 5.20 2.24 -5.76
N PHE A 88 4.09 1.97 -5.09
CA PHE A 88 3.13 3.02 -4.72
C PHE A 88 3.79 4.02 -3.75
N LEU A 89 4.48 3.49 -2.75
CA LEU A 89 5.15 4.35 -1.77
C LEU A 89 6.42 4.94 -2.34
N ASN A 90 7.10 4.18 -3.20
CA ASN A 90 8.35 4.63 -3.82
C ASN A 90 8.19 6.02 -4.43
N GLU A 91 7.28 6.14 -5.39
CA GLU A 91 7.03 7.42 -6.06
C GLU A 91 6.33 8.41 -5.13
N LEU A 92 5.75 7.91 -4.05
CA LEU A 92 5.05 8.76 -3.09
C LEU A 92 6.02 9.44 -2.14
N TYR A 93 6.76 8.64 -1.38
CA TYR A 93 7.72 9.17 -0.42
C TYR A 93 8.93 9.78 -1.12
N ASN A 94 9.23 9.30 -2.32
CA ASN A 94 10.37 9.81 -3.09
C ASN A 94 9.96 11.01 -3.94
N ASP A 95 9.44 12.04 -3.29
CA ASP A 95 9.00 13.24 -3.98
C ASP A 95 9.57 14.50 -3.30
N ARG A 96 10.27 15.32 -4.08
CA ARG A 96 10.88 16.53 -3.56
C ARG A 96 10.09 17.77 -4.01
N PHE A 97 9.45 17.65 -5.18
CA PHE A 97 8.67 18.76 -5.72
C PHE A 97 7.33 18.89 -4.99
N ASP A 98 6.70 17.76 -4.70
CA ASP A 98 5.42 17.75 -4.01
C ASP A 98 5.29 16.53 -3.11
N SER A 99 5.27 16.76 -1.80
CA SER A 99 5.13 15.67 -0.83
C SER A 99 3.76 15.71 -0.17
N ARG A 100 2.78 16.28 -0.86
CA ARG A 100 1.43 16.38 -0.34
C ARG A 100 0.86 14.99 -0.05
N TRP A 101 1.34 14.01 -0.81
CA TRP A 101 0.90 12.62 -0.65
C TRP A 101 1.43 12.02 0.64
N ARG A 102 2.71 12.24 0.92
CA ARG A 102 3.33 11.70 2.13
C ARG A 102 3.07 12.62 3.32
N ASP A 103 2.81 13.90 3.03
CA ASP A 103 2.54 14.87 4.09
C ASP A 103 1.20 14.59 4.76
N THR A 104 0.27 14.02 4.00
CA THR A 104 -1.06 13.70 4.53
C THR A 104 -0.95 12.91 5.82
N LYS A 105 -1.96 13.07 6.68
CA LYS A 105 -1.98 12.37 7.96
C LYS A 105 -2.17 10.87 7.76
N ILE A 106 -2.88 10.50 6.70
CA ILE A 106 -3.12 9.10 6.39
C ILE A 106 -1.84 8.38 6.00
N ALA A 107 -0.99 9.08 5.26
CA ALA A 107 0.28 8.51 4.82
C ALA A 107 1.17 8.19 6.01
N GLN A 108 1.22 9.10 6.97
CA GLN A 108 2.04 8.91 8.17
C GLN A 108 1.56 7.71 8.97
N ASP A 109 0.25 7.59 9.11
CA ASP A 109 -0.35 6.48 9.86
C ASP A 109 -0.23 5.16 9.07
N PHE A 110 -0.10 5.28 7.75
CA PHE A 110 0.01 4.11 6.89
C PHE A 110 1.10 3.17 7.38
N LEU A 111 2.27 3.72 7.68
CA LEU A 111 3.39 2.92 8.16
C LEU A 111 3.67 3.17 9.63
N GLN A 112 2.64 3.62 10.36
CA GLN A 112 2.78 3.88 11.78
C GLN A 112 3.92 4.87 12.04
N LEU A 113 3.95 5.93 11.25
CA LEU A 113 4.99 6.95 11.39
C LEU A 113 4.54 8.08 12.31
N SER A 114 3.82 7.71 13.37
CA SER A 114 3.34 8.69 14.34
C SER A 114 4.49 9.28 15.14
N LYS A 115 4.30 10.51 15.63
CA LYS A 115 5.32 11.19 16.40
C LYS A 115 4.91 11.31 17.87
N PRO A 116 5.52 10.50 18.76
CA PRO A 116 5.20 10.52 20.19
C PRO A 116 5.24 11.93 20.77
N ASN A 117 4.16 12.32 21.43
CA ASN A 117 4.07 13.64 22.04
C ASN A 117 4.93 13.72 23.29
N LYS A 1 21.52 10.70 -16.65
CA LYS A 1 20.20 10.91 -16.00
C LYS A 1 19.98 9.94 -14.85
N MET A 2 19.71 10.47 -13.67
CA MET A 2 19.48 9.65 -12.48
C MET A 2 17.99 9.31 -12.34
N SER A 3 17.69 8.40 -11.42
CA SER A 3 16.32 7.98 -11.18
C SER A 3 15.94 8.17 -9.72
N GLU A 4 14.68 8.52 -9.49
CA GLU A 4 14.17 8.74 -8.14
C GLU A 4 13.27 7.59 -7.70
N LYS A 5 13.70 6.86 -6.67
CA LYS A 5 12.92 5.74 -6.15
C LYS A 5 13.27 5.46 -4.70
N LEU A 6 12.25 5.37 -3.85
CA LEU A 6 12.45 5.10 -2.44
C LEU A 6 12.76 3.63 -2.21
N ARG A 7 13.64 3.36 -1.25
CA ARG A 7 14.02 1.99 -0.93
C ARG A 7 12.86 1.23 -0.29
N ILE A 8 12.20 0.40 -1.10
CA ILE A 8 11.08 -0.39 -0.63
C ILE A 8 11.14 -1.81 -1.20
N LYS A 9 11.31 -2.79 -0.33
CA LYS A 9 11.38 -4.19 -0.76
C LYS A 9 10.45 -5.06 0.08
N VAL A 10 9.52 -5.74 -0.59
CA VAL A 10 8.58 -6.61 0.09
C VAL A 10 8.88 -8.07 -0.17
N ASP A 11 9.15 -8.81 0.90
CA ASP A 11 9.46 -10.23 0.78
C ASP A 11 8.89 -11.01 1.97
N ASP A 12 7.84 -10.47 2.58
CA ASP A 12 7.20 -11.12 3.72
C ASP A 12 5.69 -11.00 3.64
N VAL A 13 4.99 -12.08 3.99
CA VAL A 13 3.53 -12.09 3.95
C VAL A 13 2.97 -13.05 4.99
N LYS A 14 2.32 -12.50 6.01
CA LYS A 14 1.73 -13.30 7.06
C LYS A 14 0.25 -13.57 6.80
N ILE A 15 -0.07 -14.84 6.52
CA ILE A 15 -1.44 -15.22 6.24
C ILE A 15 -2.27 -15.34 7.52
N ASN A 16 -3.01 -14.28 7.83
CA ASN A 16 -3.84 -14.26 9.03
C ASN A 16 -5.24 -14.80 8.72
N PRO A 17 -5.84 -15.55 9.67
CA PRO A 17 -7.17 -16.13 9.49
C PRO A 17 -8.21 -15.09 9.08
N LYS A 18 -7.95 -13.83 9.40
CA LYS A 18 -8.86 -12.74 9.06
C LYS A 18 -8.46 -12.06 7.75
N TYR A 19 -7.16 -12.04 7.47
CA TYR A 19 -6.65 -11.41 6.26
C TYR A 19 -5.16 -11.66 6.09
N VAL A 20 -4.67 -11.47 4.87
CA VAL A 20 -3.25 -11.67 4.58
C VAL A 20 -2.47 -10.37 4.70
N LEU A 21 -1.47 -10.37 5.59
CA LEU A 21 -0.65 -9.19 5.80
C LEU A 21 0.56 -9.19 4.86
N TYR A 22 1.14 -8.01 4.66
CA TYR A 22 2.30 -7.87 3.80
C TYR A 22 3.44 -7.13 4.52
N GLY A 23 4.60 -7.77 4.58
CA GLY A 23 5.74 -7.15 5.25
C GLY A 23 6.57 -6.30 4.31
N VAL A 24 6.28 -5.00 4.28
CA VAL A 24 7.01 -4.09 3.42
C VAL A 24 8.26 -3.56 4.11
N SER A 25 9.43 -3.95 3.59
CA SER A 25 10.69 -3.52 4.17
C SER A 25 11.09 -2.14 3.67
N THR A 26 11.60 -1.31 4.58
CA THR A 26 12.03 0.05 4.24
C THR A 26 13.17 0.49 5.15
N PRO A 27 13.91 1.55 4.75
CA PRO A 27 15.03 2.08 5.52
C PRO A 27 14.74 2.12 7.02
N ASN A 28 13.47 2.31 7.36
CA ASN A 28 13.06 2.37 8.76
C ASN A 28 12.90 0.96 9.32
N LYS A 29 12.12 0.14 8.63
CA LYS A 29 11.89 -1.24 9.04
C LYS A 29 10.75 -1.87 8.24
N ARG A 30 10.42 -3.12 8.55
CA ARG A 30 9.35 -3.82 7.85
C ARG A 30 7.99 -3.42 8.40
N LEU A 31 7.08 -3.04 7.51
CA LEU A 31 5.74 -2.63 7.89
C LEU A 31 4.71 -3.67 7.45
N TYR A 32 3.84 -4.07 8.38
CA TYR A 32 2.81 -5.07 8.08
C TYR A 32 1.46 -4.40 7.85
N LYS A 33 0.91 -4.59 6.66
CA LYS A 33 -0.38 -4.02 6.31
C LYS A 33 -1.18 -4.98 5.44
N ARG A 34 -2.44 -4.63 5.18
CA ARG A 34 -3.30 -5.45 4.35
C ARG A 34 -3.68 -4.74 3.06
N TYR A 35 -4.08 -5.51 2.04
CA TYR A 35 -4.45 -4.94 0.76
C TYR A 35 -5.60 -3.94 0.92
N SER A 36 -6.60 -4.32 1.70
CA SER A 36 -7.76 -3.47 1.94
C SER A 36 -7.34 -2.15 2.58
N GLU A 37 -6.23 -2.17 3.30
CA GLU A 37 -5.72 -0.97 3.97
C GLU A 37 -5.13 0.00 2.96
N PHE A 38 -4.53 -0.53 1.90
CA PHE A 38 -3.92 0.30 0.87
C PHE A 38 -4.98 1.14 0.16
N TRP A 39 -6.07 0.50 -0.22
CA TRP A 39 -7.15 1.19 -0.90
C TRP A 39 -7.75 2.27 -0.01
N LYS A 40 -7.78 2.01 1.29
CA LYS A 40 -8.33 2.95 2.25
C LYS A 40 -7.53 4.26 2.25
N LEU A 41 -6.23 4.15 2.00
CA LEU A 41 -5.36 5.32 1.98
C LEU A 41 -5.40 6.01 0.62
N LYS A 42 -5.53 5.22 -0.44
CA LYS A 42 -5.57 5.74 -1.80
C LYS A 42 -6.60 6.87 -1.94
N THR A 43 -7.88 6.51 -1.88
CA THR A 43 -8.96 7.49 -2.01
C THR A 43 -8.73 8.72 -1.15
N ARG A 44 -8.23 8.52 0.07
CA ARG A 44 -7.96 9.63 0.98
C ARG A 44 -7.01 10.63 0.35
N LEU A 45 -5.82 10.14 0.00
CA LEU A 45 -4.79 10.98 -0.62
C LEU A 45 -5.36 11.77 -1.78
N GLU A 46 -6.40 11.25 -2.42
CA GLU A 46 -7.03 11.91 -3.54
C GLU A 46 -7.88 13.10 -3.09
N ARG A 47 -8.82 12.85 -2.19
CA ARG A 47 -9.70 13.89 -1.68
C ARG A 47 -8.98 14.79 -0.67
N ASP A 48 -7.94 14.27 -0.05
CA ASP A 48 -7.17 15.02 0.93
C ASP A 48 -6.17 15.94 0.26
N VAL A 49 -5.46 15.40 -0.73
CA VAL A 49 -4.46 16.16 -1.46
C VAL A 49 -5.11 16.93 -2.61
N GLY A 50 -6.18 16.37 -3.15
CA GLY A 50 -6.88 17.01 -4.25
C GLY A 50 -6.23 16.72 -5.59
N SER A 51 -5.16 15.94 -5.59
CA SER A 51 -4.45 15.60 -6.82
C SER A 51 -4.78 14.17 -7.24
N THR A 52 -4.75 13.93 -8.55
CA THR A 52 -5.04 12.61 -9.09
C THR A 52 -3.87 11.66 -8.84
N ILE A 53 -4.13 10.62 -8.05
CA ILE A 53 -3.09 9.64 -7.74
C ILE A 53 -2.71 8.84 -8.99
N PRO A 54 -1.40 8.74 -9.29
CA PRO A 54 -0.92 8.00 -10.47
C PRO A 54 -0.76 6.51 -10.23
N TYR A 55 -1.73 5.90 -9.56
CA TYR A 55 -1.67 4.47 -9.27
C TYR A 55 -2.99 3.79 -9.61
N ASP A 56 -2.93 2.48 -9.80
CA ASP A 56 -4.12 1.69 -10.13
C ASP A 56 -4.49 0.78 -8.96
N PHE A 57 -5.79 0.54 -8.79
CA PHE A 57 -6.26 -0.31 -7.71
C PHE A 57 -7.56 -1.02 -8.09
N PRO A 58 -7.47 -2.28 -8.55
CA PRO A 58 -8.64 -3.06 -8.94
C PRO A 58 -9.38 -3.63 -7.74
N GLU A 59 -10.59 -3.14 -7.49
CA GLU A 59 -11.40 -3.59 -6.36
C GLU A 59 -11.99 -4.97 -6.64
N LYS A 60 -12.25 -5.72 -5.58
CA LYS A 60 -12.81 -7.06 -5.70
C LYS A 60 -14.03 -7.23 -4.79
N PRO A 61 -15.25 -7.19 -5.36
CA PRO A 61 -16.49 -7.35 -4.57
C PRO A 61 -16.45 -8.58 -3.68
N GLY A 62 -17.19 -8.50 -2.57
CA GLY A 62 -17.23 -9.63 -1.65
C GLY A 62 -18.53 -9.69 -0.87
N VAL A 63 -19.61 -10.09 -1.54
CA VAL A 63 -20.91 -10.19 -0.91
C VAL A 63 -21.23 -11.64 -0.55
N LEU A 64 -21.65 -12.42 -1.54
CA LEU A 64 -21.99 -13.82 -1.33
C LEU A 64 -21.15 -14.73 -2.22
N ASP A 65 -19.87 -14.38 -2.38
CA ASP A 65 -18.96 -15.16 -3.21
C ASP A 65 -18.63 -16.50 -2.54
N ARG A 66 -18.44 -17.52 -3.37
CA ARG A 66 -18.12 -18.86 -2.87
C ARG A 66 -17.52 -19.72 -3.97
N ARG A 67 -18.10 -19.66 -5.15
CA ARG A 67 -17.61 -20.43 -6.29
C ARG A 67 -16.63 -19.62 -7.12
N TRP A 68 -16.88 -18.31 -7.23
CA TRP A 68 -16.01 -17.43 -7.99
C TRP A 68 -15.04 -16.69 -7.09
N GLN A 69 -14.70 -17.32 -5.96
CA GLN A 69 -13.77 -16.71 -5.01
C GLN A 69 -12.52 -17.58 -4.84
N ARG A 70 -11.36 -16.95 -4.95
CA ARG A 70 -10.09 -17.65 -4.80
C ARG A 70 -9.65 -17.68 -3.35
N ARG A 71 -8.71 -18.56 -3.05
CA ARG A 71 -8.20 -18.70 -1.68
C ARG A 71 -7.34 -17.49 -1.31
N TYR A 72 -7.85 -16.66 -0.40
CA TYR A 72 -7.13 -15.47 0.03
C TYR A 72 -5.72 -15.82 0.49
N ASP A 73 -5.53 -17.06 0.93
CA ASP A 73 -4.22 -17.51 1.38
C ASP A 73 -3.48 -18.26 0.29
N ASP A 74 -3.81 -17.97 -0.97
CA ASP A 74 -3.17 -18.61 -2.11
C ASP A 74 -1.93 -17.85 -2.53
N PRO A 75 -0.73 -18.44 -2.37
CA PRO A 75 0.52 -17.80 -2.75
C PRO A 75 0.57 -17.42 -4.22
N GLU A 76 -0.30 -18.04 -5.02
CA GLU A 76 -0.35 -17.78 -6.45
C GLU A 76 -0.80 -16.34 -6.71
N MET A 77 -1.91 -15.95 -6.10
CA MET A 77 -2.44 -14.60 -6.26
C MET A 77 -1.73 -13.62 -5.32
N ILE A 78 -1.29 -14.14 -4.18
CA ILE A 78 -0.58 -13.31 -3.20
C ILE A 78 0.75 -12.84 -3.77
N ASP A 79 1.45 -13.72 -4.46
CA ASP A 79 2.74 -13.39 -5.06
C ASP A 79 2.65 -12.15 -5.93
N GLU A 80 1.58 -12.07 -6.73
CA GLU A 80 1.38 -10.93 -7.61
C GLU A 80 0.80 -9.75 -6.85
N ARG A 81 0.04 -10.04 -5.80
CA ARG A 81 -0.56 -8.98 -4.99
C ARG A 81 0.50 -8.25 -4.19
N ARG A 82 1.67 -8.87 -4.05
CA ARG A 82 2.78 -8.28 -3.31
C ARG A 82 3.35 -7.07 -4.04
N ILE A 83 3.47 -7.16 -5.36
CA ILE A 83 4.00 -6.05 -6.14
C ILE A 83 2.92 -4.99 -6.39
N GLY A 84 3.35 -3.75 -6.57
CA GLY A 84 2.41 -2.67 -6.80
C GLY A 84 2.22 -1.82 -5.57
N LEU A 85 2.38 -2.43 -4.40
CA LEU A 85 2.24 -1.73 -3.13
C LEU A 85 3.48 -0.90 -2.84
N GLU A 86 4.64 -1.55 -2.87
CA GLU A 86 5.91 -0.88 -2.61
C GLU A 86 6.08 0.32 -3.53
N ARG A 87 5.68 0.15 -4.79
CA ARG A 87 5.78 1.21 -5.78
C ARG A 87 4.85 2.36 -5.42
N PHE A 88 3.70 2.02 -4.85
CA PHE A 88 2.71 3.02 -4.45
C PHE A 88 3.33 4.05 -3.51
N LEU A 89 4.21 3.57 -2.63
CA LEU A 89 4.88 4.45 -1.67
C LEU A 89 6.15 5.05 -2.26
N ASN A 90 6.69 4.40 -3.30
CA ASN A 90 7.91 4.88 -3.94
C ASN A 90 7.76 6.31 -4.41
N GLU A 91 6.81 6.56 -5.31
CA GLU A 91 6.58 7.90 -5.83
C GLU A 91 6.01 8.81 -4.75
N LEU A 92 5.56 8.23 -3.65
CA LEU A 92 4.98 8.99 -2.56
C LEU A 92 6.06 9.59 -1.67
N TYR A 93 6.91 8.74 -1.11
CA TYR A 93 7.98 9.19 -0.23
C TYR A 93 9.21 9.66 -1.01
N ASN A 94 9.33 9.22 -2.26
CA ASN A 94 10.46 9.60 -3.09
C ASN A 94 10.12 10.80 -3.97
N ASP A 95 9.49 11.80 -3.36
CA ASP A 95 9.11 13.02 -4.08
C ASP A 95 10.29 13.97 -4.18
N ARG A 96 10.31 14.78 -5.23
CA ARG A 96 11.39 15.74 -5.44
C ARG A 96 11.08 17.09 -4.78
N PHE A 97 9.93 17.65 -5.11
CA PHE A 97 9.52 18.94 -4.55
C PHE A 97 8.09 18.90 -4.01
N ASP A 98 7.30 17.93 -4.46
CA ASP A 98 5.92 17.80 -4.01
C ASP A 98 5.75 16.60 -3.10
N SER A 99 5.63 16.85 -1.79
CA SER A 99 5.45 15.78 -0.82
C SER A 99 4.08 15.85 -0.17
N ARG A 100 3.12 16.43 -0.88
CA ARG A 100 1.76 16.55 -0.35
C ARG A 100 1.17 15.17 -0.06
N TRP A 101 1.62 14.19 -0.82
CA TRP A 101 1.14 12.82 -0.66
C TRP A 101 1.54 12.25 0.71
N ARG A 102 2.79 12.45 1.08
CA ARG A 102 3.29 11.95 2.37
C ARG A 102 2.92 12.90 3.50
N ASP A 103 2.99 14.21 3.22
CA ASP A 103 2.67 15.23 4.21
C ASP A 103 1.30 14.96 4.84
N THR A 104 0.40 14.37 4.07
CA THR A 104 -0.94 14.05 4.55
C THR A 104 -0.89 13.19 5.80
N LYS A 105 -1.72 13.52 6.78
CA LYS A 105 -1.77 12.78 8.03
C LYS A 105 -2.10 11.31 7.77
N ILE A 106 -2.86 11.06 6.71
CA ILE A 106 -3.24 9.70 6.35
C ILE A 106 -2.03 8.88 5.96
N ALA A 107 -1.05 9.53 5.34
CA ALA A 107 0.17 8.86 4.92
C ALA A 107 1.02 8.45 6.12
N GLN A 108 1.06 9.32 7.13
CA GLN A 108 1.83 9.05 8.34
C GLN A 108 1.25 7.87 9.10
N ASP A 109 -0.08 7.75 9.06
CA ASP A 109 -0.76 6.66 9.75
C ASP A 109 -0.62 5.35 8.97
N PHE A 110 -0.41 5.45 7.66
CA PHE A 110 -0.27 4.28 6.80
C PHE A 110 0.74 3.30 7.37
N LEU A 111 1.90 3.82 7.77
CA LEU A 111 2.96 2.98 8.32
C LEU A 111 3.09 3.21 9.83
N GLN A 112 1.99 3.60 10.46
CA GLN A 112 1.97 3.86 11.90
C GLN A 112 3.12 4.77 12.31
N LEU A 113 3.31 5.83 11.54
CA LEU A 113 4.37 6.80 11.81
C LEU A 113 3.83 7.99 12.59
N SER A 114 2.90 7.72 13.50
CA SER A 114 2.31 8.78 14.31
C SER A 114 1.87 8.23 15.68
N LYS A 115 1.12 9.04 16.41
CA LYS A 115 0.64 8.65 17.74
C LYS A 115 -0.88 8.78 17.82
N PRO A 116 -1.53 7.94 18.65
CA PRO A 116 -2.97 7.97 18.82
C PRO A 116 -3.44 9.21 19.60
N ASN A 117 -4.17 10.08 18.91
CA ASN A 117 -4.69 11.30 19.52
C ASN A 117 -6.08 11.08 20.09
N LYS A 1 23.90 8.28 -14.57
CA LYS A 1 22.64 7.61 -14.15
C LYS A 1 22.03 8.31 -12.95
N MET A 2 21.15 9.28 -13.21
CA MET A 2 20.49 10.03 -12.16
C MET A 2 19.04 9.59 -12.00
N SER A 3 18.80 8.72 -11.02
CA SER A 3 17.46 8.22 -10.76
C SER A 3 17.15 8.25 -9.26
N GLU A 4 15.89 8.48 -8.93
CA GLU A 4 15.47 8.53 -7.53
C GLU A 4 14.52 7.38 -7.21
N LYS A 5 14.90 6.56 -6.22
CA LYS A 5 14.09 5.43 -5.81
C LYS A 5 14.29 5.12 -4.34
N LEU A 6 13.19 4.96 -3.61
CA LEU A 6 13.26 4.66 -2.19
C LEU A 6 13.40 3.16 -1.96
N ARG A 7 14.17 2.79 -0.94
CA ARG A 7 14.39 1.38 -0.62
C ARG A 7 13.11 0.75 -0.07
N ILE A 8 12.42 0.00 -0.92
CA ILE A 8 11.19 -0.66 -0.52
C ILE A 8 11.13 -2.09 -1.06
N LYS A 9 11.19 -3.06 -0.15
CA LYS A 9 11.14 -4.46 -0.54
C LYS A 9 10.14 -5.22 0.33
N VAL A 10 9.32 -6.04 -0.30
CA VAL A 10 8.32 -6.83 0.42
C VAL A 10 8.57 -8.32 0.27
N ASP A 11 8.87 -8.98 1.38
CA ASP A 11 9.13 -10.42 1.35
C ASP A 11 8.56 -11.09 2.61
N ASP A 12 7.57 -10.46 3.23
CA ASP A 12 6.96 -10.99 4.43
C ASP A 12 5.43 -10.99 4.30
N VAL A 13 4.82 -12.14 4.53
CA VAL A 13 3.37 -12.26 4.45
C VAL A 13 2.84 -13.27 5.47
N LYS A 14 1.95 -12.80 6.34
CA LYS A 14 1.36 -13.64 7.37
C LYS A 14 -0.07 -14.02 7.00
N ILE A 15 -0.24 -15.25 6.51
CA ILE A 15 -1.55 -15.74 6.12
C ILE A 15 -2.41 -16.05 7.33
N ASN A 16 -3.26 -15.10 7.72
CA ASN A 16 -4.15 -15.29 8.86
C ASN A 16 -5.50 -15.84 8.42
N PRO A 17 -6.16 -16.62 9.29
CA PRO A 17 -7.46 -17.22 8.98
C PRO A 17 -8.53 -16.19 8.64
N LYS A 18 -8.28 -14.92 8.99
CA LYS A 18 -9.22 -13.86 8.72
C LYS A 18 -8.73 -12.94 7.61
N TYR A 19 -7.41 -12.85 7.45
CA TYR A 19 -6.82 -11.99 6.42
C TYR A 19 -5.31 -12.19 6.31
N VAL A 20 -4.74 -11.76 5.19
CA VAL A 20 -3.31 -11.89 4.96
C VAL A 20 -2.61 -10.55 5.11
N LEU A 21 -1.51 -10.54 5.87
CA LEU A 21 -0.75 -9.31 6.10
C LEU A 21 0.45 -9.24 5.16
N TYR A 22 0.96 -8.03 4.96
CA TYR A 22 2.12 -7.82 4.09
C TYR A 22 3.18 -6.97 4.78
N GLY A 23 4.35 -7.55 4.99
CA GLY A 23 5.43 -6.84 5.64
C GLY A 23 6.30 -6.10 4.65
N VAL A 24 6.06 -4.80 4.50
CA VAL A 24 6.82 -3.97 3.57
C VAL A 24 8.07 -3.41 4.24
N SER A 25 9.24 -3.85 3.78
CA SER A 25 10.50 -3.39 4.32
C SER A 25 10.86 -1.99 3.81
N THR A 26 11.34 -1.15 4.72
CA THR A 26 11.72 0.21 4.37
C THR A 26 12.72 0.78 5.37
N PRO A 27 13.40 1.90 5.03
CA PRO A 27 14.38 2.52 5.91
C PRO A 27 13.87 2.67 7.35
N ASN A 28 12.56 2.77 7.50
CA ASN A 28 11.95 2.91 8.81
C ASN A 28 11.83 1.55 9.51
N LYS A 29 11.67 0.50 8.69
CA LYS A 29 11.55 -0.89 9.13
C LYS A 29 10.44 -1.61 8.36
N ARG A 30 10.22 -2.88 8.70
CA ARG A 30 9.20 -3.66 8.03
C ARG A 30 7.83 -3.43 8.66
N LEU A 31 6.88 -2.96 7.86
CA LEU A 31 5.54 -2.69 8.35
C LEU A 31 4.53 -3.69 7.78
N TYR A 32 3.72 -4.27 8.66
CA TYR A 32 2.71 -5.24 8.25
C TYR A 32 1.37 -4.57 7.99
N LYS A 33 0.96 -4.54 6.72
CA LYS A 33 -0.29 -3.92 6.34
C LYS A 33 -1.15 -4.88 5.53
N ARG A 34 -2.39 -4.48 5.26
CA ARG A 34 -3.31 -5.31 4.49
C ARG A 34 -3.59 -4.69 3.12
N TYR A 35 -3.97 -5.52 2.16
CA TYR A 35 -4.27 -5.05 0.81
C TYR A 35 -5.35 -3.97 0.84
N SER A 36 -6.41 -4.24 1.58
CA SER A 36 -7.51 -3.28 1.70
C SER A 36 -7.03 -1.98 2.31
N GLU A 37 -6.01 -2.07 3.15
CA GLU A 37 -5.45 -0.89 3.80
C GLU A 37 -4.89 0.09 2.76
N PHE A 38 -4.22 -0.47 1.75
CA PHE A 38 -3.65 0.36 0.68
C PHE A 38 -4.75 1.14 -0.04
N TRP A 39 -5.77 0.42 -0.49
CA TRP A 39 -6.88 1.06 -1.19
C TRP A 39 -7.49 2.17 -0.33
N LYS A 40 -7.50 1.95 0.99
CA LYS A 40 -8.04 2.94 1.92
C LYS A 40 -7.29 4.25 1.80
N LEU A 41 -5.96 4.17 1.87
CA LEU A 41 -5.12 5.37 1.77
C LEU A 41 -5.30 6.05 0.42
N LYS A 42 -5.64 5.26 -0.59
CA LYS A 42 -5.84 5.78 -1.94
C LYS A 42 -6.88 6.89 -1.96
N THR A 43 -8.15 6.53 -1.76
CA THR A 43 -9.25 7.49 -1.76
C THR A 43 -8.98 8.66 -0.82
N ARG A 44 -8.32 8.38 0.30
CA ARG A 44 -8.01 9.44 1.27
C ARG A 44 -7.17 10.53 0.61
N LEU A 45 -5.97 10.16 0.19
CA LEU A 45 -5.07 11.10 -0.47
C LEU A 45 -5.78 11.91 -1.54
N GLU A 46 -6.78 11.29 -2.17
CA GLU A 46 -7.54 11.94 -3.22
C GLU A 46 -8.30 13.15 -2.67
N ARG A 47 -9.07 12.94 -1.61
CA ARG A 47 -9.85 14.00 -0.99
C ARG A 47 -8.99 14.83 -0.04
N ASP A 48 -7.91 14.23 0.46
CA ASP A 48 -7.01 14.89 1.38
C ASP A 48 -6.05 15.80 0.63
N VAL A 49 -5.51 15.28 -0.47
CA VAL A 49 -4.56 16.02 -1.29
C VAL A 49 -5.31 16.88 -2.31
N GLY A 50 -6.47 16.41 -2.72
CA GLY A 50 -7.27 17.13 -3.70
C GLY A 50 -6.85 16.86 -5.13
N SER A 51 -5.81 16.03 -5.29
CA SER A 51 -5.33 15.70 -6.62
C SER A 51 -5.55 14.22 -6.92
N THR A 52 -5.84 13.92 -8.19
CA THR A 52 -6.08 12.54 -8.61
C THR A 52 -4.82 11.70 -8.49
N ILE A 53 -4.87 10.69 -7.63
CA ILE A 53 -3.73 9.80 -7.43
C ILE A 53 -3.31 9.13 -8.74
N PRO A 54 -2.04 9.27 -9.13
CA PRO A 54 -1.53 8.68 -10.38
C PRO A 54 -1.07 7.24 -10.23
N TYR A 55 -1.81 6.45 -9.45
CA TYR A 55 -1.47 5.05 -9.24
C TYR A 55 -2.58 4.14 -9.74
N ASP A 56 -2.21 2.93 -10.16
CA ASP A 56 -3.18 1.96 -10.66
C ASP A 56 -3.45 0.88 -9.63
N PHE A 57 -4.61 0.95 -8.98
CA PHE A 57 -4.99 -0.03 -7.98
C PHE A 57 -6.32 -0.69 -8.32
N PRO A 58 -6.27 -1.88 -8.95
CA PRO A 58 -7.48 -2.61 -9.34
C PRO A 58 -8.08 -3.41 -8.20
N GLU A 59 -9.30 -3.05 -7.80
CA GLU A 59 -9.98 -3.73 -6.71
C GLU A 59 -10.62 -5.03 -7.20
N LYS A 60 -11.20 -5.79 -6.28
CA LYS A 60 -11.85 -7.05 -6.62
C LYS A 60 -13.34 -7.00 -6.29
N PRO A 61 -14.21 -7.34 -7.25
CA PRO A 61 -15.66 -7.34 -7.05
C PRO A 61 -16.13 -8.54 -6.23
N GLY A 62 -17.11 -8.31 -5.36
CA GLY A 62 -17.63 -9.39 -4.53
C GLY A 62 -19.14 -9.28 -4.34
N VAL A 63 -19.89 -9.59 -5.39
CA VAL A 63 -21.34 -9.53 -5.33
C VAL A 63 -21.91 -10.72 -4.56
N LEU A 64 -21.99 -11.87 -5.21
CA LEU A 64 -22.51 -13.08 -4.58
C LEU A 64 -21.67 -14.30 -4.94
N ASP A 65 -20.36 -14.11 -4.97
CA ASP A 65 -19.43 -15.19 -5.30
C ASP A 65 -19.10 -16.02 -4.06
N ARG A 66 -19.10 -17.35 -4.22
CA ARG A 66 -18.81 -18.24 -3.10
C ARG A 66 -17.90 -19.38 -3.55
N ARG A 67 -18.21 -19.97 -4.70
CA ARG A 67 -17.43 -21.09 -5.22
C ARG A 67 -16.46 -20.62 -6.31
N TRP A 68 -16.88 -19.61 -7.07
CA TRP A 68 -16.04 -19.09 -8.15
C TRP A 68 -15.31 -17.83 -7.70
N GLN A 69 -15.02 -17.74 -6.41
CA GLN A 69 -14.31 -16.60 -5.85
C GLN A 69 -12.88 -16.96 -5.48
N ARG A 70 -12.01 -15.96 -5.44
CA ARG A 70 -10.61 -16.18 -5.10
C ARG A 70 -10.39 -16.02 -3.59
N ARG A 71 -9.47 -16.81 -3.05
CA ARG A 71 -9.16 -16.76 -1.63
C ARG A 71 -8.00 -15.80 -1.36
N TYR A 72 -8.07 -15.10 -0.25
CA TYR A 72 -7.03 -14.14 0.12
C TYR A 72 -5.79 -14.86 0.64
N ASP A 73 -5.94 -16.13 1.02
CA ASP A 73 -4.82 -16.91 1.53
C ASP A 73 -4.19 -17.75 0.43
N ASP A 74 -4.45 -17.39 -0.83
CA ASP A 74 -3.90 -18.11 -1.97
C ASP A 74 -2.53 -17.55 -2.34
N PRO A 75 -1.45 -18.35 -2.14
CA PRO A 75 -0.09 -17.91 -2.47
C PRO A 75 0.03 -17.40 -3.90
N GLU A 76 -0.73 -18.01 -4.80
CA GLU A 76 -0.71 -17.62 -6.20
C GLU A 76 -1.05 -16.14 -6.37
N MET A 77 -2.15 -15.73 -5.75
CA MET A 77 -2.59 -14.34 -5.83
C MET A 77 -1.73 -13.46 -4.93
N ILE A 78 -1.26 -14.02 -3.81
CA ILE A 78 -0.43 -13.28 -2.88
C ILE A 78 0.93 -12.98 -3.49
N ASP A 79 1.42 -13.89 -4.33
CA ASP A 79 2.71 -13.71 -4.99
C ASP A 79 2.74 -12.41 -5.78
N GLU A 80 1.65 -12.12 -6.48
CA GLU A 80 1.56 -10.91 -7.27
C GLU A 80 1.13 -9.71 -6.42
N ARG A 81 0.24 -9.97 -5.46
CA ARG A 81 -0.22 -8.92 -4.56
C ARG A 81 0.96 -8.21 -3.91
N ARG A 82 2.08 -8.93 -3.80
CA ARG A 82 3.29 -8.39 -3.19
C ARG A 82 3.79 -7.20 -4.00
N ILE A 83 4.20 -7.45 -5.22
CA ILE A 83 4.72 -6.39 -6.09
C ILE A 83 3.66 -5.32 -6.33
N GLY A 84 4.07 -4.22 -6.96
CA GLY A 84 3.15 -3.14 -7.24
C GLY A 84 3.02 -2.16 -6.08
N LEU A 85 2.74 -2.69 -4.90
CA LEU A 85 2.59 -1.85 -3.71
C LEU A 85 3.83 -1.00 -3.48
N GLU A 86 5.00 -1.63 -3.52
CA GLU A 86 6.26 -0.92 -3.32
C GLU A 86 6.38 0.27 -4.27
N ARG A 87 6.04 0.05 -5.54
CA ARG A 87 6.11 1.10 -6.54
C ARG A 87 5.19 2.26 -6.17
N PHE A 88 4.01 1.92 -5.66
CA PHE A 88 3.03 2.93 -5.26
C PHE A 88 3.60 3.87 -4.21
N LEU A 89 4.56 3.37 -3.43
CA LEU A 89 5.19 4.16 -2.39
C LEU A 89 6.38 4.94 -2.92
N ASN A 90 7.26 4.26 -3.66
CA ASN A 90 8.44 4.88 -4.23
C ASN A 90 8.12 6.22 -4.89
N GLU A 91 7.26 6.19 -5.90
CA GLU A 91 6.88 7.40 -6.62
C GLU A 91 6.27 8.45 -5.69
N LEU A 92 5.81 8.01 -4.52
CA LEU A 92 5.20 8.91 -3.54
C LEU A 92 6.24 9.45 -2.56
N TYR A 93 6.87 8.53 -1.83
CA TYR A 93 7.88 8.91 -0.85
C TYR A 93 9.06 9.64 -1.48
N ASN A 94 9.20 9.52 -2.80
CA ASN A 94 10.30 10.16 -3.51
C ASN A 94 9.85 11.50 -4.11
N ASP A 95 9.45 12.42 -3.25
CA ASP A 95 9.00 13.75 -3.68
C ASP A 95 9.93 14.83 -3.14
N ARG A 96 10.22 15.82 -3.99
CA ARG A 96 11.10 16.92 -3.59
C ARG A 96 10.38 18.26 -3.68
N PHE A 97 9.75 18.52 -4.82
CA PHE A 97 9.03 19.77 -5.03
C PHE A 97 7.65 19.72 -4.38
N ASP A 98 6.93 18.64 -4.62
CA ASP A 98 5.59 18.47 -4.05
C ASP A 98 5.50 17.16 -3.26
N SER A 99 5.49 17.28 -1.94
CA SER A 99 5.40 16.11 -1.07
C SER A 99 4.03 16.04 -0.40
N ARG A 100 3.01 16.59 -1.07
CA ARG A 100 1.65 16.60 -0.55
C ARG A 100 1.18 15.18 -0.22
N TRP A 101 1.50 14.25 -1.10
CA TRP A 101 1.10 12.85 -0.92
C TRP A 101 1.78 12.21 0.29
N ARG A 102 3.05 12.55 0.50
CA ARG A 102 3.80 11.99 1.63
C ARG A 102 3.66 12.86 2.87
N ASP A 103 3.23 14.10 2.69
CA ASP A 103 3.06 15.02 3.81
C ASP A 103 1.75 14.76 4.55
N THR A 104 0.77 14.23 3.81
CA THR A 104 -0.54 13.93 4.38
C THR A 104 -0.40 13.07 5.64
N LYS A 105 -1.22 13.38 6.64
CA LYS A 105 -1.19 12.63 7.90
C LYS A 105 -1.50 11.16 7.66
N ILE A 106 -2.34 10.89 6.67
CA ILE A 106 -2.72 9.52 6.33
C ILE A 106 -1.52 8.72 5.84
N ALA A 107 -0.64 9.38 5.09
CA ALA A 107 0.55 8.74 4.56
C ALA A 107 1.52 8.37 5.68
N GLN A 108 1.69 9.29 6.63
CA GLN A 108 2.58 9.07 7.75
C GLN A 108 2.06 7.94 8.64
N ASP A 109 0.75 7.88 8.82
CA ASP A 109 0.14 6.85 9.64
C ASP A 109 0.04 5.53 8.90
N PHE A 110 0.10 5.60 7.56
CA PHE A 110 0.03 4.41 6.73
C PHE A 110 1.03 3.35 7.16
N LEU A 111 2.27 3.77 7.37
CA LEU A 111 3.32 2.84 7.78
C LEU A 111 3.55 2.89 9.29
N GLN A 112 2.51 3.25 10.03
CA GLN A 112 2.61 3.34 11.48
C GLN A 112 3.77 4.24 11.89
N LEU A 113 3.96 5.32 11.14
CA LEU A 113 5.04 6.26 11.40
C LEU A 113 4.58 7.37 12.35
N SER A 114 3.81 6.99 13.37
CA SER A 114 3.31 7.94 14.35
C SER A 114 4.45 8.44 15.23
N LYS A 115 4.09 9.04 16.37
CA LYS A 115 5.09 9.56 17.31
C LYS A 115 5.04 8.81 18.63
N PRO A 116 5.73 7.65 18.71
CA PRO A 116 5.76 6.84 19.92
C PRO A 116 6.21 7.63 21.15
N ASN A 117 5.79 7.19 22.33
CA ASN A 117 6.16 7.87 23.57
C ASN A 117 5.80 7.02 24.77
N LYS A 1 21.70 13.00 -14.71
CA LYS A 1 20.91 11.78 -14.45
C LYS A 1 20.33 11.78 -13.03
N MET A 2 19.07 12.21 -12.92
CA MET A 2 18.39 12.27 -11.64
C MET A 2 17.56 11.02 -11.41
N SER A 3 17.76 10.37 -10.26
CA SER A 3 17.02 9.16 -9.92
C SER A 3 16.54 9.22 -8.48
N GLU A 4 15.23 9.03 -8.28
CA GLU A 4 14.64 9.06 -6.95
C GLU A 4 13.92 7.75 -6.66
N LYS A 5 14.55 6.90 -5.84
CA LYS A 5 13.96 5.62 -5.48
C LYS A 5 14.26 5.27 -4.02
N LEU A 6 13.22 5.06 -3.23
CA LEU A 6 13.37 4.71 -1.82
C LEU A 6 13.50 3.20 -1.64
N ARG A 7 14.32 2.79 -0.69
CA ARG A 7 14.51 1.37 -0.43
C ARG A 7 13.25 0.73 0.14
N ILE A 8 12.52 0.03 -0.71
CA ILE A 8 11.29 -0.63 -0.31
C ILE A 8 11.17 -2.00 -0.97
N LYS A 9 11.21 -3.05 -0.16
CA LYS A 9 11.10 -4.41 -0.68
C LYS A 9 10.15 -5.25 0.18
N VAL A 10 9.29 -6.02 -0.48
CA VAL A 10 8.34 -6.86 0.23
C VAL A 10 8.58 -8.34 -0.06
N ASP A 11 8.95 -9.08 0.97
CA ASP A 11 9.21 -10.50 0.83
C ASP A 11 8.67 -11.29 2.01
N ASP A 12 7.62 -10.76 2.65
CA ASP A 12 7.00 -11.41 3.79
C ASP A 12 5.49 -11.28 3.75
N VAL A 13 4.79 -12.36 4.09
CA VAL A 13 3.34 -12.36 4.09
C VAL A 13 2.79 -13.31 5.15
N LYS A 14 2.04 -12.74 6.10
CA LYS A 14 1.45 -13.53 7.18
C LYS A 14 -0.03 -13.80 6.90
N ILE A 15 -0.34 -15.02 6.50
CA ILE A 15 -1.71 -15.40 6.20
C ILE A 15 -2.52 -15.61 7.49
N ASN A 16 -3.26 -14.58 7.89
CA ASN A 16 -4.08 -14.66 9.09
C ASN A 16 -5.50 -15.09 8.75
N PRO A 17 -6.14 -15.88 9.64
CA PRO A 17 -7.51 -16.36 9.42
C PRO A 17 -8.49 -15.23 9.15
N LYS A 18 -8.14 -14.02 9.59
CA LYS A 18 -9.01 -12.86 9.40
C LYS A 18 -8.59 -12.05 8.17
N TYR A 19 -7.31 -12.09 7.85
CA TYR A 19 -6.79 -11.35 6.71
C TYR A 19 -5.33 -11.67 6.45
N VAL A 20 -4.86 -11.36 5.24
CA VAL A 20 -3.47 -11.61 4.87
C VAL A 20 -2.63 -10.35 4.99
N LEU A 21 -1.61 -10.41 5.85
CA LEU A 21 -0.73 -9.27 6.07
C LEU A 21 0.45 -9.29 5.11
N TYR A 22 1.08 -8.13 4.92
CA TYR A 22 2.23 -8.02 4.03
C TYR A 22 3.39 -7.34 4.74
N GLY A 23 4.53 -8.02 4.77
CA GLY A 23 5.71 -7.47 5.43
C GLY A 23 6.55 -6.62 4.49
N VAL A 24 6.33 -5.32 4.52
CA VAL A 24 7.08 -4.40 3.67
C VAL A 24 8.38 -3.98 4.33
N SER A 25 9.49 -4.41 3.76
CA SER A 25 10.81 -4.08 4.28
C SER A 25 11.25 -2.70 3.82
N THR A 26 11.69 -1.87 4.78
CA THR A 26 12.15 -0.53 4.47
C THR A 26 13.36 -0.16 5.32
N PRO A 27 14.09 0.90 4.94
CA PRO A 27 15.28 1.37 5.69
C PRO A 27 15.05 1.35 7.19
N ASN A 28 13.81 1.55 7.61
CA ASN A 28 13.47 1.55 9.02
C ASN A 28 13.29 0.12 9.52
N LYS A 29 12.44 -0.65 8.83
CA LYS A 29 12.18 -2.04 9.19
C LYS A 29 10.99 -2.58 8.41
N ARG A 30 10.62 -3.83 8.71
CA ARG A 30 9.50 -4.47 8.04
C ARG A 30 8.17 -4.03 8.64
N LEU A 31 7.28 -3.50 7.80
CA LEU A 31 5.98 -3.04 8.26
C LEU A 31 4.87 -3.95 7.75
N TYR A 32 4.00 -4.38 8.66
CA TYR A 32 2.89 -5.27 8.32
C TYR A 32 1.65 -4.46 7.97
N LYS A 33 0.96 -4.85 6.91
CA LYS A 33 -0.25 -4.16 6.47
C LYS A 33 -1.17 -5.11 5.72
N ARG A 34 -2.39 -4.65 5.44
CA ARG A 34 -3.37 -5.46 4.72
C ARG A 34 -3.62 -4.89 3.32
N TYR A 35 -4.15 -5.73 2.44
CA TYR A 35 -4.45 -5.31 1.08
C TYR A 35 -5.47 -4.18 1.07
N SER A 36 -6.59 -4.41 1.75
CA SER A 36 -7.65 -3.41 1.83
C SER A 36 -7.14 -2.12 2.45
N GLU A 37 -6.11 -2.23 3.27
CA GLU A 37 -5.52 -1.07 3.93
C GLU A 37 -4.91 -0.12 2.91
N PHE A 38 -4.21 -0.68 1.93
CA PHE A 38 -3.58 0.11 0.88
C PHE A 38 -4.63 0.90 0.10
N TRP A 39 -5.68 0.22 -0.32
CA TRP A 39 -6.76 0.85 -1.07
C TRP A 39 -7.40 1.95 -0.24
N LYS A 40 -7.52 1.71 1.06
CA LYS A 40 -8.12 2.68 1.97
C LYS A 40 -7.32 3.99 1.97
N LEU A 41 -6.03 3.89 1.70
CA LEU A 41 -5.16 5.05 1.66
C LEU A 41 -5.18 5.71 0.28
N LYS A 42 -5.31 4.89 -0.76
CA LYS A 42 -5.35 5.39 -2.13
C LYS A 42 -6.43 6.45 -2.31
N THR A 43 -7.69 6.00 -2.29
CA THR A 43 -8.82 6.91 -2.46
C THR A 43 -8.75 8.07 -1.47
N ARG A 44 -8.25 7.79 -0.27
CA ARG A 44 -8.13 8.83 0.76
C ARG A 44 -7.32 10.02 0.24
N LEU A 45 -6.05 9.78 -0.09
CA LEU A 45 -5.18 10.82 -0.60
C LEU A 45 -5.88 11.64 -1.68
N GLU A 46 -6.73 10.98 -2.45
CA GLU A 46 -7.47 11.65 -3.53
C GLU A 46 -8.50 12.62 -2.96
N ARG A 47 -9.14 12.23 -1.87
CA ARG A 47 -10.15 13.07 -1.24
C ARG A 47 -9.53 14.02 -0.22
N ASP A 48 -8.35 13.66 0.27
CA ASP A 48 -7.65 14.49 1.25
C ASP A 48 -6.76 15.52 0.55
N VAL A 49 -6.11 15.09 -0.52
CA VAL A 49 -5.23 15.97 -1.28
C VAL A 49 -6.01 16.71 -2.35
N GLY A 50 -7.04 16.06 -2.89
CA GLY A 50 -7.86 16.68 -3.92
C GLY A 50 -7.18 16.63 -5.28
N SER A 51 -6.22 15.71 -5.44
CA SER A 51 -5.52 15.57 -6.70
C SER A 51 -5.62 14.14 -7.22
N THR A 52 -5.28 13.95 -8.50
CA THR A 52 -5.33 12.63 -9.11
C THR A 52 -4.04 11.86 -8.86
N ILE A 53 -4.18 10.66 -8.29
CA ILE A 53 -3.02 9.82 -8.00
C ILE A 53 -2.57 9.04 -9.24
N PRO A 54 -1.25 9.02 -9.52
CA PRO A 54 -0.71 8.33 -10.69
C PRO A 54 -0.44 6.84 -10.41
N TYR A 55 -1.19 6.26 -9.49
CA TYR A 55 -1.02 4.86 -9.14
C TYR A 55 -2.22 4.03 -9.61
N ASP A 56 -1.95 2.81 -10.06
CA ASP A 56 -3.00 1.92 -10.54
C ASP A 56 -3.34 0.87 -9.49
N PHE A 57 -4.61 0.85 -9.08
CA PHE A 57 -5.06 -0.12 -8.07
C PHE A 57 -6.38 -0.76 -8.50
N PRO A 58 -6.32 -1.95 -9.12
CA PRO A 58 -7.53 -2.66 -9.57
C PRO A 58 -8.32 -3.25 -8.42
N GLU A 59 -9.54 -2.76 -8.22
CA GLU A 59 -10.41 -3.23 -7.16
C GLU A 59 -11.72 -3.76 -7.72
N LYS A 60 -12.45 -4.53 -6.91
CA LYS A 60 -13.72 -5.09 -7.33
C LYS A 60 -14.79 -4.89 -6.25
N PRO A 61 -15.96 -4.34 -6.61
CA PRO A 61 -17.05 -4.11 -5.65
C PRO A 61 -17.44 -5.37 -4.90
N GLY A 62 -17.94 -5.20 -3.67
CA GLY A 62 -18.34 -6.33 -2.87
C GLY A 62 -19.84 -6.50 -2.80
N VAL A 63 -20.46 -6.74 -3.96
CA VAL A 63 -21.90 -6.91 -4.03
C VAL A 63 -22.28 -8.40 -3.95
N LEU A 64 -22.14 -9.09 -5.07
CA LEU A 64 -22.47 -10.52 -5.13
C LEU A 64 -21.44 -11.28 -5.96
N ASP A 65 -20.20 -11.30 -5.47
CA ASP A 65 -19.12 -12.00 -6.16
C ASP A 65 -19.33 -13.51 -6.11
N ARG A 66 -19.14 -14.16 -7.25
CA ARG A 66 -19.31 -15.61 -7.34
C ARG A 66 -18.54 -16.19 -8.53
N ARG A 67 -18.62 -15.51 -9.66
CA ARG A 67 -17.93 -15.96 -10.87
C ARG A 67 -16.45 -15.60 -10.82
N TRP A 68 -16.14 -14.46 -10.20
CA TRP A 68 -14.76 -14.01 -10.09
C TRP A 68 -14.27 -14.10 -8.65
N GLN A 69 -14.72 -15.13 -7.94
CA GLN A 69 -14.32 -15.34 -6.54
C GLN A 69 -12.83 -15.64 -6.45
N ARG A 70 -12.27 -15.48 -5.26
CA ARG A 70 -10.85 -15.75 -5.04
C ARG A 70 -10.57 -16.00 -3.55
N ARG A 71 -9.63 -16.89 -3.29
CA ARG A 71 -9.26 -17.22 -1.91
C ARG A 71 -8.18 -16.26 -1.39
N TYR A 72 -8.57 -15.42 -0.44
CA TYR A 72 -7.65 -14.45 0.15
C TYR A 72 -6.32 -15.11 0.52
N ASP A 73 -6.37 -16.40 0.85
CA ASP A 73 -5.17 -17.14 1.22
C ASP A 73 -4.59 -17.90 0.03
N ASP A 74 -4.73 -17.33 -1.16
CA ASP A 74 -4.22 -17.96 -2.37
C ASP A 74 -2.88 -17.34 -2.78
N PRO A 75 -1.77 -18.07 -2.57
CA PRO A 75 -0.43 -17.58 -2.92
C PRO A 75 -0.37 -17.03 -4.35
N GLU A 76 -1.26 -17.51 -5.21
CA GLU A 76 -1.30 -17.07 -6.59
C GLU A 76 -1.53 -15.57 -6.68
N MET A 77 -2.65 -15.10 -6.14
CA MET A 77 -2.97 -13.68 -6.14
C MET A 77 -2.11 -12.92 -5.15
N ILE A 78 -1.79 -13.58 -4.04
CA ILE A 78 -0.96 -12.97 -3.01
C ILE A 78 0.43 -12.63 -3.55
N ASP A 79 1.02 -13.57 -4.28
CA ASP A 79 2.34 -13.36 -4.87
C ASP A 79 2.38 -12.07 -5.68
N GLU A 80 1.38 -11.86 -6.53
CA GLU A 80 1.31 -10.67 -7.36
C GLU A 80 0.87 -9.47 -6.52
N ARG A 81 -0.02 -9.72 -5.56
CA ARG A 81 -0.50 -8.66 -4.69
C ARG A 81 0.66 -7.99 -3.95
N ARG A 82 1.75 -8.73 -3.78
CA ARG A 82 2.93 -8.22 -3.11
C ARG A 82 3.51 -7.02 -3.85
N ILE A 83 3.81 -7.22 -5.14
CA ILE A 83 4.36 -6.15 -5.96
C ILE A 83 3.34 -5.06 -6.19
N GLY A 84 3.82 -3.91 -6.66
CA GLY A 84 2.93 -2.79 -6.91
C GLY A 84 2.84 -1.83 -5.74
N LEU A 85 2.90 -2.38 -4.53
CA LEU A 85 2.81 -1.57 -3.32
C LEU A 85 4.11 -0.81 -3.07
N GLU A 86 5.23 -1.49 -3.26
CA GLU A 86 6.54 -0.86 -3.05
C GLU A 86 6.70 0.38 -3.91
N ARG A 87 6.44 0.25 -5.21
CA ARG A 87 6.56 1.37 -6.14
C ARG A 87 5.56 2.47 -5.79
N PHE A 88 4.42 2.08 -5.23
CA PHE A 88 3.38 3.03 -4.86
C PHE A 88 3.90 4.03 -3.83
N LEU A 89 4.77 3.56 -2.94
CA LEU A 89 5.35 4.41 -1.91
C LEU A 89 6.61 5.09 -2.41
N ASN A 90 7.42 4.36 -3.17
CA ASN A 90 8.67 4.88 -3.71
C ASN A 90 8.48 6.27 -4.32
N GLU A 91 7.63 6.35 -5.34
CA GLU A 91 7.38 7.62 -6.02
C GLU A 91 6.58 8.58 -5.13
N LEU A 92 5.86 8.03 -4.17
CA LEU A 92 5.06 8.84 -3.26
C LEU A 92 5.93 9.60 -2.25
N TYR A 93 6.77 8.85 -1.54
CA TYR A 93 7.65 9.44 -0.54
C TYR A 93 8.83 10.19 -1.16
N ASN A 94 9.01 10.02 -2.47
CA ASN A 94 10.11 10.70 -3.17
C ASN A 94 9.62 11.98 -3.84
N ASP A 95 9.15 12.93 -3.04
CA ASP A 95 8.65 14.20 -3.56
C ASP A 95 9.38 15.37 -2.93
N ARG A 96 10.06 16.16 -3.75
CA ARG A 96 10.79 17.32 -3.27
C ARG A 96 10.06 18.61 -3.62
N PHE A 97 9.38 18.61 -4.76
CA PHE A 97 8.63 19.78 -5.20
C PHE A 97 7.23 19.78 -4.62
N ASP A 98 6.57 18.62 -4.69
CA ASP A 98 5.22 18.47 -4.17
C ASP A 98 5.07 17.15 -3.43
N SER A 99 5.09 17.21 -2.10
CA SER A 99 4.96 16.02 -1.27
C SER A 99 3.62 16.00 -0.54
N ARG A 100 2.61 16.60 -1.16
CA ARG A 100 1.28 16.64 -0.58
C ARG A 100 0.76 15.23 -0.32
N TRP A 101 1.13 14.31 -1.20
CA TRP A 101 0.72 12.91 -1.08
C TRP A 101 1.21 12.31 0.23
N ARG A 102 2.48 12.50 0.53
CA ARG A 102 3.07 11.96 1.76
C ARG A 102 2.75 12.88 2.94
N ASP A 103 2.69 14.18 2.69
CA ASP A 103 2.41 15.16 3.72
C ASP A 103 1.10 14.82 4.44
N THR A 104 0.14 14.29 3.70
CA THR A 104 -1.16 13.92 4.25
C THR A 104 -0.99 13.11 5.54
N LYS A 105 -1.89 13.35 6.50
CA LYS A 105 -1.84 12.64 7.77
C LYS A 105 -1.98 11.14 7.56
N ILE A 106 -2.72 10.75 6.52
CA ILE A 106 -2.92 9.34 6.21
C ILE A 106 -1.62 8.68 5.77
N ALA A 107 -0.83 9.40 4.98
CA ALA A 107 0.44 8.88 4.50
C ALA A 107 1.46 8.82 5.63
N GLN A 108 1.45 9.84 6.47
CA GLN A 108 2.38 9.90 7.61
C GLN A 108 2.02 8.86 8.67
N ASP A 109 0.74 8.49 8.71
CA ASP A 109 0.28 7.49 9.68
C ASP A 109 0.28 6.08 9.08
N PHE A 110 0.42 6.01 7.75
CA PHE A 110 0.43 4.73 7.06
C PHE A 110 1.52 3.81 7.61
N LEU A 111 2.72 4.36 7.77
CA LEU A 111 3.86 3.58 8.28
C LEU A 111 4.23 4.04 9.69
N GLN A 112 3.26 4.58 10.42
CA GLN A 112 3.50 5.06 11.78
C GLN A 112 4.58 6.14 11.80
N LEU A 113 4.53 7.02 10.81
CA LEU A 113 5.50 8.11 10.71
C LEU A 113 4.95 9.39 11.35
N SER A 114 4.32 9.23 12.51
CA SER A 114 3.74 10.37 13.22
C SER A 114 4.24 10.41 14.67
N LYS A 115 3.83 11.43 15.41
CA LYS A 115 4.22 11.59 16.80
C LYS A 115 3.70 10.43 17.64
N PRO A 116 4.60 9.59 18.20
CA PRO A 116 4.21 8.44 19.03
C PRO A 116 3.60 8.88 20.36
N ASN A 117 2.42 8.35 20.66
CA ASN A 117 1.72 8.67 21.90
C ASN A 117 1.42 10.16 21.97
N LYS A 1 24.71 11.56 -11.95
CA LYS A 1 23.72 11.98 -10.92
C LYS A 1 22.83 10.83 -10.51
N MET A 2 22.65 10.65 -9.20
CA MET A 2 21.81 9.58 -8.68
C MET A 2 20.33 9.92 -8.83
N SER A 3 19.49 8.90 -8.95
CA SER A 3 18.06 9.09 -9.09
C SER A 3 17.36 9.10 -7.74
N GLU A 4 16.13 9.62 -7.71
CA GLU A 4 15.36 9.69 -6.48
C GLU A 4 14.37 8.53 -6.39
N LYS A 5 14.64 7.59 -5.49
CA LYS A 5 13.77 6.43 -5.30
C LYS A 5 13.94 5.85 -3.90
N LEU A 6 12.83 5.45 -3.30
CA LEU A 6 12.85 4.88 -1.95
C LEU A 6 13.10 3.37 -2.02
N ARG A 7 13.85 2.86 -1.05
CA ARG A 7 14.15 1.43 -1.00
C ARG A 7 13.09 0.67 -0.22
N ILE A 8 12.16 0.06 -0.93
CA ILE A 8 11.09 -0.70 -0.31
C ILE A 8 11.00 -2.10 -0.91
N LYS A 9 11.32 -3.11 -0.11
CA LYS A 9 11.28 -4.49 -0.56
C LYS A 9 10.37 -5.32 0.33
N VAL A 10 9.47 -6.08 -0.29
CA VAL A 10 8.54 -6.92 0.45
C VAL A 10 8.85 -8.41 0.24
N ASP A 11 9.24 -9.08 1.32
CA ASP A 11 9.56 -10.50 1.25
C ASP A 11 9.03 -11.24 2.47
N ASP A 12 7.98 -10.70 3.09
CA ASP A 12 7.38 -11.31 4.26
C ASP A 12 5.85 -11.29 4.16
N VAL A 13 5.24 -12.44 4.42
CA VAL A 13 3.78 -12.55 4.36
C VAL A 13 3.27 -13.55 5.39
N LYS A 14 2.56 -13.05 6.39
CA LYS A 14 2.01 -13.89 7.45
C LYS A 14 0.56 -14.26 7.14
N ILE A 15 0.36 -15.47 6.62
CA ILE A 15 -0.97 -15.94 6.29
C ILE A 15 -1.78 -16.27 7.55
N ASN A 16 -2.61 -15.32 7.97
CA ASN A 16 -3.44 -15.51 9.16
C ASN A 16 -4.84 -15.97 8.78
N PRO A 17 -5.45 -16.84 9.60
CA PRO A 17 -6.80 -17.36 9.34
C PRO A 17 -7.83 -16.24 9.14
N LYS A 18 -7.51 -15.05 9.63
CA LYS A 18 -8.42 -13.92 9.52
C LYS A 18 -8.08 -13.04 8.31
N TYR A 19 -6.79 -12.96 7.99
CA TYR A 19 -6.34 -12.16 6.85
C TYR A 19 -4.85 -12.37 6.60
N VAL A 20 -4.41 -12.00 5.39
CA VAL A 20 -3.02 -12.13 5.00
C VAL A 20 -2.30 -10.78 5.04
N LEU A 21 -1.32 -10.66 5.94
CA LEU A 21 -0.55 -9.43 6.08
C LEU A 21 0.72 -9.48 5.24
N TYR A 22 1.28 -8.31 4.95
CA TYR A 22 2.50 -8.22 4.15
C TYR A 22 3.55 -7.39 4.85
N GLY A 23 4.73 -7.97 5.03
CA GLY A 23 5.81 -7.26 5.68
C GLY A 23 6.64 -6.46 4.70
N VAL A 24 6.36 -5.16 4.62
CA VAL A 24 7.09 -4.29 3.70
C VAL A 24 8.35 -3.74 4.34
N SER A 25 9.50 -4.10 3.77
CA SER A 25 10.79 -3.65 4.28
C SER A 25 11.10 -2.24 3.80
N THR A 26 11.60 -1.40 4.70
CA THR A 26 11.94 -0.02 4.38
C THR A 26 13.09 0.48 5.26
N PRO A 27 13.71 1.61 4.88
CA PRO A 27 14.83 2.18 5.64
C PRO A 27 14.57 2.20 7.15
N ASN A 28 13.31 2.29 7.52
CA ASN A 28 12.92 2.29 8.92
C ASN A 28 12.88 0.87 9.47
N LYS A 29 12.12 0.02 8.79
CA LYS A 29 11.98 -1.39 9.18
C LYS A 29 10.84 -2.06 8.42
N ARG A 30 10.58 -3.32 8.74
CA ARG A 30 9.51 -4.08 8.09
C ARG A 30 8.16 -3.74 8.71
N LEU A 31 7.21 -3.37 7.86
CA LEU A 31 5.87 -3.01 8.32
C LEU A 31 4.82 -3.98 7.78
N TYR A 32 3.83 -4.30 8.62
CA TYR A 32 2.76 -5.20 8.22
C TYR A 32 1.50 -4.43 7.85
N LYS A 33 1.15 -4.44 6.58
CA LYS A 33 -0.02 -3.73 6.10
C LYS A 33 -0.98 -4.67 5.38
N ARG A 34 -2.14 -4.15 4.99
CA ARG A 34 -3.14 -4.94 4.30
C ARG A 34 -3.42 -4.36 2.92
N TYR A 35 -3.73 -5.24 1.96
CA TYR A 35 -4.02 -4.81 0.59
C TYR A 35 -5.17 -3.81 0.56
N SER A 36 -6.27 -4.19 1.19
CA SER A 36 -7.45 -3.32 1.23
C SER A 36 -7.11 -1.96 1.84
N GLU A 37 -6.12 -1.94 2.71
CA GLU A 37 -5.69 -0.70 3.36
C GLU A 37 -4.98 0.21 2.36
N PHE A 38 -4.31 -0.39 1.39
CA PHE A 38 -3.58 0.37 0.37
C PHE A 38 -4.56 1.20 -0.48
N TRP A 39 -5.57 0.52 -1.03
CA TRP A 39 -6.56 1.19 -1.86
C TRP A 39 -7.20 2.35 -1.09
N LYS A 40 -7.39 2.15 0.21
CA LYS A 40 -7.99 3.17 1.06
C LYS A 40 -7.16 4.45 1.03
N LEU A 41 -5.85 4.30 1.23
CA LEU A 41 -4.94 5.44 1.24
C LEU A 41 -5.09 6.28 -0.02
N LYS A 42 -5.36 5.60 -1.13
CA LYS A 42 -5.52 6.29 -2.42
C LYS A 42 -6.63 7.34 -2.37
N THR A 43 -7.88 6.88 -2.37
CA THR A 43 -9.04 7.78 -2.34
C THR A 43 -8.87 8.88 -1.30
N ARG A 44 -8.28 8.54 -0.16
CA ARG A 44 -8.07 9.53 0.90
C ARG A 44 -7.25 10.71 0.38
N LEU A 45 -6.01 10.43 -0.01
CA LEU A 45 -5.12 11.45 -0.54
C LEU A 45 -5.82 12.31 -1.58
N GLU A 46 -6.69 11.68 -2.36
CA GLU A 46 -7.43 12.39 -3.40
C GLU A 46 -8.30 13.49 -2.79
N ARG A 47 -8.99 13.16 -1.71
CA ARG A 47 -9.86 14.12 -1.03
C ARG A 47 -9.11 14.89 0.05
N ASP A 48 -7.95 14.37 0.44
CA ASP A 48 -7.14 15.02 1.47
C ASP A 48 -6.19 16.05 0.86
N VAL A 49 -5.69 15.73 -0.33
CA VAL A 49 -4.78 16.63 -1.04
C VAL A 49 -5.55 17.53 -1.99
N GLY A 50 -6.64 17.01 -2.53
CA GLY A 50 -7.45 17.77 -3.46
C GLY A 50 -7.09 17.50 -4.90
N SER A 51 -5.95 16.85 -5.12
CA SER A 51 -5.49 16.54 -6.46
C SER A 51 -5.74 15.06 -6.78
N THR A 52 -5.51 14.69 -8.03
CA THR A 52 -5.70 13.30 -8.46
C THR A 52 -4.43 12.49 -8.26
N ILE A 53 -4.57 11.18 -8.19
CA ILE A 53 -3.43 10.29 -8.00
C ILE A 53 -3.13 9.52 -9.28
N PRO A 54 -1.87 9.61 -9.78
CA PRO A 54 -1.46 8.93 -11.00
C PRO A 54 -0.97 7.49 -10.76
N TYR A 55 -1.55 6.83 -9.76
CA TYR A 55 -1.17 5.45 -9.45
C TYR A 55 -2.19 4.47 -10.00
N ASP A 56 -1.70 3.46 -10.72
CA ASP A 56 -2.56 2.45 -11.30
C ASP A 56 -2.94 1.40 -10.27
N PHE A 57 -4.23 1.38 -9.90
CA PHE A 57 -4.72 0.43 -8.92
C PHE A 57 -6.04 -0.19 -9.38
N PRO A 58 -5.98 -1.38 -10.00
CA PRO A 58 -7.18 -2.06 -10.50
C PRO A 58 -8.04 -2.62 -9.36
N GLU A 59 -9.27 -2.13 -9.26
CA GLU A 59 -10.19 -2.58 -8.23
C GLU A 59 -11.21 -3.56 -8.80
N LYS A 60 -11.98 -4.19 -7.92
CA LYS A 60 -12.99 -5.15 -8.34
C LYS A 60 -14.16 -5.17 -7.35
N PRO A 61 -15.34 -4.67 -7.76
CA PRO A 61 -16.53 -4.64 -6.90
C PRO A 61 -16.82 -6.00 -6.28
N GLY A 62 -17.39 -5.97 -5.07
CA GLY A 62 -17.71 -7.21 -4.39
C GLY A 62 -19.06 -7.15 -3.69
N VAL A 63 -20.13 -7.14 -4.47
CA VAL A 63 -21.47 -7.09 -3.93
C VAL A 63 -21.90 -8.46 -3.39
N LEU A 64 -22.30 -9.35 -4.29
CA LEU A 64 -22.73 -10.69 -3.91
C LEU A 64 -21.81 -11.74 -4.48
N ASP A 65 -20.51 -11.44 -4.50
CA ASP A 65 -19.52 -12.36 -5.04
C ASP A 65 -18.68 -12.96 -3.92
N ARG A 66 -18.31 -14.23 -4.06
CA ARG A 66 -17.51 -14.92 -3.06
C ARG A 66 -17.31 -16.38 -3.43
N ARG A 67 -18.34 -16.99 -4.02
CA ARG A 67 -18.28 -18.39 -4.43
C ARG A 67 -17.27 -18.57 -5.56
N TRP A 68 -17.25 -17.63 -6.50
CA TRP A 68 -16.34 -17.69 -7.64
C TRP A 68 -15.11 -16.82 -7.40
N GLN A 69 -14.74 -16.65 -6.13
CA GLN A 69 -13.58 -15.83 -5.79
C GLN A 69 -12.47 -16.69 -5.19
N ARG A 70 -11.23 -16.28 -5.44
CA ARG A 70 -10.07 -17.02 -4.93
C ARG A 70 -9.94 -16.85 -3.42
N ARG A 71 -9.18 -17.75 -2.79
CA ARG A 71 -8.98 -17.69 -1.35
C ARG A 71 -7.96 -16.62 -0.98
N TYR A 72 -8.25 -15.89 0.11
CA TYR A 72 -7.36 -14.83 0.57
C TYR A 72 -5.99 -15.38 0.91
N ASP A 73 -5.93 -16.66 1.31
CA ASP A 73 -4.68 -17.29 1.67
C ASP A 73 -4.17 -18.17 0.52
N ASP A 74 -4.45 -17.76 -0.70
CA ASP A 74 -4.02 -18.50 -1.88
C ASP A 74 -2.71 -17.93 -2.43
N PRO A 75 -1.64 -18.73 -2.43
CA PRO A 75 -0.32 -18.29 -2.94
C PRO A 75 -0.42 -17.67 -4.33
N GLU A 76 -1.34 -18.18 -5.14
CA GLU A 76 -1.54 -17.67 -6.49
C GLU A 76 -1.91 -16.19 -6.46
N MET A 77 -2.74 -15.81 -5.49
CA MET A 77 -3.16 -14.42 -5.35
C MET A 77 -2.17 -13.63 -4.51
N ILE A 78 -1.56 -14.30 -3.53
CA ILE A 78 -0.59 -13.66 -2.66
C ILE A 78 0.66 -13.26 -3.44
N ASP A 79 0.97 -14.01 -4.49
CA ASP A 79 2.14 -13.73 -5.31
C ASP A 79 2.08 -12.31 -5.89
N GLU A 80 1.06 -12.06 -6.71
CA GLU A 80 0.89 -10.75 -7.32
C GLU A 80 0.46 -9.71 -6.29
N ARG A 81 -0.33 -10.15 -5.32
CA ARG A 81 -0.81 -9.26 -4.27
C ARG A 81 0.35 -8.56 -3.56
N ARG A 82 1.53 -9.19 -3.61
CA ARG A 82 2.72 -8.64 -2.99
C ARG A 82 3.23 -7.41 -3.75
N ILE A 83 3.65 -7.64 -4.99
CA ILE A 83 4.17 -6.56 -5.83
C ILE A 83 3.14 -5.44 -6.00
N GLY A 84 3.61 -4.31 -6.52
CA GLY A 84 2.73 -3.17 -6.74
C GLY A 84 2.69 -2.23 -5.57
N LEU A 85 2.60 -2.77 -4.36
CA LEU A 85 2.55 -1.96 -3.15
C LEU A 85 3.78 -1.06 -3.04
N GLU A 86 4.96 -1.67 -3.15
CA GLU A 86 6.22 -0.93 -3.05
C GLU A 86 6.26 0.23 -4.04
N ARG A 87 5.92 -0.05 -5.30
CA ARG A 87 5.94 0.97 -6.34
C ARG A 87 5.05 2.14 -5.97
N PHE A 88 3.90 1.85 -5.38
CA PHE A 88 2.95 2.89 -4.99
C PHE A 88 3.49 3.70 -3.80
N LEU A 89 4.42 3.13 -3.06
CA LEU A 89 5.00 3.80 -1.90
C LEU A 89 6.19 4.68 -2.31
N ASN A 90 7.14 4.09 -3.02
CA ASN A 90 8.33 4.81 -3.47
C ASN A 90 7.97 6.13 -4.16
N GLU A 91 7.23 6.02 -5.25
CA GLU A 91 6.83 7.21 -6.01
C GLU A 91 6.18 8.26 -5.10
N LEU A 92 5.61 7.82 -3.99
CA LEU A 92 4.96 8.74 -3.06
C LEU A 92 5.96 9.29 -2.03
N TYR A 93 6.59 8.40 -1.28
CA TYR A 93 7.55 8.80 -0.26
C TYR A 93 8.77 9.48 -0.87
N ASN A 94 8.94 9.34 -2.19
CA ASN A 94 10.07 9.95 -2.88
C ASN A 94 9.76 11.41 -3.24
N ASP A 95 9.44 12.20 -2.23
CA ASP A 95 9.11 13.62 -2.43
C ASP A 95 10.22 14.33 -3.20
N ARG A 96 9.81 15.18 -4.15
CA ARG A 96 10.77 15.94 -4.95
C ARG A 96 10.44 17.43 -4.92
N PHE A 97 9.37 17.82 -5.61
CA PHE A 97 8.95 19.22 -5.65
C PHE A 97 7.67 19.41 -4.87
N ASP A 98 6.84 18.37 -4.82
CA ASP A 98 5.57 18.41 -4.10
C ASP A 98 5.37 17.15 -3.29
N SER A 99 5.49 17.28 -1.97
CA SER A 99 5.34 16.14 -1.08
C SER A 99 3.98 16.15 -0.38
N ARG A 100 3.00 16.81 -0.99
CA ARG A 100 1.65 16.88 -0.42
C ARG A 100 1.07 15.49 -0.27
N TRP A 101 1.51 14.58 -1.15
CA TRP A 101 1.02 13.21 -1.12
C TRP A 101 1.52 12.45 0.11
N ARG A 102 2.76 12.69 0.51
CA ARG A 102 3.34 12.04 1.67
C ARG A 102 3.18 12.89 2.92
N ASP A 103 2.95 14.19 2.73
CA ASP A 103 2.79 15.11 3.86
C ASP A 103 1.42 14.92 4.51
N THR A 104 0.46 14.40 3.74
CA THR A 104 -0.89 14.17 4.25
C THR A 104 -0.86 13.38 5.55
N LYS A 105 -1.70 13.77 6.50
CA LYS A 105 -1.77 13.09 7.78
C LYS A 105 -2.15 11.62 7.62
N ILE A 106 -2.90 11.34 6.55
CA ILE A 106 -3.34 9.97 6.27
C ILE A 106 -2.15 9.10 5.86
N ALA A 107 -1.16 9.70 5.21
CA ALA A 107 0.02 8.97 4.77
C ALA A 107 0.91 8.62 5.95
N GLN A 108 0.93 9.49 6.95
CA GLN A 108 1.75 9.27 8.14
C GLN A 108 1.23 8.07 8.93
N ASP A 109 -0.09 7.90 8.96
CA ASP A 109 -0.71 6.79 9.68
C ASP A 109 -0.60 5.48 8.89
N PHE A 110 -0.40 5.61 7.57
CA PHE A 110 -0.30 4.44 6.70
C PHE A 110 0.77 3.46 7.21
N LEU A 111 1.95 3.99 7.54
CA LEU A 111 3.04 3.15 8.02
C LEU A 111 3.23 3.32 9.53
N GLN A 112 2.16 3.66 10.23
CA GLN A 112 2.22 3.85 11.67
C GLN A 112 3.28 4.88 12.04
N LEU A 113 3.32 5.97 11.28
CA LEU A 113 4.28 7.04 11.51
C LEU A 113 3.72 8.09 12.46
N SER A 114 2.99 7.63 13.48
CA SER A 114 2.39 8.53 14.45
C SER A 114 2.39 7.90 15.84
N LYS A 115 2.01 8.68 16.85
CA LYS A 115 1.96 8.19 18.21
C LYS A 115 0.97 7.04 18.37
N PRO A 116 1.46 5.80 18.56
CA PRO A 116 0.60 4.62 18.71
C PRO A 116 -0.31 4.72 19.94
N ASN A 117 -1.61 4.55 19.73
CA ASN A 117 -2.57 4.62 20.81
C ASN A 117 -2.51 5.97 21.51
N LYS A 1 19.43 8.43 -18.14
CA LYS A 1 19.80 8.80 -16.75
C LYS A 1 19.07 7.93 -15.74
N MET A 2 19.38 8.13 -14.46
CA MET A 2 18.76 7.36 -13.39
C MET A 2 17.67 8.18 -12.70
N SER A 3 16.93 7.52 -11.81
CA SER A 3 15.85 8.19 -11.09
C SER A 3 15.92 7.86 -9.59
N GLU A 4 15.48 8.81 -8.77
CA GLU A 4 15.49 8.62 -7.32
C GLU A 4 14.36 7.70 -6.88
N LYS A 5 14.72 6.59 -6.24
CA LYS A 5 13.75 5.62 -5.77
C LYS A 5 13.91 5.35 -4.28
N LEU A 6 12.79 5.13 -3.59
CA LEU A 6 12.81 4.86 -2.15
C LEU A 6 13.07 3.39 -1.90
N ARG A 7 13.85 3.10 -0.86
CA ARG A 7 14.16 1.71 -0.51
C ARG A 7 12.97 1.03 0.14
N ILE A 8 12.25 0.25 -0.66
CA ILE A 8 11.08 -0.47 -0.18
C ILE A 8 11.00 -1.87 -0.79
N LYS A 9 11.18 -2.87 0.05
CA LYS A 9 11.13 -4.26 -0.41
C LYS A 9 10.14 -5.07 0.43
N VAL A 10 9.20 -5.72 -0.24
CA VAL A 10 8.19 -6.52 0.44
C VAL A 10 8.34 -8.00 0.09
N ASP A 11 8.95 -8.76 1.00
CA ASP A 11 9.15 -10.19 0.77
C ASP A 11 8.64 -11.00 1.96
N ASP A 12 7.68 -10.43 2.70
CA ASP A 12 7.11 -11.10 3.86
C ASP A 12 5.59 -11.07 3.81
N VAL A 13 4.97 -12.22 4.08
CA VAL A 13 3.52 -12.32 4.06
C VAL A 13 3.03 -13.39 5.02
N LYS A 14 2.32 -12.96 6.07
CA LYS A 14 1.79 -13.89 7.06
C LYS A 14 0.35 -14.26 6.74
N ILE A 15 0.15 -15.46 6.22
CA ILE A 15 -1.19 -15.93 5.87
C ILE A 15 -2.00 -16.28 7.12
N ASN A 16 -2.85 -15.36 7.54
CA ASN A 16 -3.67 -15.58 8.72
C ASN A 16 -5.07 -16.08 8.32
N PRO A 17 -5.65 -16.97 9.14
CA PRO A 17 -6.98 -17.53 8.86
C PRO A 17 -8.06 -16.45 8.67
N LYS A 18 -7.78 -15.25 9.15
CA LYS A 18 -8.74 -14.16 9.03
C LYS A 18 -8.33 -13.21 7.89
N TYR A 19 -7.04 -13.11 7.63
CA TYR A 19 -6.54 -12.26 6.56
C TYR A 19 -5.04 -12.48 6.31
N VAL A 20 -4.57 -12.05 5.15
CA VAL A 20 -3.17 -12.19 4.78
C VAL A 20 -2.42 -10.89 4.97
N LEU A 21 -1.42 -10.89 5.86
CA LEU A 21 -0.63 -9.70 6.13
C LEU A 21 0.58 -9.62 5.20
N TYR A 22 1.12 -8.41 5.06
CA TYR A 22 2.29 -8.20 4.20
C TYR A 22 3.36 -7.39 4.92
N GLY A 23 4.56 -7.95 5.02
CA GLY A 23 5.65 -7.28 5.69
C GLY A 23 6.44 -6.39 4.75
N VAL A 24 6.25 -5.08 4.88
CA VAL A 24 6.96 -4.12 4.04
C VAL A 24 8.31 -3.76 4.64
N SER A 25 9.38 -4.12 3.93
CA SER A 25 10.73 -3.83 4.40
C SER A 25 11.22 -2.49 3.88
N THR A 26 11.52 -1.58 4.81
CA THR A 26 12.01 -0.25 4.46
C THR A 26 12.88 0.31 5.60
N PRO A 27 13.49 1.49 5.41
CA PRO A 27 14.33 2.11 6.44
C PRO A 27 13.63 2.17 7.79
N ASN A 28 12.30 2.21 7.76
CA ASN A 28 11.49 2.26 8.98
C ASN A 28 11.38 0.88 9.63
N LYS A 29 11.83 -0.15 8.90
CA LYS A 29 11.80 -1.54 9.36
C LYS A 29 10.61 -2.27 8.74
N ARG A 30 10.30 -3.46 9.24
CA ARG A 30 9.19 -4.24 8.72
C ARG A 30 7.85 -3.75 9.27
N LEU A 31 6.91 -3.50 8.37
CA LEU A 31 5.59 -3.03 8.75
C LEU A 31 4.50 -3.90 8.13
N TYR A 32 3.74 -4.59 8.98
CA TYR A 32 2.67 -5.46 8.51
C TYR A 32 1.38 -4.67 8.28
N LYS A 33 0.80 -4.84 7.11
CA LYS A 33 -0.44 -4.15 6.77
C LYS A 33 -1.38 -5.07 5.98
N ARG A 34 -2.58 -4.59 5.72
CA ARG A 34 -3.57 -5.36 4.98
C ARG A 34 -3.80 -4.77 3.59
N TYR A 35 -4.27 -5.61 2.67
CA TYR A 35 -4.55 -5.18 1.30
C TYR A 35 -5.57 -4.04 1.29
N SER A 36 -6.68 -4.25 1.99
CA SER A 36 -7.74 -3.25 2.05
C SER A 36 -7.21 -1.94 2.63
N GLU A 37 -6.20 -2.04 3.48
CA GLU A 37 -5.59 -0.86 4.10
C GLU A 37 -5.00 0.06 3.04
N PHE A 38 -4.28 -0.53 2.09
CA PHE A 38 -3.65 0.25 1.02
C PHE A 38 -4.70 1.02 0.24
N TRP A 39 -5.77 0.33 -0.18
CA TRP A 39 -6.83 0.96 -0.94
C TRP A 39 -7.47 2.10 -0.14
N LYS A 40 -7.56 1.91 1.18
CA LYS A 40 -8.14 2.92 2.05
C LYS A 40 -7.32 4.21 2.02
N LEU A 41 -6.03 4.07 1.73
CA LEU A 41 -5.14 5.23 1.67
C LEU A 41 -5.18 5.89 0.30
N LYS A 42 -5.38 5.09 -0.73
CA LYS A 42 -5.44 5.58 -2.10
C LYS A 42 -6.50 6.67 -2.26
N THR A 43 -7.76 6.25 -2.21
CA THR A 43 -8.88 7.19 -2.36
C THR A 43 -8.77 8.34 -1.36
N ARG A 44 -8.18 8.07 -0.20
CA ARG A 44 -8.02 9.09 0.82
C ARG A 44 -7.21 10.27 0.29
N LEU A 45 -5.96 9.99 -0.07
CA LEU A 45 -5.07 11.03 -0.61
C LEU A 45 -5.79 11.87 -1.66
N GLU A 46 -6.69 11.22 -2.40
CA GLU A 46 -7.45 11.90 -3.44
C GLU A 46 -8.43 12.91 -2.84
N ARG A 47 -9.02 12.54 -1.70
CA ARG A 47 -9.97 13.40 -1.03
C ARG A 47 -9.27 14.32 -0.02
N ASP A 48 -8.08 13.93 0.42
CA ASP A 48 -7.31 14.70 1.37
C ASP A 48 -6.43 15.72 0.66
N VAL A 49 -5.82 15.29 -0.43
CA VAL A 49 -4.95 16.16 -1.22
C VAL A 49 -5.75 16.95 -2.24
N GLY A 50 -6.83 16.36 -2.73
CA GLY A 50 -7.67 17.01 -3.71
C GLY A 50 -7.09 16.93 -5.11
N SER A 51 -6.21 15.96 -5.34
CA SER A 51 -5.59 15.78 -6.64
C SER A 51 -5.69 14.34 -7.10
N THR A 52 -5.63 14.13 -8.41
CA THR A 52 -5.72 12.79 -8.97
C THR A 52 -4.42 12.01 -8.75
N ILE A 53 -4.54 10.82 -8.20
CA ILE A 53 -3.37 9.98 -7.94
C ILE A 53 -2.96 9.21 -9.20
N PRO A 54 -1.67 9.25 -9.56
CA PRO A 54 -1.17 8.55 -10.75
C PRO A 54 -0.76 7.10 -10.46
N TYR A 55 -1.40 6.49 -9.47
CA TYR A 55 -1.10 5.11 -9.11
C TYR A 55 -2.17 4.16 -9.64
N ASP A 56 -1.75 3.03 -10.19
CA ASP A 56 -2.66 2.04 -10.73
C ASP A 56 -3.04 1.00 -9.67
N PHE A 57 -4.30 1.02 -9.24
CA PHE A 57 -4.77 0.08 -8.23
C PHE A 57 -6.13 -0.49 -8.61
N PRO A 58 -6.14 -1.68 -9.24
CA PRO A 58 -7.38 -2.33 -9.66
C PRO A 58 -8.10 -3.05 -8.51
N GLU A 59 -9.31 -2.60 -8.19
CA GLU A 59 -10.08 -3.20 -7.12
C GLU A 59 -10.58 -4.59 -7.52
N LYS A 60 -11.05 -5.35 -6.53
CA LYS A 60 -11.56 -6.69 -6.78
C LYS A 60 -12.85 -6.94 -6.00
N PRO A 61 -14.01 -6.73 -6.66
CA PRO A 61 -15.31 -6.94 -6.01
C PRO A 61 -15.60 -8.41 -5.73
N GLY A 62 -16.19 -8.69 -4.57
CA GLY A 62 -16.51 -10.06 -4.21
C GLY A 62 -17.89 -10.19 -3.62
N VAL A 63 -18.91 -10.07 -4.47
CA VAL A 63 -20.29 -10.18 -4.03
C VAL A 63 -20.80 -11.62 -4.18
N LEU A 64 -21.16 -11.99 -5.40
CA LEU A 64 -21.66 -13.34 -5.67
C LEU A 64 -20.58 -14.19 -6.34
N ASP A 65 -19.44 -14.32 -5.67
CA ASP A 65 -18.34 -15.12 -6.19
C ASP A 65 -18.70 -16.59 -6.21
N ARG A 66 -18.81 -17.16 -7.41
CA ARG A 66 -19.16 -18.57 -7.57
C ARG A 66 -18.24 -19.24 -8.58
N ARG A 67 -18.29 -18.75 -9.81
CA ARG A 67 -17.47 -19.30 -10.89
C ARG A 67 -16.05 -18.75 -10.84
N TRP A 68 -15.93 -17.46 -10.51
CA TRP A 68 -14.63 -16.81 -10.43
C TRP A 68 -14.19 -16.67 -8.98
N GLN A 69 -14.61 -17.61 -8.14
CA GLN A 69 -14.25 -17.59 -6.73
C GLN A 69 -12.74 -17.61 -6.54
N ARG A 70 -12.26 -16.90 -5.52
CA ARG A 70 -10.84 -16.83 -5.24
C ARG A 70 -10.58 -16.92 -3.74
N ARG A 71 -9.34 -17.26 -3.38
CA ARG A 71 -8.96 -17.39 -1.97
C ARG A 71 -7.99 -16.27 -1.57
N TYR A 72 -8.20 -15.70 -0.40
CA TYR A 72 -7.35 -14.62 0.10
C TYR A 72 -5.98 -15.16 0.49
N ASP A 73 -5.91 -16.45 0.82
CA ASP A 73 -4.65 -17.08 1.22
C ASP A 73 -4.06 -17.88 0.06
N ASP A 74 -4.34 -17.44 -1.17
CA ASP A 74 -3.82 -18.11 -2.35
C ASP A 74 -2.55 -17.43 -2.86
N PRO A 75 -1.51 -18.22 -3.19
CA PRO A 75 -0.24 -17.67 -3.67
C PRO A 75 -0.39 -16.95 -5.00
N GLU A 76 -1.27 -17.44 -5.85
CA GLU A 76 -1.52 -16.83 -7.16
C GLU A 76 -1.98 -15.39 -7.00
N MET A 77 -2.80 -15.15 -5.98
CA MET A 77 -3.31 -13.81 -5.71
C MET A 77 -2.35 -13.02 -4.82
N ILE A 78 -1.68 -13.75 -3.93
CA ILE A 78 -0.72 -13.12 -3.02
C ILE A 78 0.54 -12.69 -3.76
N ASP A 79 0.97 -13.50 -4.72
CA ASP A 79 2.16 -13.20 -5.51
C ASP A 79 2.07 -11.79 -6.11
N GLU A 80 0.99 -11.52 -6.81
CA GLU A 80 0.79 -10.22 -7.44
C GLU A 80 0.67 -9.12 -6.38
N ARG A 81 -0.07 -9.42 -5.31
CA ARG A 81 -0.24 -8.46 -4.23
C ARG A 81 1.10 -8.06 -3.63
N ARG A 82 2.12 -8.90 -3.83
CA ARG A 82 3.45 -8.63 -3.31
C ARG A 82 4.08 -7.43 -4.00
N ILE A 83 3.72 -7.22 -5.27
CA ILE A 83 4.26 -6.09 -6.02
C ILE A 83 3.20 -5.03 -6.26
N GLY A 84 3.64 -3.82 -6.60
CA GLY A 84 2.72 -2.73 -6.86
C GLY A 84 2.54 -1.84 -5.64
N LEU A 85 2.66 -2.42 -4.46
CA LEU A 85 2.51 -1.67 -3.22
C LEU A 85 3.78 -0.88 -2.91
N GLU A 86 4.93 -1.54 -3.04
CA GLU A 86 6.21 -0.89 -2.77
C GLU A 86 6.40 0.34 -3.66
N ARG A 87 6.04 0.21 -4.93
CA ARG A 87 6.16 1.30 -5.88
C ARG A 87 5.19 2.43 -5.53
N PHE A 88 4.03 2.05 -5.02
CA PHE A 88 3.02 3.04 -4.64
C PHE A 88 3.57 4.02 -3.62
N LEU A 89 4.41 3.54 -2.72
CA LEU A 89 5.02 4.38 -1.70
C LEU A 89 6.30 5.04 -2.20
N ASN A 90 7.06 4.31 -3.01
CA ASN A 90 8.31 4.83 -3.56
C ASN A 90 8.12 6.19 -4.21
N GLU A 91 7.27 6.24 -5.23
CA GLU A 91 6.99 7.48 -5.94
C GLU A 91 6.33 8.51 -5.04
N LEU A 92 5.69 8.04 -3.97
CA LEU A 92 5.00 8.93 -3.04
C LEU A 92 5.99 9.55 -2.05
N TYR A 93 6.65 8.71 -1.27
CA TYR A 93 7.61 9.18 -0.27
C TYR A 93 8.81 9.82 -0.94
N ASN A 94 9.09 9.44 -2.18
CA ASN A 94 10.22 10.00 -2.91
C ASN A 94 9.79 11.26 -3.66
N ASP A 95 9.25 12.22 -2.92
CA ASP A 95 8.80 13.48 -3.50
C ASP A 95 9.95 14.22 -4.17
N ARG A 96 9.63 14.99 -5.20
CA ARG A 96 10.63 15.77 -5.92
C ARG A 96 10.40 17.26 -5.72
N PHE A 97 9.28 17.75 -6.22
CA PHE A 97 8.93 19.16 -6.10
C PHE A 97 7.69 19.36 -5.23
N ASP A 98 6.83 18.34 -5.19
CA ASP A 98 5.61 18.40 -4.40
C ASP A 98 5.48 17.16 -3.50
N SER A 99 5.51 17.39 -2.19
CA SER A 99 5.39 16.30 -1.23
C SER A 99 3.98 16.19 -0.69
N ARG A 100 3.03 16.76 -1.42
CA ARG A 100 1.62 16.73 -1.02
C ARG A 100 1.17 15.31 -0.67
N TRP A 101 1.58 14.36 -1.50
CA TRP A 101 1.21 12.96 -1.30
C TRP A 101 1.93 12.34 -0.11
N ARG A 102 3.15 12.78 0.17
CA ARG A 102 3.91 12.23 1.29
C ARG A 102 3.83 13.13 2.51
N ASP A 103 3.06 14.21 2.41
CA ASP A 103 2.90 15.15 3.52
C ASP A 103 1.58 14.88 4.26
N THR A 104 0.61 14.32 3.53
CA THR A 104 -0.69 14.02 4.12
C THR A 104 -0.55 13.24 5.42
N LYS A 105 -1.42 13.53 6.38
CA LYS A 105 -1.39 12.86 7.67
C LYS A 105 -1.63 11.37 7.51
N ILE A 106 -2.38 11.00 6.48
CA ILE A 106 -2.69 9.60 6.21
C ILE A 106 -1.44 8.85 5.76
N ALA A 107 -0.62 9.50 4.95
CA ALA A 107 0.62 8.88 4.45
C ALA A 107 1.62 8.69 5.59
N GLN A 108 1.75 9.72 6.43
CA GLN A 108 2.68 9.66 7.56
C GLN A 108 2.21 8.64 8.59
N ASP A 109 0.90 8.48 8.71
CA ASP A 109 0.32 7.54 9.67
C ASP A 109 0.32 6.12 9.11
N PHE A 110 0.42 6.00 7.79
CA PHE A 110 0.43 4.70 7.12
C PHE A 110 1.48 3.77 7.74
N LEU A 111 2.68 4.29 7.96
CA LEU A 111 3.76 3.52 8.53
C LEU A 111 4.07 3.96 9.96
N GLN A 112 3.06 4.51 10.64
CA GLN A 112 3.23 4.98 12.01
C GLN A 112 4.35 6.02 12.11
N LEU A 113 4.42 6.89 11.11
CA LEU A 113 5.44 7.93 11.06
C LEU A 113 4.92 9.22 11.68
N SER A 114 4.19 9.11 12.78
CA SER A 114 3.64 10.27 13.46
C SER A 114 4.64 10.85 14.45
N LYS A 115 4.18 11.79 15.27
CA LYS A 115 5.03 12.42 16.27
C LYS A 115 4.47 12.20 17.68
N PRO A 116 4.88 11.11 18.34
CA PRO A 116 4.43 10.79 19.70
C PRO A 116 4.97 11.77 20.73
N ASN A 117 4.06 12.41 21.45
CA ASN A 117 4.44 13.38 22.49
C ASN A 117 5.24 14.53 21.87
N LYS A 1 16.53 9.05 -19.13
CA LYS A 1 16.54 10.02 -18.00
C LYS A 1 16.79 9.32 -16.68
N MET A 2 17.14 10.10 -15.66
CA MET A 2 17.42 9.55 -14.33
C MET A 2 16.15 9.53 -13.49
N SER A 3 15.89 8.39 -12.85
CA SER A 3 14.72 8.24 -12.01
C SER A 3 15.11 7.84 -10.59
N GLU A 4 14.53 8.52 -9.60
CA GLU A 4 14.82 8.23 -8.20
C GLU A 4 13.81 7.24 -7.63
N LYS A 5 14.28 6.37 -6.74
CA LYS A 5 13.42 5.37 -6.11
C LYS A 5 13.79 5.17 -4.64
N LEU A 6 12.77 5.06 -3.80
CA LEU A 6 12.99 4.86 -2.36
C LEU A 6 13.29 3.39 -2.07
N ARG A 7 14.17 3.16 -1.10
CA ARG A 7 14.53 1.80 -0.72
C ARG A 7 13.34 1.06 -0.12
N ILE A 8 12.72 0.20 -0.91
CA ILE A 8 11.57 -0.57 -0.47
C ILE A 8 11.65 -2.00 -0.97
N LYS A 9 11.84 -2.94 -0.07
CA LYS A 9 11.93 -4.35 -0.43
C LYS A 9 10.88 -5.18 0.33
N VAL A 10 9.89 -5.67 -0.40
CA VAL A 10 8.83 -6.48 0.20
C VAL A 10 8.98 -7.94 -0.17
N ASP A 11 9.46 -8.74 0.78
CA ASP A 11 9.65 -10.18 0.55
C ASP A 11 9.12 -10.99 1.72
N ASP A 12 8.13 -10.44 2.42
CA ASP A 12 7.53 -11.12 3.56
C ASP A 12 6.02 -11.00 3.54
N VAL A 13 5.34 -12.03 4.06
CA VAL A 13 3.88 -12.03 4.09
C VAL A 13 3.37 -12.85 5.27
N LYS A 14 2.63 -12.19 6.17
CA LYS A 14 2.08 -12.85 7.33
C LYS A 14 0.61 -13.22 7.12
N ILE A 15 0.35 -14.51 6.98
CA ILE A 15 -1.00 -15.00 6.77
C ILE A 15 -1.79 -15.01 8.07
N ASN A 16 -2.70 -14.05 8.22
CA ASN A 16 -3.53 -13.97 9.42
C ASN A 16 -4.92 -14.52 9.17
N PRO A 17 -5.51 -15.21 10.17
CA PRO A 17 -6.86 -15.78 10.05
C PRO A 17 -7.89 -14.76 9.60
N LYS A 18 -7.61 -13.49 9.84
CA LYS A 18 -8.51 -12.42 9.46
C LYS A 18 -8.16 -11.86 8.08
N TYR A 19 -6.85 -11.81 7.78
CA TYR A 19 -6.39 -11.32 6.49
C TYR A 19 -4.88 -11.52 6.34
N VAL A 20 -4.41 -11.46 5.10
CA VAL A 20 -2.99 -11.65 4.81
C VAL A 20 -2.25 -10.31 4.80
N LEU A 21 -1.23 -10.20 5.65
CA LEU A 21 -0.44 -8.98 5.73
C LEU A 21 0.84 -9.10 4.91
N TYR A 22 1.42 -7.96 4.57
CA TYR A 22 2.65 -7.94 3.78
C TYR A 22 3.78 -7.27 4.54
N GLY A 23 4.95 -7.91 4.57
CA GLY A 23 6.09 -7.35 5.26
C GLY A 23 6.88 -6.40 4.37
N VAL A 24 6.51 -5.13 4.41
CA VAL A 24 7.19 -4.12 3.61
C VAL A 24 8.41 -3.56 4.33
N SER A 25 9.59 -3.83 3.76
CA SER A 25 10.84 -3.35 4.34
C SER A 25 11.18 -1.95 3.85
N THR A 26 11.57 -1.08 4.77
CA THR A 26 11.93 0.29 4.43
C THR A 26 12.89 0.89 5.46
N PRO A 27 13.57 1.99 5.11
CA PRO A 27 14.52 2.65 6.02
C PRO A 27 13.95 2.82 7.43
N ASN A 28 12.63 2.93 7.52
CA ASN A 28 11.95 3.09 8.80
C ASN A 28 11.88 1.76 9.53
N LYS A 29 11.77 0.67 8.76
CA LYS A 29 11.68 -0.70 9.27
C LYS A 29 10.61 -1.49 8.51
N ARG A 30 10.38 -2.73 8.94
CA ARG A 30 9.38 -3.57 8.30
C ARG A 30 7.98 -3.22 8.81
N LEU A 31 7.05 -3.04 7.88
CA LEU A 31 5.68 -2.71 8.22
C LEU A 31 4.70 -3.73 7.65
N TYR A 32 3.76 -4.18 8.47
CA TYR A 32 2.77 -5.15 8.05
C TYR A 32 1.47 -4.48 7.63
N LYS A 33 1.12 -4.62 6.36
CA LYS A 33 -0.09 -4.02 5.83
C LYS A 33 -0.79 -4.97 4.86
N ARG A 34 -1.98 -4.59 4.40
CA ARG A 34 -2.74 -5.41 3.47
C ARG A 34 -3.00 -4.67 2.17
N TYR A 35 -3.25 -5.42 1.10
CA TYR A 35 -3.52 -4.84 -0.21
C TYR A 35 -4.70 -3.87 -0.13
N SER A 36 -5.82 -4.35 0.38
CA SER A 36 -7.01 -3.52 0.52
C SER A 36 -6.69 -2.28 1.35
N GLU A 37 -5.66 -2.37 2.19
CA GLU A 37 -5.25 -1.25 3.03
C GLU A 37 -4.66 -0.14 2.17
N PHE A 38 -3.90 -0.53 1.15
CA PHE A 38 -3.28 0.43 0.24
C PHE A 38 -4.35 1.30 -0.41
N TRP A 39 -5.31 0.65 -1.06
CA TRP A 39 -6.39 1.37 -1.72
C TRP A 39 -7.16 2.17 -0.67
N LYS A 40 -7.23 1.65 0.54
CA LYS A 40 -7.93 2.32 1.63
C LYS A 40 -7.32 3.70 1.88
N LEU A 41 -6.02 3.83 1.59
CA LEU A 41 -5.32 5.10 1.77
C LEU A 41 -5.39 5.94 0.51
N LYS A 42 -5.44 5.27 -0.64
CA LYS A 42 -5.50 5.94 -1.93
C LYS A 42 -6.66 6.94 -1.99
N THR A 43 -7.88 6.42 -2.05
CA THR A 43 -9.09 7.24 -2.13
C THR A 43 -9.03 8.39 -1.11
N ARG A 44 -8.34 8.17 0.01
CA ARG A 44 -8.21 9.20 1.02
C ARG A 44 -7.36 10.35 0.50
N LEU A 45 -6.13 10.03 0.10
CA LEU A 45 -5.21 11.02 -0.44
C LEU A 45 -5.89 11.84 -1.53
N GLU A 46 -6.82 11.23 -2.25
CA GLU A 46 -7.55 11.92 -3.31
C GLU A 46 -8.41 13.05 -2.75
N ARG A 47 -9.14 12.75 -1.68
CA ARG A 47 -10.00 13.74 -1.05
C ARG A 47 -9.23 14.59 -0.04
N ASP A 48 -8.09 14.08 0.42
CA ASP A 48 -7.25 14.79 1.38
C ASP A 48 -6.27 15.71 0.68
N VAL A 49 -5.69 15.22 -0.41
CA VAL A 49 -4.73 15.99 -1.19
C VAL A 49 -5.43 16.84 -2.24
N GLY A 50 -6.53 16.32 -2.76
CA GLY A 50 -7.28 17.03 -3.78
C GLY A 50 -6.72 16.83 -5.17
N SER A 51 -5.93 15.77 -5.34
CA SER A 51 -5.32 15.46 -6.63
C SER A 51 -5.52 13.99 -6.98
N THR A 52 -5.42 13.68 -8.27
CA THR A 52 -5.59 12.31 -8.73
C THR A 52 -4.31 11.51 -8.53
N ILE A 53 -4.39 10.45 -7.74
CA ILE A 53 -3.24 9.60 -7.47
C ILE A 53 -2.76 8.89 -8.74
N PRO A 54 -1.44 8.91 -9.02
CA PRO A 54 -0.87 8.28 -10.20
C PRO A 54 -0.51 6.81 -9.98
N TYR A 55 -1.30 6.12 -9.17
CA TYR A 55 -1.06 4.71 -8.88
C TYR A 55 -2.22 3.85 -9.39
N ASP A 56 -1.89 2.68 -9.91
CA ASP A 56 -2.90 1.77 -10.43
C ASP A 56 -3.35 0.78 -9.36
N PHE A 57 -4.67 0.60 -9.25
CA PHE A 57 -5.24 -0.32 -8.27
C PHE A 57 -6.56 -0.89 -8.76
N PRO A 58 -6.70 -2.23 -8.79
CA PRO A 58 -7.94 -2.89 -9.24
C PRO A 58 -9.10 -2.61 -8.31
N GLU A 59 -10.05 -1.79 -8.78
CA GLU A 59 -11.22 -1.45 -7.98
C GLU A 59 -12.29 -2.53 -8.09
N LYS A 60 -12.76 -3.00 -6.94
CA LYS A 60 -13.79 -4.03 -6.91
C LYS A 60 -14.79 -3.77 -5.79
N PRO A 61 -16.09 -3.95 -6.06
CA PRO A 61 -17.14 -3.73 -5.06
C PRO A 61 -16.90 -4.52 -3.78
N GLY A 62 -17.39 -4.00 -2.66
CA GLY A 62 -17.22 -4.66 -1.39
C GLY A 62 -18.50 -4.69 -0.57
N VAL A 63 -19.49 -5.43 -1.04
CA VAL A 63 -20.77 -5.52 -0.34
C VAL A 63 -21.03 -6.96 0.11
N LEU A 64 -21.48 -7.80 -0.80
CA LEU A 64 -21.76 -9.19 -0.49
C LEU A 64 -21.40 -10.11 -1.66
N ASP A 65 -20.28 -9.81 -2.30
CA ASP A 65 -19.83 -10.61 -3.43
C ASP A 65 -19.43 -12.02 -3.00
N ARG A 66 -20.09 -13.02 -3.57
CA ARG A 66 -19.81 -14.41 -3.23
C ARG A 66 -19.28 -15.17 -4.43
N ARG A 67 -19.86 -14.90 -5.60
CA ARG A 67 -19.44 -15.55 -6.83
C ARG A 67 -18.17 -14.92 -7.38
N TRP A 68 -17.96 -13.64 -7.06
CA TRP A 68 -16.78 -12.93 -7.51
C TRP A 68 -15.81 -12.69 -6.37
N GLN A 69 -15.79 -13.62 -5.41
CA GLN A 69 -14.90 -13.50 -4.26
C GLN A 69 -13.72 -14.46 -4.39
N ARG A 70 -12.61 -14.10 -3.76
CA ARG A 70 -11.40 -14.91 -3.81
C ARG A 70 -10.86 -15.18 -2.41
N ARG A 71 -10.08 -16.23 -2.27
CA ARG A 71 -9.50 -16.59 -0.98
C ARG A 71 -8.40 -15.60 -0.59
N TYR A 72 -8.64 -14.85 0.48
CA TYR A 72 -7.66 -13.87 0.95
C TYR A 72 -6.31 -14.51 1.24
N ASP A 73 -6.35 -15.80 1.57
CA ASP A 73 -5.11 -16.53 1.88
C ASP A 73 -4.69 -17.40 0.69
N ASP A 74 -5.04 -16.97 -0.51
CA ASP A 74 -4.69 -17.71 -1.72
C ASP A 74 -3.37 -17.18 -2.30
N PRO A 75 -2.34 -18.04 -2.40
CA PRO A 75 -1.04 -17.64 -2.94
C PRO A 75 -1.13 -17.14 -4.38
N GLU A 76 -2.23 -17.47 -5.05
CA GLU A 76 -2.43 -17.06 -6.44
C GLU A 76 -2.61 -15.54 -6.52
N MET A 77 -3.49 -15.01 -5.68
CA MET A 77 -3.75 -13.57 -5.65
C MET A 77 -2.72 -12.85 -4.80
N ILE A 78 -2.18 -13.55 -3.81
CA ILE A 78 -1.17 -12.98 -2.93
C ILE A 78 0.10 -12.66 -3.70
N ASP A 79 0.47 -13.54 -4.62
CA ASP A 79 1.67 -13.36 -5.42
C ASP A 79 1.67 -11.98 -6.10
N GLU A 80 0.65 -11.72 -6.90
CA GLU A 80 0.54 -10.44 -7.60
C GLU A 80 0.40 -9.29 -6.60
N ARG A 81 -0.40 -9.50 -5.57
CA ARG A 81 -0.61 -8.48 -4.55
C ARG A 81 0.72 -7.99 -3.98
N ARG A 82 1.74 -8.85 -4.08
CA ARG A 82 3.07 -8.51 -3.59
C ARG A 82 3.63 -7.32 -4.33
N ILE A 83 3.73 -7.44 -5.65
CA ILE A 83 4.26 -6.35 -6.48
C ILE A 83 3.23 -5.24 -6.64
N GLY A 84 3.72 -4.03 -6.87
CA GLY A 84 2.84 -2.88 -7.04
C GLY A 84 2.73 -2.05 -5.78
N LEU A 85 2.89 -2.69 -4.63
CA LEU A 85 2.81 -2.00 -3.35
C LEU A 85 4.05 -1.13 -3.12
N GLU A 86 5.22 -1.72 -3.28
CA GLU A 86 6.47 -1.00 -3.10
C GLU A 86 6.56 0.21 -4.02
N ARG A 87 6.12 0.02 -5.27
CA ARG A 87 6.14 1.11 -6.25
C ARG A 87 5.22 2.24 -5.82
N PHE A 88 4.14 1.89 -5.12
CA PHE A 88 3.17 2.88 -4.65
C PHE A 88 3.81 3.82 -3.64
N LEU A 89 4.70 3.28 -2.80
CA LEU A 89 5.38 4.07 -1.79
C LEU A 89 6.66 4.69 -2.34
N ASN A 90 7.25 4.02 -3.33
CA ASN A 90 8.49 4.51 -3.94
C ASN A 90 8.30 5.91 -4.52
N GLU A 91 7.39 6.04 -5.48
CA GLU A 91 7.12 7.31 -6.13
C GLU A 91 6.44 8.29 -5.18
N LEU A 92 5.94 7.79 -4.06
CA LEU A 92 5.26 8.63 -3.07
C LEU A 92 6.23 9.16 -2.02
N TYR A 93 6.86 8.24 -1.29
CA TYR A 93 7.80 8.60 -0.25
C TYR A 93 9.01 9.35 -0.83
N ASN A 94 9.41 8.96 -2.03
CA ASN A 94 10.56 9.59 -2.70
C ASN A 94 10.13 10.83 -3.47
N ASP A 95 9.51 11.77 -2.76
CA ASP A 95 9.05 13.01 -3.37
C ASP A 95 9.71 14.23 -2.71
N ARG A 96 10.21 15.15 -3.54
CA ARG A 96 10.86 16.35 -3.03
C ARG A 96 10.08 17.60 -3.42
N PHE A 97 9.66 17.66 -4.68
CA PHE A 97 8.91 18.81 -5.18
C PHE A 97 7.49 18.81 -4.59
N ASP A 98 6.79 17.70 -4.75
CA ASP A 98 5.44 17.58 -4.23
C ASP A 98 5.31 16.37 -3.31
N SER A 99 5.21 16.64 -2.01
CA SER A 99 5.09 15.57 -1.02
C SER A 99 3.73 15.62 -0.33
N ARG A 100 2.73 16.13 -1.04
CA ARG A 100 1.39 16.23 -0.48
C ARG A 100 0.83 14.84 -0.21
N TRP A 101 1.28 13.86 -0.98
CA TRP A 101 0.82 12.48 -0.84
C TRP A 101 1.39 11.85 0.44
N ARG A 102 2.62 12.21 0.78
CA ARG A 102 3.26 11.68 1.97
C ARG A 102 3.04 12.58 3.18
N ASP A 103 2.88 13.88 2.91
CA ASP A 103 2.65 14.85 3.96
C ASP A 103 1.31 14.60 4.66
N THR A 104 0.36 14.06 3.91
CA THR A 104 -0.97 13.78 4.44
C THR A 104 -0.88 12.92 5.71
N LYS A 105 -1.74 13.23 6.68
CA LYS A 105 -1.75 12.49 7.93
C LYS A 105 -2.08 11.02 7.68
N ILE A 106 -2.94 10.77 6.69
CA ILE A 106 -3.33 9.42 6.35
C ILE A 106 -2.13 8.59 5.91
N ALA A 107 -1.21 9.23 5.19
CA ALA A 107 -0.01 8.57 4.70
C ALA A 107 0.90 8.17 5.85
N GLN A 108 0.99 9.04 6.86
CA GLN A 108 1.83 8.78 8.02
C GLN A 108 1.29 7.60 8.83
N ASP A 109 -0.04 7.53 8.97
CA ASP A 109 -0.67 6.46 9.71
C ASP A 109 -0.61 5.14 8.94
N PHE A 110 -0.41 5.22 7.63
CA PHE A 110 -0.34 4.05 6.78
C PHE A 110 0.67 3.04 7.32
N LEU A 111 1.86 3.51 7.66
CA LEU A 111 2.91 2.64 8.20
C LEU A 111 3.11 2.85 9.68
N GLN A 112 2.06 3.31 10.37
CA GLN A 112 2.12 3.54 11.81
C GLN A 112 3.27 4.49 12.15
N LEU A 113 3.38 5.58 11.38
CA LEU A 113 4.43 6.56 11.60
C LEU A 113 3.95 7.67 12.55
N SER A 114 3.18 7.29 13.56
CA SER A 114 2.67 8.24 14.53
C SER A 114 3.11 7.87 15.94
N LYS A 115 3.98 8.69 16.53
CA LYS A 115 4.48 8.45 17.87
C LYS A 115 3.37 8.59 18.90
N PRO A 116 3.28 7.64 19.86
CA PRO A 116 2.26 7.67 20.90
C PRO A 116 2.57 8.69 21.99
N ASN A 117 1.53 9.25 22.60
CA ASN A 117 1.70 10.23 23.66
C ASN A 117 1.93 9.54 25.00
N LYS A 1 22.53 1.87 -12.23
CA LYS A 1 22.15 3.26 -12.56
C LYS A 1 21.40 3.91 -11.40
N MET A 2 21.88 5.07 -10.97
CA MET A 2 21.26 5.80 -9.87
C MET A 2 19.93 6.41 -10.30
N SER A 3 18.90 6.21 -9.48
CA SER A 3 17.58 6.74 -9.78
C SER A 3 16.87 7.21 -8.51
N GLU A 4 15.98 8.19 -8.66
CA GLU A 4 15.24 8.72 -7.52
C GLU A 4 14.14 7.76 -7.10
N LYS A 5 14.44 6.91 -6.11
CA LYS A 5 13.49 5.94 -5.61
C LYS A 5 13.79 5.57 -4.16
N LEU A 6 12.74 5.30 -3.39
CA LEU A 6 12.90 4.94 -1.99
C LEU A 6 13.16 3.45 -1.84
N ARG A 7 14.00 3.08 -0.88
CA ARG A 7 14.32 1.68 -0.64
C ARG A 7 13.10 0.92 -0.11
N ILE A 8 12.45 0.18 -0.99
CA ILE A 8 11.26 -0.59 -0.62
C ILE A 8 11.33 -2.00 -1.20
N LYS A 9 11.47 -2.99 -0.31
CA LYS A 9 11.53 -4.38 -0.73
C LYS A 9 10.63 -5.25 0.14
N VAL A 10 9.66 -5.90 -0.50
CA VAL A 10 8.72 -6.76 0.22
C VAL A 10 9.04 -8.23 -0.01
N ASP A 11 9.38 -8.93 1.07
CA ASP A 11 9.70 -10.34 0.99
C ASP A 11 9.11 -11.11 2.18
N ASP A 12 8.01 -10.59 2.72
CA ASP A 12 7.36 -11.23 3.86
C ASP A 12 5.84 -11.16 3.71
N VAL A 13 5.17 -12.26 4.04
CA VAL A 13 3.73 -12.34 3.94
C VAL A 13 3.15 -13.30 4.97
N LYS A 14 2.50 -12.75 5.99
CA LYS A 14 1.90 -13.56 7.04
C LYS A 14 0.39 -13.72 6.82
N ILE A 15 -0.01 -14.91 6.37
CA ILE A 15 -1.42 -15.18 6.12
C ILE A 15 -2.19 -15.34 7.42
N ASN A 16 -2.85 -14.26 7.84
CA ASN A 16 -3.63 -14.27 9.06
C ASN A 16 -5.05 -14.79 8.79
N PRO A 17 -5.61 -15.61 9.70
CA PRO A 17 -6.95 -16.16 9.55
C PRO A 17 -7.99 -15.09 9.21
N LYS A 18 -7.69 -13.84 9.58
CA LYS A 18 -8.59 -12.74 9.32
C LYS A 18 -8.27 -12.08 7.97
N TYR A 19 -6.98 -11.87 7.72
CA TYR A 19 -6.53 -11.25 6.47
C TYR A 19 -5.07 -11.57 6.19
N VAL A 20 -4.67 -11.40 4.93
CA VAL A 20 -3.29 -11.67 4.53
C VAL A 20 -2.43 -10.42 4.71
N LEU A 21 -1.45 -10.50 5.60
CA LEU A 21 -0.57 -9.38 5.87
C LEU A 21 0.67 -9.42 4.96
N TYR A 22 1.32 -8.28 4.80
CA TYR A 22 2.51 -8.18 3.97
C TYR A 22 3.62 -7.42 4.69
N GLY A 23 4.79 -8.04 4.77
CA GLY A 23 5.92 -7.40 5.44
C GLY A 23 6.71 -6.50 4.51
N VAL A 24 6.35 -5.22 4.46
CA VAL A 24 7.04 -4.26 3.61
C VAL A 24 8.25 -3.66 4.32
N SER A 25 9.43 -3.89 3.76
CA SER A 25 10.66 -3.38 4.33
C SER A 25 10.97 -1.98 3.80
N THR A 26 11.40 -1.09 4.69
CA THR A 26 11.73 0.28 4.31
C THR A 26 12.71 0.90 5.31
N PRO A 27 13.31 2.05 4.97
CA PRO A 27 14.27 2.73 5.85
C PRO A 27 13.73 2.87 7.28
N ASN A 28 12.42 2.95 7.40
CA ASN A 28 11.78 3.08 8.70
C ASN A 28 11.80 1.74 9.44
N LYS A 29 11.76 0.65 8.65
CA LYS A 29 11.77 -0.73 9.16
C LYS A 29 10.70 -1.56 8.46
N ARG A 30 10.59 -2.83 8.83
CA ARG A 30 9.61 -3.72 8.24
C ARG A 30 8.25 -3.53 8.90
N LEU A 31 7.24 -3.24 8.08
CA LEU A 31 5.88 -3.03 8.58
C LEU A 31 4.91 -4.01 7.96
N TYR A 32 3.97 -4.50 8.77
CA TYR A 32 2.98 -5.46 8.30
C TYR A 32 1.60 -4.81 8.16
N LYS A 33 1.13 -4.69 6.93
CA LYS A 33 -0.17 -4.09 6.66
C LYS A 33 -1.00 -4.98 5.74
N ARG A 34 -2.26 -4.58 5.51
CA ARG A 34 -3.15 -5.35 4.64
C ARG A 34 -3.56 -4.53 3.43
N TYR A 35 -3.98 -5.23 2.37
CA TYR A 35 -4.40 -4.57 1.14
C TYR A 35 -5.53 -3.57 1.41
N SER A 36 -6.45 -3.94 2.29
CA SER A 36 -7.57 -3.08 2.63
C SER A 36 -7.08 -1.70 3.10
N GLU A 37 -5.88 -1.66 3.65
CA GLU A 37 -5.31 -0.41 4.12
C GLU A 37 -4.76 0.42 2.97
N PHE A 38 -4.09 -0.25 2.04
CA PHE A 38 -3.52 0.44 0.88
C PHE A 38 -4.60 1.16 0.09
N TRP A 39 -5.62 0.42 -0.34
CA TRP A 39 -6.72 0.99 -1.11
C TRP A 39 -7.40 2.10 -0.31
N LYS A 40 -7.45 1.92 1.01
CA LYS A 40 -8.09 2.90 1.89
C LYS A 40 -7.29 4.20 1.92
N LEU A 41 -6.01 4.12 1.57
CA LEU A 41 -5.14 5.29 1.57
C LEU A 41 -5.18 6.00 0.22
N LYS A 42 -5.26 5.23 -0.85
CA LYS A 42 -5.30 5.77 -2.21
C LYS A 42 -6.40 6.82 -2.35
N THR A 43 -7.65 6.36 -2.36
CA THR A 43 -8.79 7.26 -2.51
C THR A 43 -8.77 8.38 -1.48
N ARG A 44 -8.16 8.10 -0.32
CA ARG A 44 -8.07 9.10 0.74
C ARG A 44 -7.27 10.30 0.26
N LEU A 45 -5.99 10.07 -0.04
CA LEU A 45 -5.10 11.13 -0.52
C LEU A 45 -5.75 11.93 -1.64
N GLU A 46 -6.55 11.25 -2.45
CA GLU A 46 -7.23 11.90 -3.57
C GLU A 46 -8.13 13.03 -3.09
N ARG A 47 -8.88 12.78 -2.02
CA ARG A 47 -9.77 13.79 -1.46
C ARG A 47 -9.08 14.64 -0.41
N ASP A 48 -8.02 14.10 0.17
CA ASP A 48 -7.26 14.81 1.21
C ASP A 48 -6.29 15.79 0.56
N VAL A 49 -5.58 15.32 -0.45
CA VAL A 49 -4.61 16.15 -1.17
C VAL A 49 -5.31 16.98 -2.24
N GLY A 50 -6.37 16.43 -2.80
CA GLY A 50 -7.11 17.12 -3.84
C GLY A 50 -6.50 16.93 -5.22
N SER A 51 -5.67 15.89 -5.35
CA SER A 51 -5.02 15.59 -6.62
C SER A 51 -5.26 14.14 -7.02
N THR A 52 -4.96 13.82 -8.27
CA THR A 52 -5.14 12.46 -8.77
C THR A 52 -3.88 11.63 -8.59
N ILE A 53 -4.01 10.49 -7.90
CA ILE A 53 -2.88 9.61 -7.66
C ILE A 53 -2.51 8.83 -8.92
N PRO A 54 -1.21 8.80 -9.30
CA PRO A 54 -0.75 8.09 -10.49
C PRO A 54 -0.65 6.58 -10.28
N TYR A 55 -1.70 5.99 -9.71
CA TYR A 55 -1.72 4.55 -9.48
C TYR A 55 -3.12 3.98 -9.67
N ASP A 56 -3.18 2.75 -10.19
CA ASP A 56 -4.45 2.09 -10.42
C ASP A 56 -4.35 0.60 -10.12
N PHE A 57 -5.12 0.14 -9.14
CA PHE A 57 -5.11 -1.27 -8.77
C PHE A 57 -6.47 -1.70 -8.20
N PRO A 58 -7.32 -2.32 -9.05
CA PRO A 58 -8.65 -2.77 -8.64
C PRO A 58 -8.58 -3.96 -7.68
N GLU A 59 -8.99 -3.73 -6.44
CA GLU A 59 -8.96 -4.79 -5.42
C GLU A 59 -10.18 -5.69 -5.56
N LYS A 60 -10.28 -6.67 -4.66
CA LYS A 60 -11.40 -7.61 -4.69
C LYS A 60 -12.14 -7.62 -3.34
N PRO A 61 -13.31 -6.98 -3.27
CA PRO A 61 -14.10 -6.94 -2.03
C PRO A 61 -14.66 -8.30 -1.64
N GLY A 62 -14.75 -8.54 -0.33
CA GLY A 62 -15.26 -9.81 0.15
C GLY A 62 -16.33 -9.63 1.21
N VAL A 63 -17.53 -9.26 0.77
CA VAL A 63 -18.65 -9.05 1.68
C VAL A 63 -19.58 -10.28 1.69
N LEU A 64 -20.43 -10.37 0.68
CA LEU A 64 -21.37 -11.50 0.58
C LEU A 64 -21.41 -12.03 -0.84
N ASP A 65 -20.25 -12.10 -1.49
CA ASP A 65 -20.15 -12.61 -2.86
C ASP A 65 -19.92 -14.12 -2.87
N ARG A 66 -20.88 -14.85 -3.44
CA ARG A 66 -20.77 -16.30 -3.51
C ARG A 66 -20.25 -16.74 -4.89
N ARG A 67 -20.63 -15.99 -5.92
CA ARG A 67 -20.20 -16.29 -7.29
C ARG A 67 -18.76 -15.85 -7.52
N TRP A 68 -18.34 -14.81 -6.79
CA TRP A 68 -16.98 -14.29 -6.92
C TRP A 68 -16.09 -14.84 -5.81
N GLN A 69 -16.39 -16.04 -5.34
CA GLN A 69 -15.62 -16.67 -4.28
C GLN A 69 -14.17 -16.84 -4.70
N ARG A 70 -13.25 -16.59 -3.77
CA ARG A 70 -11.82 -16.71 -4.05
C ARG A 70 -11.06 -17.07 -2.77
N ARG A 71 -9.79 -17.45 -2.93
CA ARG A 71 -8.96 -17.81 -1.79
C ARG A 71 -8.00 -16.68 -1.45
N TYR A 72 -8.23 -16.03 -0.32
CA TYR A 72 -7.38 -14.93 0.12
C TYR A 72 -5.97 -15.41 0.43
N ASP A 73 -5.82 -16.71 0.67
CA ASP A 73 -4.51 -17.28 0.98
C ASP A 73 -3.95 -18.07 -0.20
N ASP A 74 -4.38 -17.72 -1.40
CA ASP A 74 -3.91 -18.40 -2.61
C ASP A 74 -2.63 -17.75 -3.13
N PRO A 75 -1.51 -18.50 -3.21
CA PRO A 75 -0.24 -17.98 -3.70
C PRO A 75 -0.37 -17.26 -5.03
N GLU A 76 -1.32 -17.74 -5.85
CA GLU A 76 -1.55 -17.14 -7.16
C GLU A 76 -1.93 -15.66 -7.02
N MET A 77 -2.87 -15.39 -6.12
CA MET A 77 -3.31 -14.02 -5.89
C MET A 77 -2.29 -13.25 -5.05
N ILE A 78 -1.79 -13.90 -4.00
CA ILE A 78 -0.80 -13.29 -3.13
C ILE A 78 0.47 -12.94 -3.90
N ASP A 79 0.84 -13.80 -4.85
CA ASP A 79 2.03 -13.58 -5.65
C ASP A 79 2.01 -12.18 -6.29
N GLU A 80 0.93 -11.89 -7.01
CA GLU A 80 0.80 -10.59 -7.67
C GLU A 80 0.58 -9.48 -6.65
N ARG A 81 -0.33 -9.72 -5.70
CA ARG A 81 -0.62 -8.74 -4.66
C ARG A 81 0.66 -8.31 -3.96
N ARG A 82 1.68 -9.18 -3.98
CA ARG A 82 2.95 -8.90 -3.36
C ARG A 82 3.60 -7.65 -3.95
N ILE A 83 3.61 -7.56 -5.27
CA ILE A 83 4.20 -6.41 -5.96
C ILE A 83 3.15 -5.35 -6.26
N GLY A 84 3.60 -4.18 -6.67
CA GLY A 84 2.70 -3.09 -6.97
C GLY A 84 2.51 -2.14 -5.81
N LEU A 85 2.55 -2.68 -4.60
CA LEU A 85 2.39 -1.87 -3.39
C LEU A 85 3.67 -1.12 -3.07
N GLU A 86 4.80 -1.83 -3.07
CA GLU A 86 6.09 -1.22 -2.78
C GLU A 86 6.39 -0.07 -3.73
N ARG A 87 5.94 -0.21 -4.97
CA ARG A 87 6.15 0.82 -5.98
C ARG A 87 5.24 2.01 -5.75
N PHE A 88 4.04 1.74 -5.22
CA PHE A 88 3.07 2.79 -4.94
C PHE A 88 3.62 3.78 -3.91
N LEU A 89 4.47 3.29 -3.01
CA LEU A 89 5.05 4.14 -1.98
C LEU A 89 6.33 4.81 -2.47
N ASN A 90 7.08 4.10 -3.32
CA ASN A 90 8.34 4.60 -3.85
C ASN A 90 8.16 6.00 -4.45
N GLU A 91 7.31 6.12 -5.46
CA GLU A 91 7.08 7.41 -6.12
C GLU A 91 6.40 8.40 -5.17
N LEU A 92 5.85 7.89 -4.07
CA LEU A 92 5.17 8.73 -3.09
C LEU A 92 6.15 9.36 -2.11
N TYR A 93 6.89 8.52 -1.40
CA TYR A 93 7.85 8.98 -0.42
C TYR A 93 9.06 9.66 -1.06
N ASN A 94 9.22 9.48 -2.38
CA ASN A 94 10.35 10.08 -3.09
C ASN A 94 9.95 11.41 -3.73
N ASP A 95 9.23 12.23 -2.98
CA ASP A 95 8.78 13.54 -3.48
C ASP A 95 9.60 14.67 -2.88
N ARG A 96 10.24 15.44 -3.75
CA ARG A 96 11.07 16.57 -3.31
C ARG A 96 10.40 17.90 -3.65
N PHE A 97 9.67 17.92 -4.76
CA PHE A 97 8.97 19.13 -5.19
C PHE A 97 7.58 19.19 -4.59
N ASP A 98 6.87 18.08 -4.64
CA ASP A 98 5.52 17.98 -4.09
C ASP A 98 5.34 16.68 -3.33
N SER A 99 5.35 16.78 -2.01
CA SER A 99 5.19 15.60 -1.16
C SER A 99 3.86 15.64 -0.43
N ARG A 100 2.86 16.27 -1.05
CA ARG A 100 1.53 16.36 -0.45
C ARG A 100 0.98 14.97 -0.15
N TRP A 101 1.36 14.01 -0.98
CA TRP A 101 0.90 12.63 -0.81
C TRP A 101 1.37 12.05 0.52
N ARG A 102 2.69 12.11 0.75
CA ARG A 102 3.26 11.58 1.98
C ARG A 102 3.12 12.58 3.12
N ASP A 103 3.02 13.86 2.78
CA ASP A 103 2.89 14.90 3.79
C ASP A 103 1.57 14.77 4.54
N THR A 104 0.54 14.29 3.85
CA THR A 104 -0.78 14.12 4.44
C THR A 104 -0.68 13.34 5.76
N LYS A 105 -1.70 13.52 6.61
CA LYS A 105 -1.74 12.84 7.89
C LYS A 105 -2.02 11.35 7.71
N ILE A 106 -2.79 11.03 6.67
CA ILE A 106 -3.14 9.64 6.38
C ILE A 106 -1.90 8.84 6.00
N ALA A 107 -1.00 9.48 5.25
CA ALA A 107 0.23 8.83 4.81
C ALA A 107 1.16 8.58 5.99
N GLN A 108 1.23 9.55 6.90
CA GLN A 108 2.09 9.43 8.07
C GLN A 108 1.59 8.33 9.01
N ASP A 109 0.27 8.15 9.03
CA ASP A 109 -0.34 7.12 9.88
C ASP A 109 -0.33 5.76 9.20
N PHE A 110 -0.21 5.76 7.87
CA PHE A 110 -0.17 4.53 7.10
C PHE A 110 0.85 3.55 7.66
N LEU A 111 2.05 4.04 7.92
CA LEU A 111 3.12 3.20 8.46
C LEU A 111 3.39 3.52 9.93
N GLN A 112 2.38 4.06 10.61
CA GLN A 112 2.50 4.39 12.02
C GLN A 112 3.69 5.33 12.25
N LEU A 113 3.81 6.34 11.38
CA LEU A 113 4.89 7.31 11.49
C LEU A 113 4.47 8.52 12.32
N SER A 114 3.71 8.26 13.39
CA SER A 114 3.24 9.32 14.26
C SER A 114 2.98 8.79 15.66
N LYS A 115 2.40 9.64 16.52
CA LYS A 115 2.10 9.25 17.89
C LYS A 115 0.59 9.19 18.12
N PRO A 116 -0.02 8.00 17.90
CA PRO A 116 -1.46 7.81 18.08
C PRO A 116 -1.94 8.31 19.45
N ASN A 117 -2.93 9.21 19.43
CA ASN A 117 -3.47 9.75 20.66
C ASN A 117 -4.97 9.46 20.77
N LYS A 1 22.56 9.71 -15.84
CA LYS A 1 21.18 10.22 -15.73
C LYS A 1 20.67 10.12 -14.30
N MET A 2 19.55 10.80 -14.02
CA MET A 2 18.96 10.78 -12.69
C MET A 2 18.03 9.58 -12.52
N SER A 3 17.89 9.11 -11.29
CA SER A 3 17.03 7.96 -11.01
C SER A 3 16.34 8.13 -9.65
N GLU A 4 15.02 8.27 -9.69
CA GLU A 4 14.24 8.44 -8.46
C GLU A 4 13.56 7.13 -8.07
N LYS A 5 14.08 6.47 -7.05
CA LYS A 5 13.52 5.21 -6.58
C LYS A 5 13.89 4.96 -5.12
N LEU A 6 12.87 4.82 -4.28
CA LEU A 6 13.09 4.57 -2.86
C LEU A 6 13.32 3.09 -2.60
N ARG A 7 14.18 2.78 -1.63
CA ARG A 7 14.49 1.40 -1.29
C ARG A 7 13.32 0.73 -0.58
N ILE A 8 12.56 -0.06 -1.33
CA ILE A 8 11.41 -0.76 -0.79
C ILE A 8 11.35 -2.18 -1.33
N LYS A 9 11.16 -3.16 -0.44
CA LYS A 9 11.08 -4.56 -0.83
C LYS A 9 10.11 -5.33 0.07
N VAL A 10 9.32 -6.20 -0.54
CA VAL A 10 8.36 -7.00 0.21
C VAL A 10 8.61 -8.49 0.03
N ASP A 11 8.98 -9.16 1.11
CA ASP A 11 9.26 -10.59 1.08
C ASP A 11 8.72 -11.28 2.33
N ASP A 12 7.66 -10.72 2.90
CA ASP A 12 7.04 -11.28 4.09
C ASP A 12 5.52 -11.29 3.97
N VAL A 13 4.91 -12.42 4.33
CA VAL A 13 3.46 -12.55 4.25
C VAL A 13 2.95 -13.51 5.33
N LYS A 14 2.24 -12.96 6.31
CA LYS A 14 1.69 -13.76 7.40
C LYS A 14 0.22 -14.09 7.13
N ILE A 15 -0.03 -15.32 6.68
CA ILE A 15 -1.39 -15.76 6.39
C ILE A 15 -2.17 -16.00 7.67
N ASN A 16 -2.96 -15.01 8.07
CA ASN A 16 -3.77 -15.13 9.28
C ASN A 16 -5.17 -15.62 8.95
N PRO A 17 -5.76 -16.48 9.81
CA PRO A 17 -7.11 -17.01 9.60
C PRO A 17 -8.14 -15.91 9.39
N LYS A 18 -7.84 -14.71 9.87
CA LYS A 18 -8.76 -13.58 9.74
C LYS A 18 -8.41 -12.73 8.52
N TYR A 19 -7.11 -12.57 8.26
CA TYR A 19 -6.66 -11.77 7.12
C TYR A 19 -5.20 -12.05 6.81
N VAL A 20 -4.79 -11.68 5.59
CA VAL A 20 -3.41 -11.89 5.16
C VAL A 20 -2.64 -10.57 5.17
N LEU A 21 -1.62 -10.49 6.01
CA LEU A 21 -0.80 -9.29 6.12
C LEU A 21 0.41 -9.37 5.20
N TYR A 22 0.98 -8.21 4.88
CA TYR A 22 2.15 -8.15 4.01
C TYR A 22 3.29 -7.39 4.69
N GLY A 23 4.44 -8.03 4.79
CA GLY A 23 5.59 -7.41 5.41
C GLY A 23 6.39 -6.57 4.44
N VAL A 24 6.15 -5.27 4.42
CA VAL A 24 6.84 -4.36 3.51
C VAL A 24 8.13 -3.87 4.15
N SER A 25 9.27 -4.27 3.57
CA SER A 25 10.58 -3.87 4.07
C SER A 25 10.99 -2.51 3.51
N THR A 26 11.42 -1.62 4.39
CA THR A 26 11.84 -0.29 3.98
C THR A 26 12.91 0.26 4.93
N PRO A 27 13.64 1.31 4.51
CA PRO A 27 14.70 1.92 5.32
C PRO A 27 14.25 2.14 6.76
N ASN A 28 12.95 2.35 6.95
CA ASN A 28 12.40 2.57 8.28
C ASN A 28 12.28 1.26 9.04
N LYS A 29 11.99 0.18 8.29
CA LYS A 29 11.84 -1.18 8.83
C LYS A 29 10.68 -1.90 8.16
N ARG A 30 10.47 -3.15 8.54
CA ARG A 30 9.39 -3.96 7.97
C ARG A 30 8.06 -3.63 8.64
N LEU A 31 7.02 -3.43 7.83
CA LEU A 31 5.70 -3.11 8.35
C LEU A 31 4.65 -4.05 7.78
N TYR A 32 3.68 -4.42 8.61
CA TYR A 32 2.61 -5.32 8.19
C TYR A 32 1.29 -4.58 8.06
N LYS A 33 0.75 -4.55 6.85
CA LYS A 33 -0.51 -3.86 6.59
C LYS A 33 -1.44 -4.74 5.77
N ARG A 34 -2.67 -4.28 5.56
CA ARG A 34 -3.66 -5.03 4.79
C ARG A 34 -3.81 -4.47 3.38
N TYR A 35 -4.14 -5.33 2.43
CA TYR A 35 -4.31 -4.92 1.05
C TYR A 35 -5.39 -3.85 0.92
N SER A 36 -6.51 -4.08 1.58
CA SER A 36 -7.62 -3.13 1.55
C SER A 36 -7.20 -1.78 2.09
N GLU A 37 -6.25 -1.79 3.03
CA GLU A 37 -5.75 -0.56 3.62
C GLU A 37 -5.08 0.32 2.57
N PHE A 38 -4.30 -0.31 1.69
CA PHE A 38 -3.61 0.42 0.63
C PHE A 38 -4.60 1.17 -0.25
N TRP A 39 -5.58 0.44 -0.78
CA TRP A 39 -6.59 1.06 -1.64
C TRP A 39 -7.32 2.18 -0.90
N LYS A 40 -7.56 1.96 0.39
CA LYS A 40 -8.24 2.96 1.21
C LYS A 40 -7.44 4.26 1.24
N LEU A 41 -6.13 4.15 1.38
CA LEU A 41 -5.25 5.31 1.42
C LEU A 41 -5.25 6.03 0.07
N LYS A 42 -5.36 5.27 -1.00
CA LYS A 42 -5.36 5.83 -2.35
C LYS A 42 -6.45 6.89 -2.51
N THR A 43 -7.70 6.45 -2.57
CA THR A 43 -8.83 7.36 -2.72
C THR A 43 -8.84 8.44 -1.64
N ARG A 44 -8.26 8.12 -0.48
CA ARG A 44 -8.20 9.08 0.61
C ARG A 44 -7.40 10.31 0.21
N LEU A 45 -6.11 10.12 -0.07
CA LEU A 45 -5.23 11.21 -0.48
C LEU A 45 -5.89 12.06 -1.55
N GLU A 46 -6.69 11.43 -2.40
CA GLU A 46 -7.38 12.15 -3.47
C GLU A 46 -8.35 13.19 -2.90
N ARG A 47 -9.07 12.79 -1.85
CA ARG A 47 -10.03 13.70 -1.21
C ARG A 47 -9.38 14.50 -0.09
N ASP A 48 -8.21 14.04 0.36
CA ASP A 48 -7.49 14.72 1.43
C ASP A 48 -6.57 15.79 0.87
N VAL A 49 -5.94 15.48 -0.26
CA VAL A 49 -5.04 16.42 -0.92
C VAL A 49 -5.78 17.30 -1.91
N GLY A 50 -6.83 16.74 -2.51
CA GLY A 50 -7.61 17.49 -3.47
C GLY A 50 -7.09 17.35 -4.89
N SER A 51 -5.95 16.68 -5.04
CA SER A 51 -5.35 16.48 -6.36
C SER A 51 -5.63 15.08 -6.88
N THR A 52 -5.17 14.80 -8.09
CA THR A 52 -5.36 13.48 -8.70
C THR A 52 -4.12 12.62 -8.54
N ILE A 53 -4.32 11.38 -8.11
CA ILE A 53 -3.21 10.45 -7.90
C ILE A 53 -2.94 9.64 -9.17
N PRO A 54 -1.70 9.69 -9.68
CA PRO A 54 -1.31 8.97 -10.90
C PRO A 54 -0.84 7.55 -10.63
N TYR A 55 -1.49 6.87 -9.67
CA TYR A 55 -1.13 5.50 -9.33
C TYR A 55 -2.25 4.54 -9.71
N ASP A 56 -1.86 3.35 -10.18
CA ASP A 56 -2.83 2.34 -10.57
C ASP A 56 -3.08 1.35 -9.43
N PHE A 57 -4.33 0.93 -9.28
CA PHE A 57 -4.71 -0.02 -8.23
C PHE A 57 -5.90 -0.86 -8.66
N PRO A 58 -5.66 -2.13 -9.04
CA PRO A 58 -6.73 -3.04 -9.48
C PRO A 58 -7.63 -3.47 -8.31
N GLU A 59 -8.91 -3.11 -8.40
CA GLU A 59 -9.87 -3.45 -7.36
C GLU A 59 -10.63 -4.73 -7.72
N LYS A 60 -11.45 -5.21 -6.79
CA LYS A 60 -12.23 -6.42 -7.02
C LYS A 60 -13.63 -6.27 -6.41
N PRO A 61 -14.60 -5.77 -7.21
CA PRO A 61 -15.98 -5.59 -6.74
C PRO A 61 -16.55 -6.85 -6.12
N GLY A 62 -17.49 -6.69 -5.20
CA GLY A 62 -18.11 -7.82 -4.55
C GLY A 62 -19.61 -7.68 -4.41
N VAL A 63 -20.33 -7.82 -5.53
CA VAL A 63 -21.77 -7.70 -5.53
C VAL A 63 -22.44 -9.04 -5.21
N LEU A 64 -22.51 -9.91 -6.21
CA LEU A 64 -23.11 -11.23 -6.02
C LEU A 64 -22.43 -12.28 -6.89
N ASP A 65 -21.10 -12.31 -6.81
CA ASP A 65 -20.32 -13.27 -7.58
C ASP A 65 -19.66 -14.31 -6.68
N ARG A 66 -20.29 -15.47 -6.58
CA ARG A 66 -19.77 -16.55 -5.74
C ARG A 66 -18.59 -17.24 -6.41
N ARG A 67 -18.61 -17.28 -7.73
CA ARG A 67 -17.54 -17.91 -8.50
C ARG A 67 -16.25 -17.08 -8.43
N TRP A 68 -16.42 -15.77 -8.32
CA TRP A 68 -15.28 -14.87 -8.25
C TRP A 68 -14.49 -15.08 -6.95
N GLN A 69 -15.10 -15.77 -5.99
CA GLN A 69 -14.45 -16.03 -4.71
C GLN A 69 -13.12 -16.75 -4.91
N ARG A 70 -12.11 -16.32 -4.15
CA ARG A 70 -10.78 -16.92 -4.24
C ARG A 70 -10.22 -17.19 -2.85
N ARG A 71 -9.10 -17.91 -2.81
CA ARG A 71 -8.46 -18.23 -1.53
C ARG A 71 -7.54 -17.10 -1.07
N TYR A 72 -7.95 -16.40 -0.03
CA TYR A 72 -7.17 -15.30 0.50
C TYR A 72 -5.78 -15.76 0.94
N ASP A 73 -5.67 -17.04 1.29
CA ASP A 73 -4.40 -17.62 1.72
C ASP A 73 -3.70 -18.34 0.58
N ASP A 74 -4.03 -17.96 -0.65
CA ASP A 74 -3.43 -18.58 -1.83
C ASP A 74 -2.14 -17.85 -2.22
N PRO A 75 -1.01 -18.58 -2.27
CA PRO A 75 0.29 -17.99 -2.64
C PRO A 75 0.31 -17.48 -4.07
N GLU A 76 -0.36 -18.20 -4.96
CA GLU A 76 -0.42 -17.82 -6.36
C GLU A 76 -1.04 -16.44 -6.52
N MET A 77 -2.00 -16.12 -5.66
CA MET A 77 -2.67 -14.82 -5.69
C MET A 77 -1.89 -13.80 -4.86
N ILE A 78 -1.42 -14.24 -3.71
CA ILE A 78 -0.65 -13.36 -2.81
C ILE A 78 0.63 -12.90 -3.48
N ASP A 79 1.18 -13.73 -4.36
CA ASP A 79 2.41 -13.39 -5.07
C ASP A 79 2.29 -12.05 -5.78
N GLU A 80 1.27 -11.93 -6.63
CA GLU A 80 1.04 -10.70 -7.38
C GLU A 80 0.72 -9.55 -6.42
N ARG A 81 -0.23 -9.78 -5.52
CA ARG A 81 -0.63 -8.77 -4.54
C ARG A 81 0.59 -8.25 -3.79
N ARG A 82 1.63 -9.07 -3.70
CA ARG A 82 2.86 -8.69 -3.01
C ARG A 82 3.52 -7.50 -3.70
N ILE A 83 3.72 -7.61 -5.01
CA ILE A 83 4.34 -6.54 -5.77
C ILE A 83 3.32 -5.47 -6.17
N GLY A 84 3.80 -4.30 -6.55
CA GLY A 84 2.92 -3.22 -6.94
C GLY A 84 2.71 -2.22 -5.82
N LEU A 85 2.64 -2.72 -4.59
CA LEU A 85 2.44 -1.87 -3.43
C LEU A 85 3.68 -0.99 -3.20
N GLU A 86 4.84 -1.62 -3.13
CA GLU A 86 6.09 -0.90 -2.92
C GLU A 86 6.30 0.14 -4.00
N ARG A 87 5.78 -0.13 -5.19
CA ARG A 87 5.91 0.78 -6.31
C ARG A 87 5.13 2.06 -6.05
N PHE A 88 3.99 1.92 -5.39
CA PHE A 88 3.14 3.07 -5.06
C PHE A 88 3.83 3.97 -4.05
N LEU A 89 4.67 3.38 -3.20
CA LEU A 89 5.39 4.12 -2.18
C LEU A 89 6.67 4.72 -2.74
N ASN A 90 7.28 4.01 -3.68
CA ASN A 90 8.53 4.47 -4.30
C ASN A 90 8.37 5.87 -4.88
N GLU A 91 7.36 6.05 -5.72
CA GLU A 91 7.10 7.33 -6.36
C GLU A 91 6.55 8.35 -5.35
N LEU A 92 5.92 7.87 -4.29
CA LEU A 92 5.36 8.74 -3.27
C LEU A 92 6.41 9.20 -2.28
N TYR A 93 7.02 8.25 -1.58
CA TYR A 93 8.05 8.57 -0.60
C TYR A 93 9.23 9.33 -1.23
N ASN A 94 9.35 9.23 -2.55
CA ASN A 94 10.42 9.91 -3.26
C ASN A 94 9.97 11.28 -3.74
N ASP A 95 9.58 12.14 -2.80
CA ASP A 95 9.13 13.48 -3.13
C ASP A 95 10.31 14.45 -3.24
N ARG A 96 10.14 15.48 -4.06
CA ARG A 96 11.20 16.48 -4.25
C ARG A 96 10.78 17.82 -3.65
N PHE A 97 9.92 18.55 -4.35
CA PHE A 97 9.45 19.85 -3.88
C PHE A 97 8.01 19.77 -3.39
N ASP A 98 7.25 18.84 -3.96
CA ASP A 98 5.85 18.67 -3.59
C ASP A 98 5.63 17.35 -2.85
N SER A 99 5.47 17.44 -1.53
CA SER A 99 5.24 16.26 -0.72
C SER A 99 3.82 16.25 -0.16
N ARG A 100 2.89 16.80 -0.92
CA ARG A 100 1.49 16.84 -0.50
C ARG A 100 0.93 15.44 -0.35
N TRP A 101 1.29 14.55 -1.29
CA TRP A 101 0.81 13.18 -1.27
C TRP A 101 1.29 12.43 -0.04
N ARG A 102 2.40 12.88 0.56
CA ARG A 102 2.93 12.23 1.75
C ARG A 102 2.71 13.08 2.99
N ASP A 103 2.52 14.38 2.79
CA ASP A 103 2.27 15.30 3.90
C ASP A 103 0.96 14.96 4.61
N THR A 104 0.03 14.39 3.86
CA THR A 104 -1.28 14.01 4.41
C THR A 104 -1.12 13.19 5.68
N LYS A 105 -2.03 13.40 6.63
CA LYS A 105 -2.01 12.67 7.89
C LYS A 105 -2.20 11.18 7.65
N ILE A 106 -2.92 10.84 6.58
CA ILE A 106 -3.18 9.45 6.24
C ILE A 106 -1.90 8.75 5.79
N ALA A 107 -1.07 9.47 5.05
CA ALA A 107 0.19 8.93 4.56
C ALA A 107 1.17 8.68 5.71
N GLN A 108 1.20 9.61 6.67
CA GLN A 108 2.08 9.50 7.81
C GLN A 108 1.65 8.36 8.72
N ASP A 109 0.34 8.15 8.84
CA ASP A 109 -0.21 7.10 9.68
C ASP A 109 -0.18 5.75 8.96
N PHE A 110 0.01 5.79 7.64
CA PHE A 110 0.05 4.58 6.84
C PHE A 110 1.08 3.58 7.37
N LEU A 111 2.28 4.07 7.64
CA LEU A 111 3.36 3.22 8.16
C LEU A 111 3.67 3.54 9.62
N GLN A 112 2.71 4.15 10.31
CA GLN A 112 2.90 4.51 11.71
C GLN A 112 4.09 5.43 11.87
N LEU A 113 4.12 6.49 11.06
CA LEU A 113 5.22 7.46 11.10
C LEU A 113 4.91 8.59 12.07
N SER A 114 4.26 8.25 13.19
CA SER A 114 3.91 9.24 14.20
C SER A 114 4.95 9.26 15.32
N LYS A 115 4.89 10.28 16.16
CA LYS A 115 5.84 10.41 17.27
C LYS A 115 5.09 10.61 18.59
N PRO A 116 4.93 9.54 19.39
CA PRO A 116 4.24 9.61 20.68
C PRO A 116 4.77 10.74 21.56
N ASN A 117 3.88 11.62 21.98
CA ASN A 117 4.26 12.75 22.82
C ASN A 117 4.39 12.31 24.28
N LYS A 1 18.12 10.82 -19.11
CA LYS A 1 17.07 10.89 -18.05
C LYS A 1 17.30 9.82 -16.98
N MET A 2 17.23 10.23 -15.72
CA MET A 2 17.42 9.31 -14.60
C MET A 2 16.13 9.14 -13.81
N SER A 3 15.94 7.94 -13.27
CA SER A 3 14.74 7.65 -12.48
C SER A 3 15.11 7.25 -11.05
N GLU A 4 14.62 8.03 -10.08
CA GLU A 4 14.91 7.77 -8.68
C GLU A 4 13.78 6.95 -8.05
N LYS A 5 14.09 6.30 -6.94
CA LYS A 5 13.11 5.48 -6.24
C LYS A 5 13.48 5.33 -4.76
N LEU A 6 12.47 5.26 -3.91
CA LEU A 6 12.68 5.12 -2.48
C LEU A 6 13.06 3.69 -2.12
N ARG A 7 13.94 3.53 -1.14
CA ARG A 7 14.38 2.21 -0.71
C ARG A 7 13.24 1.45 -0.03
N ILE A 8 12.59 0.60 -0.79
CA ILE A 8 11.48 -0.20 -0.28
C ILE A 8 11.53 -1.61 -0.85
N LYS A 9 11.35 -2.61 0.02
CA LYS A 9 11.38 -4.00 -0.42
C LYS A 9 10.35 -4.83 0.36
N VAL A 10 9.48 -5.52 -0.37
CA VAL A 10 8.46 -6.36 0.25
C VAL A 10 8.60 -7.81 -0.17
N ASP A 11 9.21 -8.62 0.69
CA ASP A 11 9.41 -10.03 0.41
C ASP A 11 8.92 -10.89 1.56
N ASP A 12 7.92 -10.39 2.28
CA ASP A 12 7.36 -11.12 3.42
C ASP A 12 5.84 -11.08 3.39
N VAL A 13 5.21 -12.18 3.79
CA VAL A 13 3.76 -12.27 3.81
C VAL A 13 3.28 -13.23 4.89
N LYS A 14 2.69 -12.68 5.95
CA LYS A 14 2.19 -13.49 7.05
C LYS A 14 0.70 -13.77 6.87
N ILE A 15 0.37 -14.99 6.44
CA ILE A 15 -1.00 -15.39 6.22
C ILE A 15 -1.72 -15.62 7.55
N ASN A 16 -2.58 -14.68 7.93
CA ASN A 16 -3.33 -14.78 9.17
C ASN A 16 -4.67 -15.48 8.94
N PRO A 17 -5.16 -16.23 9.94
CA PRO A 17 -6.42 -16.96 9.84
C PRO A 17 -7.60 -16.05 9.53
N LYS A 18 -7.43 -14.74 9.75
CA LYS A 18 -8.50 -13.78 9.50
C LYS A 18 -8.18 -12.89 8.29
N TYR A 19 -6.91 -12.84 7.90
CA TYR A 19 -6.50 -12.02 6.76
C TYR A 19 -5.03 -12.24 6.41
N VAL A 20 -4.66 -11.85 5.20
CA VAL A 20 -3.28 -12.01 4.74
C VAL A 20 -2.51 -10.70 4.89
N LEU A 21 -1.44 -10.74 5.68
CA LEU A 21 -0.61 -9.56 5.90
C LEU A 21 0.62 -9.56 4.99
N TYR A 22 1.19 -8.38 4.79
CA TYR A 22 2.37 -8.24 3.95
C TYR A 22 3.49 -7.53 4.70
N GLY A 23 4.69 -8.09 4.66
CA GLY A 23 5.82 -7.49 5.34
C GLY A 23 6.58 -6.52 4.46
N VAL A 24 6.30 -5.23 4.62
CA VAL A 24 6.96 -4.19 3.84
C VAL A 24 8.26 -3.74 4.49
N SER A 25 9.38 -4.07 3.85
CA SER A 25 10.69 -3.70 4.37
C SER A 25 11.09 -2.31 3.89
N THR A 26 11.52 -1.46 4.82
CA THR A 26 11.92 -0.10 4.49
C THR A 26 13.01 0.40 5.42
N PRO A 27 13.71 1.48 5.04
CA PRO A 27 14.77 2.06 5.85
C PRO A 27 14.42 2.11 7.33
N ASN A 28 13.13 2.25 7.62
CA ASN A 28 12.66 2.29 8.99
C ASN A 28 12.63 0.88 9.58
N LYS A 29 11.92 -0.02 8.90
CA LYS A 29 11.81 -1.42 9.33
C LYS A 29 10.70 -2.13 8.58
N ARG A 30 10.49 -3.41 8.92
CA ARG A 30 9.46 -4.22 8.28
C ARG A 30 8.10 -3.93 8.89
N LEU A 31 7.14 -3.56 8.06
CA LEU A 31 5.78 -3.28 8.52
C LEU A 31 4.80 -4.31 8.00
N TYR A 32 3.72 -4.54 8.75
CA TYR A 32 2.71 -5.51 8.36
C TYR A 32 1.34 -4.85 8.23
N LYS A 33 0.82 -4.81 7.01
CA LYS A 33 -0.49 -4.21 6.75
C LYS A 33 -1.30 -5.09 5.79
N ARG A 34 -2.55 -4.71 5.56
CA ARG A 34 -3.43 -5.47 4.67
C ARG A 34 -3.65 -4.72 3.36
N TYR A 35 -3.91 -5.48 2.30
CA TYR A 35 -4.15 -4.91 0.98
C TYR A 35 -5.27 -3.87 1.03
N SER A 36 -6.34 -4.19 1.75
CA SER A 36 -7.47 -3.28 1.88
C SER A 36 -7.02 -1.94 2.46
N GLU A 37 -5.95 -1.96 3.26
CA GLU A 37 -5.42 -0.75 3.86
C GLU A 37 -4.79 0.15 2.81
N PHE A 38 -4.05 -0.45 1.88
CA PHE A 38 -3.39 0.30 0.82
C PHE A 38 -4.42 1.05 -0.02
N TRP A 39 -5.39 0.31 -0.56
CA TRP A 39 -6.43 0.92 -1.39
C TRP A 39 -7.15 2.01 -0.61
N LYS A 40 -7.28 1.80 0.71
CA LYS A 40 -7.95 2.76 1.56
C LYS A 40 -7.24 4.11 1.53
N LEU A 41 -5.91 4.07 1.65
CA LEU A 41 -5.12 5.30 1.63
C LEU A 41 -5.21 6.01 0.28
N LYS A 42 -5.39 5.23 -0.78
CA LYS A 42 -5.49 5.76 -2.13
C LYS A 42 -6.55 6.84 -2.23
N THR A 43 -7.82 6.43 -2.18
CA THR A 43 -8.95 7.37 -2.28
C THR A 43 -8.79 8.56 -1.34
N ARG A 44 -8.24 8.33 -0.17
CA ARG A 44 -8.05 9.41 0.80
C ARG A 44 -7.14 10.48 0.22
N LEU A 45 -5.91 10.08 -0.10
CA LEU A 45 -4.93 11.00 -0.67
C LEU A 45 -5.54 11.82 -1.81
N GLU A 46 -6.51 11.23 -2.49
CA GLU A 46 -7.16 11.91 -3.62
C GLU A 46 -8.04 13.07 -3.13
N ARG A 47 -8.94 12.77 -2.20
CA ARG A 47 -9.84 13.78 -1.66
C ARG A 47 -9.15 14.66 -0.62
N ASP A 48 -8.11 14.11 0.01
CA ASP A 48 -7.35 14.83 1.03
C ASP A 48 -6.41 15.84 0.38
N VAL A 49 -5.75 15.39 -0.69
CA VAL A 49 -4.81 16.24 -1.41
C VAL A 49 -5.54 17.06 -2.47
N GLY A 50 -6.63 16.49 -2.97
CA GLY A 50 -7.41 17.16 -4.00
C GLY A 50 -6.93 16.83 -5.41
N SER A 51 -5.78 16.17 -5.51
CA SER A 51 -5.22 15.80 -6.80
C SER A 51 -5.40 14.31 -7.05
N THR A 52 -5.28 13.91 -8.32
CA THR A 52 -5.42 12.51 -8.69
C THR A 52 -4.15 11.74 -8.37
N ILE A 53 -4.28 10.42 -8.23
CA ILE A 53 -3.13 9.58 -7.94
C ILE A 53 -2.70 8.78 -9.17
N PRO A 54 -1.39 8.76 -9.50
CA PRO A 54 -0.87 8.05 -10.66
C PRO A 54 -0.68 6.56 -10.40
N TYR A 55 -1.32 6.03 -9.35
CA TYR A 55 -1.21 4.62 -9.02
C TYR A 55 -2.41 3.83 -9.53
N ASP A 56 -2.15 2.61 -9.97
CA ASP A 56 -3.21 1.75 -10.49
C ASP A 56 -2.99 0.29 -10.09
N PHE A 57 -3.95 -0.27 -9.37
CA PHE A 57 -3.85 -1.67 -8.94
C PHE A 57 -5.23 -2.29 -8.81
N PRO A 58 -5.56 -3.30 -9.65
CA PRO A 58 -6.85 -3.97 -9.62
C PRO A 58 -7.20 -4.53 -8.24
N GLU A 59 -8.30 -4.06 -7.69
CA GLU A 59 -8.74 -4.50 -6.37
C GLU A 59 -9.40 -5.88 -6.46
N LYS A 60 -10.04 -6.29 -5.37
CA LYS A 60 -10.71 -7.60 -5.33
C LYS A 60 -12.09 -7.48 -4.69
N PRO A 61 -13.11 -7.09 -5.49
CA PRO A 61 -14.48 -6.93 -5.01
C PRO A 61 -15.11 -8.28 -4.65
N GLY A 62 -16.05 -8.25 -3.71
CA GLY A 62 -16.72 -9.46 -3.29
C GLY A 62 -16.53 -9.76 -1.83
N VAL A 63 -17.33 -9.12 -0.98
CA VAL A 63 -17.25 -9.32 0.46
C VAL A 63 -17.84 -10.67 0.87
N LEU A 64 -19.17 -10.73 0.93
CA LEU A 64 -19.86 -11.96 1.32
C LEU A 64 -20.34 -12.71 0.08
N ASP A 65 -19.40 -13.36 -0.61
CA ASP A 65 -19.72 -14.13 -1.81
C ASP A 65 -19.35 -15.59 -1.64
N ARG A 66 -20.31 -16.48 -1.88
CA ARG A 66 -20.07 -17.91 -1.74
C ARG A 66 -20.14 -18.60 -3.11
N ARG A 67 -20.91 -18.03 -4.03
CA ARG A 67 -21.05 -18.60 -5.36
C ARG A 67 -19.70 -18.80 -6.03
N TRP A 68 -18.81 -17.82 -5.87
CA TRP A 68 -17.47 -17.89 -6.44
C TRP A 68 -16.40 -17.66 -5.38
N GLN A 69 -16.63 -18.19 -4.19
CA GLN A 69 -15.69 -18.04 -3.08
C GLN A 69 -14.32 -18.60 -3.45
N ARG A 70 -13.28 -18.03 -2.84
CA ARG A 70 -11.92 -18.47 -3.10
C ARG A 70 -11.10 -18.47 -1.81
N ARG A 71 -9.89 -19.02 -1.88
CA ARG A 71 -9.02 -19.07 -0.71
C ARG A 71 -8.24 -17.77 -0.56
N TYR A 72 -8.60 -17.00 0.47
CA TYR A 72 -7.93 -15.73 0.73
C TYR A 72 -6.42 -15.92 0.90
N ASP A 73 -6.02 -17.14 1.25
CA ASP A 73 -4.61 -17.46 1.44
C ASP A 73 -4.03 -18.12 0.20
N ASP A 74 -4.62 -17.85 -0.96
CA ASP A 74 -4.15 -18.43 -2.21
C ASP A 74 -3.00 -17.61 -2.79
N PRO A 75 -1.86 -18.26 -3.08
CA PRO A 75 -0.69 -17.57 -3.64
C PRO A 75 -0.97 -16.90 -4.97
N GLU A 76 -2.06 -17.30 -5.62
CA GLU A 76 -2.44 -16.74 -6.91
C GLU A 76 -2.70 -15.24 -6.80
N MET A 77 -3.50 -14.85 -5.80
CA MET A 77 -3.81 -13.45 -5.59
C MET A 77 -2.70 -12.78 -4.78
N ILE A 78 -2.16 -13.51 -3.82
CA ILE A 78 -1.09 -13.00 -2.98
C ILE A 78 0.13 -12.62 -3.82
N ASP A 79 0.44 -13.44 -4.82
CA ASP A 79 1.57 -13.19 -5.70
C ASP A 79 1.57 -11.76 -6.23
N GLU A 80 0.53 -11.41 -6.98
CA GLU A 80 0.40 -10.08 -7.55
C GLU A 80 0.31 -9.03 -6.46
N ARG A 81 -0.48 -9.32 -5.43
CA ARG A 81 -0.64 -8.40 -4.31
C ARG A 81 0.71 -8.07 -3.67
N ARG A 82 1.69 -8.95 -3.87
CA ARG A 82 3.02 -8.75 -3.31
C ARG A 82 3.70 -7.52 -3.93
N ILE A 83 3.62 -7.40 -5.24
CA ILE A 83 4.23 -6.26 -5.93
C ILE A 83 3.21 -5.16 -6.19
N GLY A 84 3.71 -4.00 -6.60
CA GLY A 84 2.83 -2.87 -6.87
C GLY A 84 2.71 -1.94 -5.67
N LEU A 85 2.77 -2.50 -4.48
CA LEU A 85 2.66 -1.72 -3.25
C LEU A 85 3.92 -0.90 -3.02
N GLU A 86 5.07 -1.52 -3.23
CA GLU A 86 6.36 -0.85 -3.05
C GLU A 86 6.45 0.39 -3.93
N ARG A 87 5.85 0.31 -5.11
CA ARG A 87 5.87 1.43 -6.04
C ARG A 87 4.93 2.54 -5.58
N PHE A 88 3.86 2.15 -4.90
CA PHE A 88 2.88 3.10 -4.40
C PHE A 88 3.53 4.08 -3.41
N LEU A 89 4.43 3.56 -2.58
CA LEU A 89 5.12 4.39 -1.59
C LEU A 89 6.38 5.01 -2.18
N ASN A 90 6.99 4.32 -3.15
CA ASN A 90 8.21 4.80 -3.78
C ASN A 90 8.02 6.18 -4.41
N GLU A 91 7.10 6.28 -5.36
CA GLU A 91 6.83 7.54 -6.05
C GLU A 91 6.13 8.54 -5.11
N LEU A 92 5.63 8.06 -3.99
CA LEU A 92 4.94 8.92 -3.04
C LEU A 92 5.91 9.48 -1.99
N TYR A 93 6.56 8.59 -1.25
CA TYR A 93 7.51 8.99 -0.23
C TYR A 93 8.72 9.69 -0.83
N ASN A 94 9.02 9.39 -2.09
CA ASN A 94 10.15 10.00 -2.77
C ASN A 94 9.72 11.22 -3.58
N ASP A 95 9.20 12.22 -2.88
CA ASP A 95 8.74 13.45 -3.52
C ASP A 95 9.56 14.65 -3.04
N ARG A 96 10.27 15.28 -3.96
CA ARG A 96 11.09 16.45 -3.62
C ARG A 96 10.41 17.75 -4.04
N PHE A 97 9.72 17.71 -5.17
CA PHE A 97 9.01 18.88 -5.69
C PHE A 97 7.70 19.08 -4.95
N ASP A 98 6.91 18.02 -4.87
CA ASP A 98 5.62 18.07 -4.18
C ASP A 98 5.41 16.82 -3.34
N SER A 99 5.51 16.98 -2.02
CA SER A 99 5.34 15.86 -1.10
C SER A 99 3.97 15.91 -0.43
N ARG A 100 3.00 16.54 -1.11
CA ARG A 100 1.65 16.64 -0.56
C ARG A 100 1.06 15.26 -0.32
N TRP A 101 1.53 14.29 -1.10
CA TRP A 101 1.05 12.92 -0.98
C TRP A 101 1.57 12.26 0.29
N ARG A 102 2.87 12.45 0.58
CA ARG A 102 3.47 11.87 1.77
C ARG A 102 3.27 12.77 2.98
N ASP A 103 3.07 14.05 2.74
CA ASP A 103 2.86 15.01 3.82
C ASP A 103 1.50 14.81 4.47
N THR A 104 0.55 14.31 3.70
CA THR A 104 -0.81 14.06 4.20
C THR A 104 -0.78 13.31 5.53
N LYS A 105 -1.72 13.65 6.42
CA LYS A 105 -1.80 13.01 7.72
C LYS A 105 -2.09 11.53 7.57
N ILE A 106 -2.84 11.17 6.54
CA ILE A 106 -3.19 9.77 6.28
C ILE A 106 -1.95 8.96 5.93
N ALA A 107 -1.06 9.57 5.14
CA ALA A 107 0.17 8.90 4.73
C ALA A 107 1.11 8.72 5.92
N GLN A 108 1.11 9.69 6.81
CA GLN A 108 1.97 9.64 8.00
C GLN A 108 1.54 8.52 8.93
N ASP A 109 0.23 8.26 8.97
CA ASP A 109 -0.32 7.22 9.83
C ASP A 109 -0.33 5.87 9.11
N PHE A 110 -0.18 5.91 7.79
CA PHE A 110 -0.18 4.69 6.98
C PHE A 110 0.81 3.67 7.51
N LEU A 111 2.02 4.12 7.81
CA LEU A 111 3.07 3.22 8.31
C LEU A 111 3.34 3.48 9.80
N GLN A 112 2.40 4.10 10.48
CA GLN A 112 2.56 4.41 11.90
C GLN A 112 3.83 5.21 12.14
N LEU A 113 4.00 6.28 11.37
CA LEU A 113 5.17 7.13 11.50
C LEU A 113 4.93 8.27 12.49
N SER A 114 4.20 7.96 13.56
CA SER A 114 3.89 8.94 14.59
C SER A 114 3.18 10.15 14.00
N LYS A 115 3.09 11.22 14.78
CA LYS A 115 2.43 12.44 14.34
C LYS A 115 3.44 13.57 14.16
N PRO A 116 4.12 13.60 12.99
CA PRO A 116 5.11 14.64 12.69
C PRO A 116 4.48 15.92 12.18
N ASN A 117 5.17 17.05 12.39
CA ASN A 117 4.67 18.34 11.93
C ASN A 117 5.22 18.69 10.56
#